data_8RXC
#
_entry.id   8RXC
#
_cell.length_a   1.00
_cell.length_b   1.00
_cell.length_c   1.00
_cell.angle_alpha   90.00
_cell.angle_beta   90.00
_cell.angle_gamma   90.00
#
_symmetry.space_group_name_H-M   'P 1'
#
loop_
_entity.id
_entity.type
_entity.pdbx_description
1 polymer 'DNA repair protein RadA'
2 polymer 'Poly-dT 30 bp'
3 polymer 'Poly-dA (30 bp) Poly-dC (60 bp) Poly-dA (30 bp)'
4 non-polymer 'PHOSPHOTHIOPHOSPHORIC ACID-ADENYLATE ESTER'
5 non-polymer 'MAGNESIUM ION'
#
loop_
_entity_poly.entity_id
_entity_poly.type
_entity_poly.pdbx_seq_one_letter_code
_entity_poly.pdbx_strand_id
1 'polypeptide(L)'
;MASWSHPQFEKSGGGGGLVPRGSKKKATFVCQNCGYNSPKYLGRCPNCGSWSSFVEEVEVAEVKNARVSLTGEKTKPMKL
AEVTSINVNRTKTEMEEFNRVLGGGVVPGSLVLIGGDPGIGKSTLLLQVSTQLSQVGTVLYVSGEESAQQIKLRAERLGD
IDSEFYLYAETNMQSVRAEVERIQPDFLIIDSIQTIMSPEISGVQGSVSQVREVTAELMQLAKTNNIAIFIVGHVTKEGT
LAGPRMLEHMVDTVLYFEGERHHTFRILRAVKNRFGSTNEIGIFEMQSGGLVEVLNPSQVFLEERLDGATGSSIVVTMEG
TRPILAEVQALVTPTMFGNAKRTTTGLDFNRASLIMAVLEKRAGLLLQNQDAYLKSAGGVKLDEPAIDLAVAVAIASSYK
DKPTNPQECFVGELGLTGEIRRVNRIEQRINEAAKLGFTKIYVPKNSLTGITLPKEIQVIGVTTIQEVLKKVF
;
D,C,B,A,F,E
2 'polydeoxyribonucleotide'
;(DT)(DT)(DT)(DT)(DT)(DT)(DT)(DT)(DT)(DT)(DT)(DT)(DT)(DT)(DT)(DT)(DT)(DT)(DT)(DT)
(DT)(DT)(DT)(DT)(DT)(DT)(DT)(DT)(DT)(DT)
;
G
3 'polydeoxyribonucleotide'
;(DA)(DA)(DA)(DA)(DA)(DA)(DA)(DA)(DA)(DA)(DA)(DA)(DA)(DA)(DA)(DA)(DA)(DA)(DA)(DA)
(DA)(DA)(DA)(DA)(DA)(DA)(DA)(DA)(DA)(DA)(DC)(DC)(DC)(DC)(DC)(DC)(DC)(DC)(DC)(DC)
(DC)(DC)(DC)(DC)(DC)(DC)(DC)(DC)(DC)(DC)(DC)(DC)(DC)(DC)(DC)(DC)(DC)(DC)(DC)(DC)
(DC)(DC)(DC)(DC)(DC)(DC)(DC)(DC)(DC)(DC)(DC)(DC)(DC)(DC)(DC)(DC)(DC)(DC)(DC)(DC)
(DC)(DC)(DC)(DC)(DC)(DC)(DC)(DC)(DC)(DC)(DA)(DA)(DA)(DA)(DA)(DA)(DA)(DA)(DA)(DA)
(DA)(DA)(DA)(DA)(DA)(DA)(DA)(DA)(DA)(DA)(DA)(DA)(DA)(DA)(DA)(DA)(DA)(DA)(DA)(DA)
;
H
#
# COMPACT_ATOMS: atom_id res chain seq x y z
N THR A 75 42.62 0.65 39.03
CA THR A 75 42.18 1.00 37.69
C THR A 75 42.82 2.31 37.22
N LYS A 76 41.98 3.27 36.85
CA LYS A 76 42.42 4.57 36.36
C LYS A 76 43.44 4.50 35.22
N PRO A 77 43.12 3.79 34.10
CA PRO A 77 44.02 3.78 32.93
C PRO A 77 44.40 5.15 32.38
N MET A 78 44.39 5.24 31.03
CA MET A 78 44.65 6.42 30.19
C MET A 78 45.94 6.20 29.42
N LYS A 79 45.84 5.90 28.13
CA LYS A 79 47.02 5.55 27.34
C LYS A 79 46.96 6.27 26.00
N LEU A 80 48.14 6.46 25.42
CA LEU A 80 48.30 6.75 24.01
C LEU A 80 48.03 5.50 23.18
N ALA A 81 47.93 5.72 21.86
CA ALA A 81 47.54 4.65 20.94
C ALA A 81 48.59 3.54 20.85
N GLU A 82 49.80 3.75 21.36
CA GLU A 82 50.73 2.64 21.56
C GLU A 82 50.28 1.76 22.72
N VAL A 83 49.53 0.70 22.42
CA VAL A 83 48.95 -0.18 23.44
C VAL A 83 49.06 -1.61 22.95
N THR A 84 48.83 -2.54 23.88
CA THR A 84 49.25 -3.94 23.71
C THR A 84 48.83 -4.53 22.37
N SER A 85 47.64 -4.17 21.88
CA SER A 85 47.18 -4.60 20.55
C SER A 85 47.08 -6.12 20.46
N ILE A 86 46.59 -6.75 21.54
CA ILE A 86 46.52 -8.21 21.60
C ILE A 86 45.69 -8.76 20.44
N ASN A 87 46.21 -9.82 19.83
CA ASN A 87 45.57 -10.40 18.64
C ASN A 87 44.28 -11.11 19.01
N VAL A 88 43.42 -11.29 18.02
CA VAL A 88 42.19 -12.07 18.14
C VAL A 88 42.38 -13.39 17.39
N ASN A 89 42.43 -14.49 18.14
CA ASN A 89 42.34 -15.82 17.55
C ASN A 89 40.90 -16.16 17.15
N ARG A 90 40.77 -17.01 16.14
CA ARG A 90 39.47 -17.51 15.70
C ARG A 90 39.50 -19.02 15.61
N THR A 91 38.40 -19.66 16.00
CA THR A 91 38.19 -21.09 15.77
C THR A 91 37.11 -21.26 14.71
N LYS A 92 37.46 -21.95 13.63
CA LYS A 92 36.48 -22.22 12.58
C LYS A 92 35.63 -23.43 12.94
N THR A 93 34.33 -23.32 12.68
CA THR A 93 33.49 -24.50 12.57
C THR A 93 33.77 -25.23 11.26
N GLU A 94 33.22 -26.44 11.16
CA GLU A 94 33.31 -27.19 9.90
C GLU A 94 32.35 -26.66 8.84
N MET A 95 31.35 -25.89 9.24
CA MET A 95 30.38 -25.30 8.30
C MET A 95 30.95 -23.98 7.80
N GLU A 96 31.57 -24.00 6.62
CA GLU A 96 32.12 -22.78 6.03
C GLU A 96 31.05 -21.74 5.76
N GLU A 97 29.82 -22.17 5.48
CA GLU A 97 28.71 -21.24 5.33
C GLU A 97 28.37 -20.52 6.63
N PHE A 98 28.62 -21.16 7.78
CA PHE A 98 28.47 -20.45 9.05
C PHE A 98 29.70 -19.60 9.37
N ASN A 99 30.91 -20.14 9.18
CA ASN A 99 32.13 -19.36 9.41
C ASN A 99 32.12 -18.06 8.62
N ARG A 100 31.69 -18.10 7.37
CA ARG A 100 31.64 -16.91 6.52
C ARG A 100 30.90 -15.76 7.19
N VAL A 101 29.71 -16.04 7.74
CA VAL A 101 28.86 -14.97 8.25
C VAL A 101 29.48 -14.30 9.49
N LEU A 102 30.08 -15.10 10.37
CA LEU A 102 30.77 -14.57 11.54
C LEU A 102 32.06 -13.83 11.20
N GLY A 103 32.43 -13.73 9.92
CA GLY A 103 33.70 -13.14 9.57
C GLY A 103 34.88 -14.05 9.74
N GLY A 104 34.69 -15.35 9.52
CA GLY A 104 35.78 -16.30 9.47
C GLY A 104 35.94 -17.18 10.69
N GLY A 105 34.96 -17.21 11.59
CA GLY A 105 35.04 -18.12 12.71
C GLY A 105 34.65 -17.50 14.04
N VAL A 106 34.45 -18.36 15.04
CA VAL A 106 34.00 -17.89 16.35
C VAL A 106 35.15 -17.14 17.03
N VAL A 107 34.81 -16.05 17.70
CA VAL A 107 35.79 -15.24 18.42
C VAL A 107 35.58 -15.47 19.91
N PRO A 108 36.57 -15.95 20.65
CA PRO A 108 36.46 -16.03 22.11
C PRO A 108 36.07 -14.71 22.74
N GLY A 109 35.24 -14.79 23.77
CA GLY A 109 34.81 -13.61 24.50
C GLY A 109 33.82 -12.73 23.77
N SER A 110 33.43 -13.08 22.55
CA SER A 110 32.43 -12.32 21.82
C SER A 110 31.03 -12.79 22.23
N LEU A 111 30.05 -11.92 21.96
CA LEU A 111 28.64 -12.29 22.02
C LEU A 111 28.07 -12.31 20.62
N VAL A 112 27.49 -13.43 20.22
CA VAL A 112 26.73 -13.56 18.99
C VAL A 112 25.27 -13.77 19.35
N LEU A 113 24.39 -12.97 18.75
CA LEU A 113 22.96 -13.03 19.00
C LEU A 113 22.25 -13.52 17.74
N ILE A 114 21.50 -14.60 17.86
CA ILE A 114 20.76 -15.19 16.75
C ILE A 114 19.29 -14.86 16.93
N GLY A 115 18.73 -14.12 15.97
CA GLY A 115 17.30 -13.93 15.89
C GLY A 115 16.68 -14.64 14.71
N GLY A 116 15.39 -14.89 14.75
CA GLY A 116 14.71 -15.43 13.59
C GLY A 116 13.36 -15.99 13.93
N ASP A 117 12.53 -16.15 12.90
CA ASP A 117 11.15 -16.58 13.02
C ASP A 117 11.06 -17.86 13.82
N PRO A 118 9.95 -18.09 14.53
CA PRO A 118 9.80 -19.38 15.21
C PRO A 118 9.79 -20.55 14.25
N GLY A 119 10.50 -21.61 14.61
CA GLY A 119 10.62 -22.78 13.77
C GLY A 119 11.56 -22.65 12.58
N ILE A 120 12.35 -21.58 12.51
CA ILE A 120 13.17 -21.38 11.32
C ILE A 120 14.35 -22.35 11.28
N GLY A 121 14.89 -22.75 12.43
CA GLY A 121 16.00 -23.69 12.43
C GLY A 121 17.15 -23.31 13.34
N LYS A 122 16.96 -22.27 14.16
CA LYS A 122 18.02 -21.76 15.01
C LYS A 122 18.65 -22.83 15.90
N SER A 123 17.84 -23.57 16.65
CA SER A 123 18.40 -24.61 17.52
C SER A 123 18.97 -25.82 16.79
N THR A 124 18.53 -26.12 15.56
CA THR A 124 19.26 -27.11 14.77
C THR A 124 20.63 -26.58 14.39
N LEU A 125 20.70 -25.34 13.91
CA LEU A 125 21.97 -24.76 13.50
C LEU A 125 22.93 -24.73 14.67
N LEU A 126 22.46 -24.26 15.82
CA LEU A 126 23.29 -24.20 17.02
C LEU A 126 23.66 -25.58 17.54
N LEU A 127 22.81 -26.60 17.37
CA LEU A 127 23.25 -27.93 17.79
C LEU A 127 24.30 -28.52 16.86
N GLN A 128 24.24 -28.17 15.57
CA GLN A 128 25.27 -28.58 14.63
C GLN A 128 26.60 -27.92 14.97
N VAL A 129 26.60 -26.59 15.09
CA VAL A 129 27.83 -25.90 15.45
C VAL A 129 28.30 -26.28 16.85
N SER A 130 27.38 -26.52 17.79
CA SER A 130 27.75 -27.03 19.10
C SER A 130 28.51 -28.34 19.01
N THR A 131 28.09 -29.24 18.11
CA THR A 131 28.83 -30.49 17.93
C THR A 131 30.22 -30.23 17.33
N GLN A 132 30.29 -29.33 16.35
CA GLN A 132 31.56 -29.14 15.66
C GLN A 132 32.57 -28.47 16.58
N LEU A 133 32.16 -27.41 17.30
CA LEU A 133 32.99 -26.86 18.35
C LEU A 133 33.34 -27.91 19.40
N SER A 134 32.39 -28.78 19.75
CA SER A 134 32.68 -29.84 20.70
C SER A 134 33.78 -30.75 20.23
N GLN A 135 34.02 -30.83 18.92
CA GLN A 135 35.17 -31.59 18.44
C GLN A 135 36.50 -30.94 18.80
N VAL A 136 36.50 -29.66 19.20
CA VAL A 136 37.75 -28.92 19.39
C VAL A 136 37.78 -28.22 20.75
N GLY A 137 36.66 -28.27 21.47
CA GLY A 137 36.63 -27.69 22.81
C GLY A 137 35.37 -28.12 23.53
N THR A 138 35.37 -27.86 24.84
CA THR A 138 34.19 -28.16 25.64
C THR A 138 33.07 -27.16 25.35
N VAL A 139 31.84 -27.67 25.27
CA VAL A 139 30.66 -26.86 25.00
C VAL A 139 29.63 -27.12 26.08
N LEU A 140 29.02 -26.06 26.60
CA LEU A 140 27.83 -26.15 27.43
C LEU A 140 26.65 -25.58 26.66
N TYR A 141 25.67 -26.43 26.35
CA TYR A 141 24.41 -26.02 25.76
C TYR A 141 23.36 -25.86 26.86
N VAL A 142 23.04 -24.60 27.20
CA VAL A 142 21.88 -24.31 28.05
C VAL A 142 20.65 -24.22 27.16
N SER A 143 19.50 -24.60 27.71
CA SER A 143 18.23 -24.23 27.09
C SER A 143 17.13 -24.23 28.14
N GLY A 144 16.37 -23.15 28.19
CA GLY A 144 15.08 -23.16 28.86
C GLY A 144 13.92 -23.57 27.98
N GLU A 145 14.12 -23.57 26.66
CA GLU A 145 13.04 -23.93 25.75
C GLU A 145 12.70 -25.42 25.83
N GLU A 146 13.71 -26.28 25.96
CA GLU A 146 13.56 -27.68 25.63
C GLU A 146 14.31 -28.53 26.64
N SER A 147 13.79 -29.73 26.88
CA SER A 147 14.40 -30.64 27.82
C SER A 147 15.56 -31.38 27.17
N ALA A 148 16.42 -31.94 28.02
CA ALA A 148 17.58 -32.68 27.53
C ALA A 148 17.20 -33.86 26.65
N GLN A 149 16.06 -34.49 26.92
CA GLN A 149 15.60 -35.59 26.06
C GLN A 149 15.26 -35.11 24.65
N GLN A 150 14.53 -34.00 24.52
CA GLN A 150 14.24 -33.45 23.20
C GLN A 150 15.52 -33.08 22.45
N ILE A 151 16.48 -32.48 23.14
CA ILE A 151 17.75 -32.15 22.50
C ILE A 151 18.49 -33.40 22.05
N LYS A 152 18.51 -34.44 22.88
CA LYS A 152 19.17 -35.68 22.49
C LYS A 152 18.47 -36.36 21.33
N LEU A 153 17.14 -36.31 21.28
CA LEU A 153 16.41 -36.83 20.12
C LEU A 153 16.76 -36.08 18.85
N ARG A 154 16.86 -34.75 18.94
CA ARG A 154 17.31 -33.98 17.79
C ARG A 154 18.73 -34.38 17.39
N ALA A 155 19.62 -34.50 18.37
CA ALA A 155 21.01 -34.88 18.08
C ALA A 155 21.08 -36.21 17.34
N GLU A 156 20.34 -37.21 17.83
CA GLU A 156 20.30 -38.50 17.13
C GLU A 156 19.76 -38.33 15.72
N ARG A 157 18.75 -37.49 15.54
CA ARG A 157 18.20 -37.27 14.20
C ARG A 157 19.22 -36.68 13.23
N LEU A 158 20.14 -35.85 13.70
CA LEU A 158 21.04 -35.14 12.79
C LEU A 158 22.50 -35.58 12.84
N GLY A 159 22.86 -36.56 13.66
CA GLY A 159 24.27 -36.91 13.71
C GLY A 159 24.53 -38.10 14.60
N ASP A 160 25.83 -38.43 14.69
CA ASP A 160 26.32 -39.67 15.29
C ASP A 160 26.74 -39.51 16.74
N ILE A 161 26.66 -38.31 17.30
CA ILE A 161 27.22 -38.00 18.62
C ILE A 161 28.71 -38.28 18.61
N ASP A 162 29.43 -37.64 17.69
CA ASP A 162 30.85 -37.91 17.46
C ASP A 162 31.75 -36.95 18.22
N SER A 163 31.19 -36.01 18.97
CA SER A 163 31.94 -35.33 20.04
C SER A 163 30.92 -34.80 21.04
N GLU A 164 30.70 -35.58 22.10
CA GLU A 164 29.66 -35.29 23.08
C GLU A 164 29.96 -34.00 23.85
N PHE A 165 28.91 -33.24 24.11
CA PHE A 165 28.99 -31.97 24.83
C PHE A 165 27.92 -31.95 25.92
N TYR A 166 27.98 -30.91 26.76
CA TYR A 166 27.11 -30.81 27.92
C TYR A 166 25.78 -30.16 27.57
N LEU A 167 24.69 -30.75 28.05
CA LEU A 167 23.37 -30.14 28.05
C LEU A 167 23.02 -29.70 29.46
N TYR A 168 22.32 -28.56 29.57
CA TYR A 168 21.76 -28.15 30.86
C TYR A 168 20.37 -27.57 30.61
N ALA A 169 19.35 -28.23 31.16
CA ALA A 169 17.95 -27.82 31.02
C ALA A 169 17.59 -26.67 31.95
N GLU A 170 18.55 -25.82 32.31
CA GLU A 170 18.33 -24.83 33.35
C GLU A 170 17.62 -23.60 32.81
N THR A 171 16.82 -22.98 33.67
CA THR A 171 16.06 -21.79 33.32
C THR A 171 16.37 -20.59 34.21
N ASN A 172 16.93 -20.80 35.39
CA ASN A 172 17.28 -19.72 36.31
C ASN A 172 18.78 -19.43 36.24
N MET A 173 19.12 -18.14 36.11
CA MET A 173 20.48 -17.74 35.77
C MET A 173 21.50 -18.08 36.85
N GLN A 174 21.10 -18.11 38.13
CA GLN A 174 22.09 -18.40 39.16
C GLN A 174 22.67 -19.80 39.02
N SER A 175 21.83 -20.80 38.73
CA SER A 175 22.35 -22.15 38.51
C SER A 175 23.14 -22.26 37.21
N VAL A 176 22.77 -21.49 36.18
CA VAL A 176 23.57 -21.43 34.96
C VAL A 176 24.96 -20.89 35.27
N ARG A 177 25.03 -19.73 35.92
CA ARG A 177 26.32 -19.14 36.26
C ARG A 177 27.16 -20.08 37.10
N ALA A 178 26.54 -20.77 38.06
CA ALA A 178 27.25 -21.76 38.86
C ALA A 178 27.83 -22.86 37.99
N GLU A 179 26.99 -23.53 37.20
CA GLU A 179 27.45 -24.71 36.48
C GLU A 179 28.43 -24.35 35.37
N VAL A 180 28.26 -23.18 34.76
CA VAL A 180 29.21 -22.73 33.75
C VAL A 180 30.56 -22.36 34.37
N GLU A 181 30.56 -21.76 35.57
CA GLU A 181 31.83 -21.55 36.27
C GLU A 181 32.47 -22.86 36.69
N ARG A 182 31.67 -23.88 36.99
CA ARG A 182 32.27 -25.16 37.41
C ARG A 182 32.85 -25.91 36.22
N ILE A 183 32.07 -26.06 35.14
CA ILE A 183 32.53 -26.80 33.97
C ILE A 183 33.46 -25.98 33.08
N GLN A 184 33.41 -24.65 33.16
CA GLN A 184 34.36 -23.76 32.51
C GLN A 184 34.52 -24.05 31.01
N PRO A 185 33.46 -23.90 30.22
CA PRO A 185 33.52 -24.30 28.82
C PRO A 185 34.36 -23.33 28.00
N ASP A 186 34.70 -23.78 26.79
CA ASP A 186 35.22 -22.85 25.79
C ASP A 186 34.09 -22.06 25.12
N PHE A 187 32.98 -22.72 24.81
CA PHE A 187 31.86 -22.09 24.12
C PHE A 187 30.58 -22.33 24.91
N LEU A 188 29.69 -21.34 24.86
CA LEU A 188 28.43 -21.39 25.57
C LEU A 188 27.28 -21.01 24.63
N ILE A 189 26.18 -21.76 24.70
CA ILE A 189 24.96 -21.45 23.98
C ILE A 189 23.83 -21.30 24.98
N ILE A 190 23.14 -20.14 24.94
CA ILE A 190 22.10 -19.85 25.91
C ILE A 190 20.73 -20.39 25.49
N ASP A 191 20.53 -20.69 24.21
CA ASP A 191 19.21 -20.66 23.56
C ASP A 191 18.58 -19.29 23.85
N SER A 192 17.26 -19.25 24.02
CA SER A 192 16.57 -17.97 24.06
C SER A 192 16.89 -17.19 25.32
N ILE A 193 17.34 -15.95 25.15
CA ILE A 193 17.49 -15.01 26.25
C ILE A 193 16.16 -14.64 26.88
N GLN A 194 15.07 -14.70 26.11
CA GLN A 194 13.74 -14.45 26.68
C GLN A 194 13.18 -15.60 27.51
N THR A 195 13.85 -16.74 27.58
CA THR A 195 13.32 -17.89 28.29
C THR A 195 14.26 -18.22 29.47
N ILE A 196 14.86 -17.19 30.04
CA ILE A 196 15.72 -17.36 31.20
C ILE A 196 15.51 -16.15 32.10
N MET A 197 15.54 -16.37 33.41
CA MET A 197 15.21 -15.35 34.39
C MET A 197 16.19 -15.41 35.54
N SER A 198 16.20 -14.35 36.33
CA SER A 198 17.17 -14.19 37.41
C SER A 198 16.42 -13.99 38.72
N PRO A 199 16.50 -14.94 39.65
CA PRO A 199 15.71 -14.85 40.89
C PRO A 199 16.02 -13.65 41.76
N GLU A 200 17.11 -12.92 41.51
CA GLU A 200 17.40 -11.73 42.31
C GLU A 200 16.59 -10.49 41.94
N ILE A 201 15.93 -10.44 40.79
CA ILE A 201 15.40 -9.17 40.31
C ILE A 201 14.05 -9.33 39.63
N SER A 202 13.32 -8.22 39.62
CA SER A 202 12.29 -7.81 38.66
C SER A 202 11.19 -8.87 38.49
N GLY A 203 10.55 -8.86 37.32
CA GLY A 203 9.33 -9.58 37.06
C GLY A 203 9.40 -10.76 36.12
N VAL A 204 8.43 -10.78 35.18
CA VAL A 204 8.07 -12.00 34.45
C VAL A 204 9.22 -12.44 33.54
N GLN A 205 9.19 -13.74 33.21
CA GLN A 205 10.01 -14.28 32.12
C GLN A 205 9.85 -13.44 30.86
N GLY A 206 10.98 -13.08 30.26
CA GLY A 206 10.99 -12.25 29.07
C GLY A 206 10.78 -10.79 29.31
N SER A 207 10.74 -10.35 30.58
CA SER A 207 10.73 -8.94 30.90
C SER A 207 11.95 -8.23 30.33
N VAL A 208 11.72 -7.03 29.79
CA VAL A 208 12.82 -6.16 29.41
C VAL A 208 13.80 -5.97 30.57
N SER A 209 13.27 -5.81 31.78
CA SER A 209 14.11 -5.74 32.97
C SER A 209 14.93 -7.01 33.17
N GLN A 210 14.37 -8.18 32.83
CA GLN A 210 15.10 -9.43 33.01
C GLN A 210 16.20 -9.61 31.97
N VAL A 211 15.86 -9.45 30.68
CA VAL A 211 16.83 -9.77 29.63
C VAL A 211 18.01 -8.81 29.66
N ARG A 212 17.79 -7.54 30.01
CA ARG A 212 18.90 -6.60 30.15
C ARG A 212 19.93 -7.11 31.16
N GLU A 213 19.46 -7.57 32.31
CA GLU A 213 20.36 -7.97 33.38
C GLU A 213 21.04 -9.30 33.05
N VAL A 214 20.30 -10.22 32.43
CA VAL A 214 20.92 -11.45 31.94
C VAL A 214 21.98 -11.15 30.89
N THR A 215 21.70 -10.21 29.98
CA THR A 215 22.69 -9.81 28.99
C THR A 215 23.95 -9.23 29.64
N ALA A 216 23.78 -8.42 30.67
CA ALA A 216 24.94 -7.86 31.38
C ALA A 216 25.74 -8.96 32.08
N GLU A 217 25.03 -9.90 32.72
CA GLU A 217 25.70 -11.05 33.31
C GLU A 217 26.49 -11.84 32.28
N LEU A 218 25.91 -12.03 31.09
CA LEU A 218 26.59 -12.79 30.06
C LEU A 218 27.82 -12.06 29.52
N MET A 219 27.72 -10.77 29.21
CA MET A 219 28.91 -10.05 28.75
C MET A 219 30.01 -10.03 29.80
N GLN A 220 29.65 -9.97 31.08
CA GLN A 220 30.65 -10.08 32.13
C GLN A 220 31.29 -11.47 32.13
N LEU A 221 30.47 -12.51 32.27
CA LEU A 221 30.99 -13.88 32.30
C LEU A 221 31.85 -14.17 31.08
N ALA A 222 31.43 -13.65 29.92
CA ALA A 222 32.18 -13.82 28.68
C ALA A 222 33.56 -13.17 28.76
N LYS A 223 33.62 -11.93 29.22
CA LYS A 223 34.92 -11.25 29.23
C LYS A 223 35.82 -11.72 30.37
N THR A 224 35.25 -12.07 31.52
CA THR A 224 36.06 -12.60 32.62
C THR A 224 36.67 -13.96 32.29
N ASN A 225 36.08 -14.72 31.35
CA ASN A 225 36.54 -16.06 31.03
C ASN A 225 37.00 -16.24 29.60
N ASN A 226 36.77 -15.27 28.72
CA ASN A 226 36.93 -15.42 27.27
C ASN A 226 36.06 -16.55 26.70
N ILE A 227 34.96 -16.88 27.37
CA ILE A 227 33.96 -17.76 26.78
C ILE A 227 33.30 -17.04 25.61
N ALA A 228 33.25 -17.71 24.46
CA ALA A 228 32.39 -17.26 23.37
C ALA A 228 30.97 -17.75 23.59
N ILE A 229 30.02 -16.82 23.50
CA ILE A 229 28.63 -17.06 23.88
C ILE A 229 27.74 -16.88 22.66
N PHE A 230 26.90 -17.86 22.38
CA PHE A 230 25.86 -17.77 21.37
C PHE A 230 24.51 -17.68 22.05
N ILE A 231 23.67 -16.74 21.58
CA ILE A 231 22.39 -16.43 22.21
C ILE A 231 21.32 -16.48 21.13
N VAL A 232 20.26 -17.23 21.39
CA VAL A 232 19.05 -17.12 20.59
C VAL A 232 18.20 -15.98 21.11
N GLY A 233 17.64 -15.19 20.21
CA GLY A 233 16.70 -14.14 20.56
C GLY A 233 15.35 -14.40 19.93
N HIS A 234 14.29 -14.18 20.69
CA HIS A 234 12.96 -14.12 20.10
C HIS A 234 12.87 -12.93 19.16
N VAL A 235 11.86 -12.97 18.29
CA VAL A 235 11.56 -11.86 17.41
C VAL A 235 10.15 -11.37 17.70
N THR A 236 9.91 -10.09 17.39
CA THR A 236 8.56 -9.57 17.38
C THR A 236 7.81 -10.12 16.17
N LYS A 237 6.49 -9.91 16.15
CA LYS A 237 5.71 -10.28 14.98
C LYS A 237 6.17 -9.52 13.74
N GLU A 238 6.76 -8.34 13.91
CA GLU A 238 7.36 -7.63 12.79
C GLU A 238 8.64 -8.30 12.31
N GLY A 239 9.21 -9.20 13.13
CA GLY A 239 10.41 -9.93 12.78
C GLY A 239 11.71 -9.31 13.23
N THR A 240 11.69 -8.10 13.77
CA THR A 240 12.85 -7.53 14.43
C THR A 240 13.10 -8.23 15.76
N LEU A 241 14.35 -8.17 16.22
CA LEU A 241 14.70 -8.69 17.54
C LEU A 241 13.78 -8.11 18.61
N ALA A 242 13.34 -8.97 19.53
CA ALA A 242 12.64 -8.53 20.72
C ALA A 242 13.63 -7.97 21.74
N GLY A 243 13.08 -7.28 22.75
CA GLY A 243 13.84 -6.81 23.87
C GLY A 243 14.35 -5.40 23.70
N PRO A 244 14.95 -4.85 24.74
CA PRO A 244 15.46 -3.48 24.68
C PRO A 244 16.67 -3.38 23.78
N ARG A 245 16.81 -2.23 23.12
CA ARG A 245 17.90 -2.04 22.17
C ARG A 245 19.27 -2.15 22.85
N MET A 246 19.32 -1.98 24.17
CA MET A 246 20.54 -2.30 24.91
C MET A 246 21.03 -3.70 24.61
N LEU A 247 20.13 -4.65 24.36
CA LEU A 247 20.55 -5.97 23.90
C LEU A 247 21.34 -5.88 22.60
N GLU A 248 20.83 -5.12 21.63
CA GLU A 248 21.51 -4.98 20.36
C GLU A 248 22.72 -4.06 20.42
N HIS A 249 23.01 -3.45 21.56
CA HIS A 249 24.24 -2.68 21.69
C HIS A 249 25.33 -3.40 22.48
N MET A 250 24.96 -4.14 23.53
CA MET A 250 25.98 -4.80 24.35
C MET A 250 26.65 -5.95 23.61
N VAL A 251 25.90 -6.70 22.80
CA VAL A 251 26.46 -7.86 22.12
C VAL A 251 27.24 -7.42 20.89
N ASP A 252 28.14 -8.29 20.43
CA ASP A 252 29.10 -7.99 19.37
C ASP A 252 28.60 -8.37 17.99
N THR A 253 27.90 -9.49 17.84
CA THR A 253 27.39 -9.94 16.56
C THR A 253 25.89 -10.20 16.67
N VAL A 254 25.12 -9.63 15.75
CA VAL A 254 23.69 -9.88 15.66
C VAL A 254 23.40 -10.53 14.32
N LEU A 255 22.83 -11.73 14.36
CA LEU A 255 22.51 -12.49 13.16
C LEU A 255 21.00 -12.60 13.01
N TYR A 256 20.53 -12.59 11.77
CA TYR A 256 19.16 -12.96 11.45
C TYR A 256 19.15 -14.26 10.68
N PHE A 257 18.21 -15.15 11.02
CA PHE A 257 17.98 -16.39 10.31
C PHE A 257 16.56 -16.36 9.76
N GLU A 258 16.42 -16.47 8.44
CA GLU A 258 15.18 -16.11 7.77
C GLU A 258 15.00 -16.97 6.53
N GLY A 259 13.76 -17.03 6.04
CA GLY A 259 13.49 -17.60 4.74
C GLY A 259 12.08 -17.32 4.25
N GLU A 260 11.96 -16.85 3.01
CA GLU A 260 10.66 -16.57 2.42
C GLU A 260 9.92 -17.86 2.12
N ARG A 261 8.58 -17.80 2.21
CA ARG A 261 7.76 -19.00 2.10
C ARG A 261 7.72 -19.53 0.67
N HIS A 262 8.00 -18.70 -0.33
CA HIS A 262 8.11 -19.17 -1.71
C HIS A 262 9.42 -19.91 -1.99
N HIS A 263 10.26 -20.12 -0.97
CA HIS A 263 11.57 -20.72 -1.19
C HIS A 263 11.82 -21.80 -0.15
N THR A 264 12.73 -22.71 -0.50
CA THR A 264 13.22 -23.72 0.44
C THR A 264 14.43 -23.28 1.24
N PHE A 265 15.20 -22.32 0.73
CA PHE A 265 16.42 -21.89 1.40
C PHE A 265 16.11 -21.11 2.67
N ARG A 266 16.95 -21.31 3.69
CA ARG A 266 17.13 -20.37 4.77
C ARG A 266 18.41 -19.57 4.51
N ILE A 267 18.33 -18.26 4.73
CA ILE A 267 19.50 -17.39 4.63
C ILE A 267 19.86 -16.86 6.02
N LEU A 268 21.15 -16.87 6.33
CA LEU A 268 21.70 -16.37 7.58
C LEU A 268 22.51 -15.13 7.28
N ARG A 269 22.14 -14.00 7.89
CA ARG A 269 22.76 -12.73 7.57
C ARG A 269 23.06 -11.98 8.85
N ALA A 270 24.19 -11.27 8.86
CA ALA A 270 24.51 -10.36 9.95
C ALA A 270 23.95 -8.98 9.65
N VAL A 271 23.39 -8.34 10.67
CA VAL A 271 23.01 -6.94 10.58
C VAL A 271 24.06 -6.11 11.30
N LYS A 272 24.74 -6.71 12.26
CA LYS A 272 25.84 -6.09 12.97
C LYS A 272 26.91 -7.15 13.20
N ASN A 273 28.17 -6.79 12.99
CA ASN A 273 29.26 -7.70 13.32
C ASN A 273 30.51 -6.88 13.63
N ARG A 274 30.84 -6.79 14.91
CA ARG A 274 32.05 -6.11 15.34
C ARG A 274 33.33 -6.75 14.82
N PHE A 275 33.28 -8.00 14.35
CA PHE A 275 34.49 -8.73 13.96
C PHE A 275 34.51 -9.14 12.49
N GLY A 276 33.71 -8.52 11.63
CA GLY A 276 33.80 -8.86 10.22
C GLY A 276 32.70 -8.18 9.43
N SER A 277 32.85 -8.28 8.12
CA SER A 277 31.85 -7.73 7.20
C SER A 277 30.49 -8.36 7.41
N THR A 278 29.44 -7.55 7.25
CA THR A 278 28.08 -8.03 7.32
C THR A 278 27.53 -8.49 5.97
N ASN A 279 28.22 -8.14 4.86
CA ASN A 279 27.70 -8.45 3.54
C ASN A 279 27.67 -9.94 3.26
N GLU A 280 28.64 -10.69 3.79
CA GLU A 280 28.68 -12.14 3.60
C GLU A 280 27.48 -12.78 4.29
N ILE A 281 26.52 -13.26 3.51
CA ILE A 281 25.44 -14.08 4.03
C ILE A 281 25.75 -15.56 3.85
N GLY A 282 25.01 -16.38 4.58
CA GLY A 282 25.10 -17.83 4.43
C GLY A 282 23.72 -18.41 4.16
N ILE A 283 23.65 -19.33 3.22
CA ILE A 283 22.40 -19.93 2.79
C ILE A 283 22.40 -21.40 3.16
N PHE A 284 21.33 -21.83 3.83
CA PHE A 284 21.13 -23.23 4.21
C PHE A 284 19.84 -23.75 3.60
N GLU A 285 19.80 -25.06 3.34
CA GLU A 285 18.56 -25.78 3.07
C GLU A 285 18.23 -26.66 4.28
N MET A 286 16.97 -26.58 4.73
CA MET A 286 16.48 -27.48 5.77
C MET A 286 16.18 -28.85 5.18
N GLN A 287 16.70 -29.89 5.83
CA GLN A 287 16.53 -31.26 5.38
C GLN A 287 16.34 -32.16 6.59
N SER A 288 15.91 -33.40 6.31
CA SER A 288 15.58 -34.33 7.39
C SER A 288 16.74 -34.56 8.35
N GLY A 289 17.96 -34.54 7.85
CA GLY A 289 19.14 -34.69 8.67
C GLY A 289 19.73 -33.40 9.23
N GLY A 290 19.03 -32.29 9.09
CA GLY A 290 19.47 -31.00 9.59
C GLY A 290 19.53 -29.98 8.49
N LEU A 291 20.17 -28.85 8.80
CA LEU A 291 20.52 -27.88 7.76
C LEU A 291 21.75 -28.35 6.99
N VAL A 292 21.72 -28.18 5.68
CA VAL A 292 22.89 -28.40 4.83
C VAL A 292 23.18 -27.13 4.05
N GLU A 293 24.46 -26.75 4.01
CA GLU A 293 24.88 -25.59 3.24
C GLU A 293 24.76 -25.88 1.74
N VAL A 294 24.13 -24.96 1.00
CA VAL A 294 23.79 -25.29 -0.37
C VAL A 294 25.00 -25.19 -1.29
N LEU A 295 25.98 -24.35 -0.92
CA LEU A 295 27.14 -23.98 -1.72
C LEU A 295 26.81 -23.26 -3.02
N ASN A 296 25.82 -23.76 -3.77
CA ASN A 296 25.43 -23.16 -5.05
C ASN A 296 23.96 -22.75 -5.01
N PRO A 297 23.66 -21.48 -4.83
CA PRO A 297 22.26 -21.06 -4.73
C PRO A 297 21.51 -21.05 -6.05
N SER A 298 22.07 -21.64 -7.12
CA SER A 298 21.55 -21.40 -8.45
C SER A 298 21.46 -22.70 -9.24
N GLN A 299 20.61 -22.69 -10.26
CA GLN A 299 20.43 -23.78 -11.20
C GLN A 299 21.62 -23.98 -12.15
N VAL A 300 22.60 -23.07 -12.14
CA VAL A 300 23.76 -23.17 -13.02
C VAL A 300 24.73 -24.18 -12.42
N PHE A 301 24.76 -25.40 -12.98
CA PHE A 301 25.62 -26.47 -12.49
C PHE A 301 26.71 -26.85 -13.49
N LEU A 302 27.09 -25.94 -14.38
CA LEU A 302 28.20 -26.12 -15.30
C LEU A 302 27.99 -27.29 -16.26
N GLU A 303 28.02 -28.52 -15.75
CA GLU A 303 27.91 -29.71 -16.59
C GLU A 303 26.52 -29.89 -17.20
N GLU A 304 25.55 -29.06 -16.82
CA GLU A 304 24.27 -29.03 -17.52
C GLU A 304 24.42 -28.78 -19.01
N ARG A 305 25.43 -28.01 -19.41
CA ARG A 305 25.51 -27.54 -20.80
C ARG A 305 25.54 -28.69 -21.79
N LEU A 306 24.79 -28.55 -22.87
CA LEU A 306 24.53 -29.61 -23.84
C LEU A 306 25.72 -29.85 -24.77
N ASP A 307 26.93 -29.51 -24.31
CA ASP A 307 28.15 -29.75 -25.07
C ASP A 307 28.18 -28.93 -26.36
N GLY A 308 27.36 -29.30 -27.33
CA GLY A 308 27.26 -28.54 -28.56
C GLY A 308 26.37 -27.31 -28.48
N ALA A 309 26.13 -26.84 -27.26
CA ALA A 309 25.20 -25.74 -27.04
C ALA A 309 25.79 -24.44 -27.56
N THR A 310 24.96 -23.65 -28.23
CA THR A 310 25.35 -22.32 -28.70
C THR A 310 24.25 -21.33 -28.36
N GLY A 311 24.65 -20.08 -28.18
CA GLY A 311 23.71 -19.08 -27.69
C GLY A 311 23.48 -19.15 -26.19
N SER A 312 24.49 -19.56 -25.43
CA SER A 312 24.41 -19.51 -23.98
C SER A 312 25.65 -18.85 -23.39
N SER A 313 25.45 -18.15 -22.28
CA SER A 313 26.50 -17.44 -21.58
C SER A 313 26.09 -17.30 -20.12
N ILE A 314 27.08 -17.17 -19.24
CA ILE A 314 26.85 -17.12 -17.81
C ILE A 314 27.26 -15.75 -17.28
N VAL A 315 26.52 -15.26 -16.29
CA VAL A 315 26.72 -13.93 -15.74
C VAL A 315 26.70 -14.03 -14.21
N VAL A 316 27.55 -13.26 -13.56
CA VAL A 316 27.53 -13.16 -12.09
C VAL A 316 26.66 -11.97 -11.70
N THR A 317 25.50 -12.26 -11.12
CA THR A 317 24.47 -11.28 -10.84
C THR A 317 24.28 -11.17 -9.33
N MET A 318 24.03 -9.97 -8.84
CA MET A 318 23.72 -9.76 -7.42
C MET A 318 22.26 -10.07 -7.16
N GLU A 319 21.99 -11.17 -6.44
CA GLU A 319 20.68 -11.43 -5.86
C GLU A 319 20.63 -10.76 -4.49
N GLY A 320 20.30 -9.47 -4.51
CA GLY A 320 20.45 -8.64 -3.33
C GLY A 320 21.89 -8.47 -2.92
N THR A 321 22.25 -8.97 -1.74
CA THR A 321 23.63 -8.85 -1.26
C THR A 321 24.53 -9.97 -1.74
N ARG A 322 23.98 -11.07 -2.25
CA ARG A 322 24.88 -12.15 -2.63
C ARG A 322 25.01 -12.23 -4.15
N PRO A 323 26.23 -12.40 -4.66
CA PRO A 323 26.39 -12.85 -6.05
C PRO A 323 25.76 -14.22 -6.26
N ILE A 324 25.14 -14.40 -7.43
CA ILE A 324 24.66 -15.69 -7.89
C ILE A 324 25.04 -15.84 -9.36
N LEU A 325 25.30 -17.08 -9.77
CA LEU A 325 25.36 -17.39 -11.19
C LEU A 325 23.98 -17.37 -11.81
N ALA A 326 23.91 -16.88 -13.04
CA ALA A 326 22.73 -17.02 -13.88
C ALA A 326 23.18 -17.24 -15.31
N GLU A 327 22.31 -17.85 -16.10
CA GLU A 327 22.62 -18.20 -17.48
C GLU A 327 21.64 -17.53 -18.41
N VAL A 328 22.15 -16.82 -19.41
CA VAL A 328 21.35 -16.14 -20.41
C VAL A 328 21.43 -16.93 -21.71
N GLN A 329 20.28 -17.27 -22.27
CA GLN A 329 20.20 -18.00 -23.52
C GLN A 329 19.58 -17.12 -24.60
N ALA A 330 20.11 -17.21 -25.81
CA ALA A 330 19.52 -16.53 -26.96
C ALA A 330 19.37 -17.51 -28.11
N LEU A 331 18.23 -17.41 -28.81
CA LEU A 331 18.03 -18.04 -30.10
C LEU A 331 17.80 -16.96 -31.14
N VAL A 332 18.65 -16.92 -32.16
CA VAL A 332 18.60 -15.90 -33.20
C VAL A 332 18.40 -16.58 -34.54
N THR A 333 17.37 -16.16 -35.28
CA THR A 333 17.00 -16.84 -36.52
C THR A 333 16.30 -15.85 -37.43
N PRO A 334 16.39 -16.05 -38.75
CA PRO A 334 15.79 -15.08 -39.69
C PRO A 334 14.28 -15.03 -39.58
N THR A 335 13.73 -13.82 -39.68
CA THR A 335 12.28 -13.66 -39.67
C THR A 335 11.66 -14.09 -40.99
N MET A 336 10.57 -14.84 -40.91
CA MET A 336 9.76 -15.21 -42.06
C MET A 336 8.52 -14.33 -42.18
N PHE A 337 8.62 -13.08 -41.72
CA PHE A 337 7.53 -12.11 -41.82
C PHE A 337 8.17 -10.73 -42.02
N GLY A 338 7.33 -9.76 -42.38
CA GLY A 338 7.81 -8.41 -42.68
C GLY A 338 8.46 -7.71 -41.51
N ASN A 339 8.27 -8.22 -40.29
CA ASN A 339 8.94 -7.66 -39.12
C ASN A 339 9.46 -8.82 -38.28
N ALA A 340 10.32 -8.49 -37.32
CA ALA A 340 10.99 -9.48 -36.49
C ALA A 340 10.59 -9.34 -35.03
N LYS A 341 10.52 -10.48 -34.35
CA LYS A 341 10.15 -10.54 -32.95
C LYS A 341 11.33 -10.21 -32.04
N ARG A 342 11.01 -9.84 -30.80
CA ARG A 342 11.99 -9.62 -29.75
C ARG A 342 11.57 -10.28 -28.45
N THR A 343 10.90 -11.43 -28.54
CA THR A 343 10.33 -12.09 -27.37
C THR A 343 11.42 -12.36 -26.33
N THR A 344 11.15 -11.93 -25.10
CA THR A 344 12.15 -11.97 -24.04
C THR A 344 11.49 -12.34 -22.73
N THR A 345 12.06 -13.33 -22.04
CA THR A 345 11.61 -13.73 -20.72
C THR A 345 12.72 -13.49 -19.71
N GLY A 346 12.36 -12.91 -18.57
CA GLY A 346 13.30 -12.64 -17.50
C GLY A 346 14.15 -11.41 -17.67
N LEU A 347 14.18 -10.80 -18.85
CA LEU A 347 14.87 -9.53 -19.08
C LEU A 347 13.88 -8.50 -19.58
N ASP A 348 14.23 -7.22 -19.40
CA ASP A 348 13.49 -6.17 -20.08
C ASP A 348 13.79 -6.25 -21.57
N PHE A 349 12.74 -6.35 -22.39
CA PHE A 349 12.94 -6.40 -23.83
C PHE A 349 13.51 -5.10 -24.41
N ASN A 350 13.32 -3.96 -23.74
CA ASN A 350 14.01 -2.74 -24.17
C ASN A 350 15.51 -2.85 -23.97
N ARG A 351 15.93 -3.48 -22.87
CA ARG A 351 17.35 -3.73 -22.64
C ARG A 351 17.96 -4.59 -23.73
N ALA A 352 17.33 -5.74 -24.02
CA ALA A 352 17.79 -6.60 -25.11
C ALA A 352 17.79 -5.88 -26.45
N SER A 353 16.78 -5.04 -26.72
CA SER A 353 16.75 -4.32 -27.98
C SER A 353 17.89 -3.32 -28.09
N LEU A 354 18.20 -2.63 -26.99
CA LEU A 354 19.36 -1.75 -26.97
C LEU A 354 20.64 -2.53 -27.21
N ILE A 355 20.81 -3.67 -26.55
CA ILE A 355 22.02 -4.47 -26.72
C ILE A 355 22.18 -4.91 -28.17
N MET A 356 21.09 -5.36 -28.81
CA MET A 356 21.18 -5.74 -30.22
C MET A 356 21.47 -4.55 -31.13
N ALA A 357 21.01 -3.35 -30.78
CA ALA A 357 21.41 -2.17 -31.54
C ALA A 357 22.90 -1.86 -31.37
N VAL A 358 23.42 -2.04 -30.16
CA VAL A 358 24.86 -1.87 -29.95
C VAL A 358 25.65 -2.88 -30.77
N LEU A 359 25.22 -4.13 -30.76
CA LEU A 359 25.91 -5.17 -31.54
C LEU A 359 25.90 -4.85 -33.02
N GLU A 360 24.73 -4.45 -33.54
CA GLU A 360 24.62 -4.19 -34.98
C GLU A 360 25.43 -2.97 -35.38
N LYS A 361 25.47 -1.92 -34.55
CA LYS A 361 26.26 -0.75 -34.95
C LYS A 361 27.76 -0.99 -34.78
N ARG A 362 28.19 -1.49 -33.64
CA ARG A 362 29.61 -1.51 -33.29
C ARG A 362 30.32 -2.75 -33.80
N ALA A 363 29.70 -3.92 -33.67
CA ALA A 363 30.34 -5.17 -34.08
C ALA A 363 29.91 -5.63 -35.47
N GLY A 364 28.84 -5.05 -36.02
CA GLY A 364 28.47 -5.31 -37.39
C GLY A 364 27.67 -6.56 -37.61
N LEU A 365 27.14 -7.16 -36.56
CA LEU A 365 26.24 -8.30 -36.70
C LEU A 365 24.93 -7.83 -37.33
N LEU A 366 24.58 -8.40 -38.48
CA LEU A 366 23.35 -8.03 -39.17
C LEU A 366 22.18 -8.70 -38.46
N LEU A 367 21.41 -7.91 -37.70
CA LEU A 367 20.42 -8.46 -36.78
C LEU A 367 19.00 -7.95 -37.02
N GLN A 368 18.81 -6.87 -37.78
CA GLN A 368 17.47 -6.43 -38.14
C GLN A 368 16.74 -7.43 -39.03
N ASN A 369 17.47 -8.28 -39.76
CA ASN A 369 16.85 -9.37 -40.50
C ASN A 369 16.47 -10.54 -39.60
N GLN A 370 16.94 -10.58 -38.37
CA GLN A 370 16.83 -11.75 -37.51
C GLN A 370 15.81 -11.51 -36.42
N ASP A 371 15.00 -12.54 -36.13
CA ASP A 371 14.37 -12.63 -34.82
C ASP A 371 15.44 -12.79 -33.74
N ALA A 372 15.13 -12.32 -32.54
CA ALA A 372 15.82 -12.80 -31.34
C ALA A 372 14.84 -13.26 -30.28
N TYR A 373 15.17 -14.37 -29.64
CA TYR A 373 14.45 -14.90 -28.49
C TYR A 373 15.43 -15.03 -27.34
N LEU A 374 15.09 -14.44 -26.18
CA LEU A 374 16.01 -14.45 -25.04
C LEU A 374 15.32 -14.97 -23.80
N LYS A 375 16.09 -15.68 -22.97
CA LYS A 375 15.57 -16.34 -21.79
C LYS A 375 16.65 -16.34 -20.73
N SER A 376 16.23 -16.31 -19.46
CA SER A 376 17.10 -16.65 -18.35
C SER A 376 16.71 -18.00 -17.78
N ALA A 377 17.70 -18.83 -17.51
CA ALA A 377 17.45 -20.16 -16.97
C ALA A 377 16.77 -20.08 -15.61
N GLY A 378 15.91 -21.06 -15.34
CA GLY A 378 15.28 -21.20 -14.04
C GLY A 378 14.35 -20.10 -13.63
N GLY A 379 13.99 -19.20 -14.54
CA GLY A 379 13.05 -18.15 -14.23
C GLY A 379 13.58 -17.04 -13.36
N VAL A 380 14.90 -16.99 -13.13
CA VAL A 380 15.48 -15.90 -12.36
C VAL A 380 15.26 -14.58 -13.10
N LYS A 381 14.81 -13.57 -12.37
CA LYS A 381 14.59 -12.25 -12.95
C LYS A 381 15.91 -11.49 -12.91
N LEU A 382 16.48 -11.23 -14.09
CA LEU A 382 17.76 -10.56 -14.23
C LEU A 382 17.52 -9.15 -14.74
N ASP A 383 17.56 -8.16 -13.84
CA ASP A 383 17.50 -6.76 -14.24
C ASP A 383 18.47 -5.96 -13.36
N GLU A 384 19.75 -6.12 -13.64
CA GLU A 384 20.81 -5.20 -13.23
C GLU A 384 21.71 -4.95 -14.42
N PRO A 385 22.30 -3.76 -14.52
CA PRO A 385 23.07 -3.42 -15.73
C PRO A 385 24.24 -4.35 -16.02
N ALA A 386 24.77 -5.04 -15.01
CA ALA A 386 25.93 -5.91 -15.20
C ALA A 386 25.68 -7.10 -16.13
N ILE A 387 24.42 -7.44 -16.41
CA ILE A 387 24.16 -8.58 -17.29
C ILE A 387 24.34 -8.27 -18.77
N ASP A 388 24.40 -6.99 -19.14
CA ASP A 388 24.39 -6.60 -20.55
C ASP A 388 25.50 -7.29 -21.36
N LEU A 389 26.69 -7.43 -20.78
CA LEU A 389 27.77 -8.08 -21.52
C LEU A 389 27.46 -9.55 -21.80
N ALA A 390 27.01 -10.28 -20.79
CA ALA A 390 26.67 -11.69 -21.00
C ALA A 390 25.52 -11.85 -21.97
N VAL A 391 24.58 -10.90 -21.99
CA VAL A 391 23.50 -10.94 -22.97
C VAL A 391 24.04 -10.71 -24.38
N ALA A 392 24.92 -9.72 -24.53
CA ALA A 392 25.53 -9.47 -25.82
C ALA A 392 26.31 -10.68 -26.32
N VAL A 393 27.06 -11.32 -25.43
CA VAL A 393 27.84 -12.49 -25.83
C VAL A 393 26.95 -13.67 -26.18
N ALA A 394 25.85 -13.86 -25.45
CA ALA A 394 24.88 -14.90 -25.82
C ALA A 394 24.30 -14.65 -27.21
N ILE A 395 23.89 -13.41 -27.49
CA ILE A 395 23.33 -13.09 -28.80
C ILE A 395 24.36 -13.32 -29.89
N ALA A 396 25.58 -12.84 -29.69
CA ALA A 396 26.63 -13.02 -30.69
C ALA A 396 26.96 -14.50 -30.89
N SER A 397 27.06 -15.27 -29.81
CA SER A 397 27.28 -16.71 -29.91
C SER A 397 26.19 -17.39 -30.73
N SER A 398 24.94 -16.98 -30.55
CA SER A 398 23.87 -17.59 -31.34
C SER A 398 23.94 -17.19 -32.80
N TYR A 399 24.12 -15.91 -33.07
CA TYR A 399 24.19 -15.44 -34.46
C TYR A 399 25.37 -16.05 -35.21
N LYS A 400 26.54 -16.13 -34.57
CA LYS A 400 27.71 -16.75 -35.16
C LYS A 400 27.65 -18.27 -35.17
N ASP A 401 26.73 -18.86 -34.39
CA ASP A 401 26.65 -20.31 -34.20
C ASP A 401 27.98 -20.91 -33.75
N LYS A 402 28.62 -20.24 -32.79
CA LYS A 402 29.81 -20.77 -32.15
C LYS A 402 29.56 -20.95 -30.67
N PRO A 403 30.10 -22.00 -30.04
CA PRO A 403 29.93 -22.17 -28.61
C PRO A 403 30.73 -21.14 -27.81
N THR A 404 30.42 -21.08 -26.52
CA THR A 404 31.29 -20.48 -25.52
C THR A 404 31.66 -21.54 -24.49
N ASN A 405 32.84 -21.41 -23.91
CA ASN A 405 33.26 -22.39 -22.91
C ASN A 405 32.45 -22.22 -21.63
N PRO A 406 31.80 -23.28 -21.14
CA PRO A 406 30.99 -23.16 -19.92
C PRO A 406 31.75 -22.75 -18.67
N GLN A 407 33.08 -22.69 -18.71
CA GLN A 407 33.85 -22.21 -17.57
C GLN A 407 34.14 -20.71 -17.59
N GLU A 408 33.60 -19.95 -18.53
CA GLU A 408 33.78 -18.50 -18.55
C GLU A 408 32.55 -17.80 -18.00
N CYS A 409 32.76 -16.86 -17.08
CA CYS A 409 31.77 -15.89 -16.67
C CYS A 409 31.98 -14.58 -17.41
N PHE A 410 30.90 -13.81 -17.56
CA PHE A 410 30.98 -12.44 -18.06
C PHE A 410 30.28 -11.51 -17.10
N VAL A 411 30.86 -10.31 -16.91
CA VAL A 411 30.28 -9.27 -16.07
C VAL A 411 30.60 -7.93 -16.71
N GLY A 412 29.58 -7.08 -16.84
CA GLY A 412 29.79 -5.73 -17.32
C GLY A 412 28.53 -5.08 -17.86
N GLU A 413 28.37 -3.78 -17.63
CA GLU A 413 27.36 -3.02 -18.35
C GLU A 413 27.87 -2.69 -19.75
N LEU A 414 26.95 -2.65 -20.71
CA LEU A 414 27.28 -2.32 -22.10
C LEU A 414 26.70 -0.96 -22.45
N GLY A 415 27.58 -0.01 -22.74
CA GLY A 415 27.17 1.30 -23.17
C GLY A 415 26.93 1.38 -24.66
N LEU A 416 26.09 2.34 -25.07
CA LEU A 416 25.74 2.46 -26.48
C LEU A 416 26.94 2.83 -27.35
N THR A 417 28.06 3.23 -26.75
CA THR A 417 29.31 3.44 -27.46
C THR A 417 30.03 2.13 -27.76
N GLY A 418 29.61 1.04 -27.13
CA GLY A 418 30.37 -0.19 -27.09
C GLY A 418 31.33 -0.30 -25.93
N GLU A 419 31.40 0.71 -25.07
CA GLU A 419 32.23 0.63 -23.87
C GLU A 419 31.65 -0.39 -22.89
N ILE A 420 32.53 -1.10 -22.20
CA ILE A 420 32.14 -1.89 -21.03
C ILE A 420 32.31 -1.00 -19.80
N ARG A 421 31.20 -0.55 -19.23
CA ARG A 421 31.26 0.30 -18.05
C ARG A 421 31.51 -0.53 -16.79
N ARG A 422 32.14 0.11 -15.81
CA ARG A 422 32.39 -0.50 -14.51
C ARG A 422 31.10 -0.91 -13.81
N VAL A 423 31.22 -1.88 -12.90
CA VAL A 423 30.09 -2.40 -12.15
C VAL A 423 30.42 -2.37 -10.67
N ASN A 424 29.38 -2.34 -9.85
CA ASN A 424 29.51 -2.40 -8.40
C ASN A 424 29.88 -3.81 -7.92
N ARG A 425 30.45 -3.86 -6.72
CA ARG A 425 30.68 -5.10 -5.97
C ARG A 425 31.55 -6.10 -6.74
N ILE A 426 32.41 -5.56 -7.61
CA ILE A 426 33.19 -6.36 -8.54
C ILE A 426 33.98 -7.46 -7.82
N GLU A 427 34.51 -7.15 -6.64
CA GLU A 427 35.31 -8.13 -5.90
C GLU A 427 34.48 -9.32 -5.44
N GLN A 428 33.26 -9.09 -4.97
CA GLN A 428 32.38 -10.21 -4.65
C GLN A 428 32.11 -11.08 -5.87
N ARG A 429 31.84 -10.45 -7.02
CA ARG A 429 31.53 -11.19 -8.23
C ARG A 429 32.72 -12.07 -8.65
N ILE A 430 33.93 -11.50 -8.64
CA ILE A 430 35.10 -12.30 -8.99
C ILE A 430 35.32 -13.42 -7.98
N ASN A 431 35.12 -13.14 -6.69
CA ASN A 431 35.35 -14.16 -5.69
C ASN A 431 34.37 -15.32 -5.83
N GLU A 432 33.11 -15.01 -6.11
CA GLU A 432 32.12 -16.08 -6.27
C GLU A 432 32.31 -16.83 -7.57
N ALA A 433 32.71 -16.15 -8.64
CA ALA A 433 33.09 -16.89 -9.84
C ALA A 433 34.24 -17.84 -9.55
N ALA A 434 35.23 -17.39 -8.78
CA ALA A 434 36.36 -18.23 -8.39
C ALA A 434 35.93 -19.45 -7.58
N LYS A 435 35.07 -19.27 -6.57
CA LYS A 435 34.70 -20.39 -5.71
C LYS A 435 34.07 -21.57 -6.46
N LEU A 436 33.06 -21.31 -7.30
CA LEU A 436 32.46 -22.43 -8.04
C LEU A 436 33.32 -22.89 -9.22
N GLY A 437 34.58 -22.47 -9.31
CA GLY A 437 35.50 -23.14 -10.20
C GLY A 437 35.50 -22.69 -11.64
N PHE A 438 35.09 -21.46 -11.92
CA PHE A 438 35.22 -20.94 -13.27
C PHE A 438 36.68 -20.62 -13.54
N THR A 439 37.09 -20.77 -14.80
CA THR A 439 38.48 -20.54 -15.16
C THR A 439 38.74 -19.13 -15.66
N LYS A 440 37.79 -18.52 -16.36
CA LYS A 440 37.92 -17.12 -16.76
C LYS A 440 36.69 -16.35 -16.29
N ILE A 441 36.89 -15.08 -16.01
CA ILE A 441 35.79 -14.11 -15.90
C ILE A 441 36.21 -12.83 -16.61
N TYR A 442 35.32 -12.31 -17.45
CA TYR A 442 35.57 -11.06 -18.17
C TYR A 442 34.90 -9.92 -17.42
N VAL A 443 35.65 -8.86 -17.15
CA VAL A 443 35.18 -7.77 -16.30
C VAL A 443 35.60 -6.45 -16.91
N PRO A 444 34.96 -5.36 -16.50
CA PRO A 444 35.44 -4.04 -16.94
C PRO A 444 36.83 -3.77 -16.41
N LYS A 445 37.75 -3.45 -17.33
CA LYS A 445 39.13 -3.20 -16.95
C LYS A 445 39.26 -2.07 -15.93
N ASN A 446 38.42 -1.04 -16.05
CA ASN A 446 38.48 0.07 -15.11
C ASN A 446 38.06 -0.32 -13.70
N SER A 447 37.34 -1.44 -13.54
CA SER A 447 36.98 -1.90 -12.21
C SER A 447 38.12 -2.63 -11.50
N LEU A 448 39.22 -2.92 -12.18
CA LEU A 448 40.27 -3.77 -11.63
C LEU A 448 41.08 -3.10 -10.52
N THR A 449 41.02 -1.77 -10.41
CA THR A 449 41.86 -1.04 -9.46
C THR A 449 41.63 -1.51 -8.02
N GLY A 450 42.72 -1.90 -7.36
CA GLY A 450 42.68 -2.27 -5.96
C GLY A 450 41.99 -3.57 -5.64
N ILE A 451 41.63 -4.36 -6.64
CA ILE A 451 40.95 -5.63 -6.43
C ILE A 451 41.96 -6.70 -6.07
N THR A 452 41.63 -7.51 -5.07
CA THR A 452 42.51 -8.52 -4.48
C THR A 452 42.47 -9.84 -5.25
N LEU A 453 42.35 -9.78 -6.57
CA LEU A 453 41.78 -10.86 -7.37
C LEU A 453 42.43 -12.21 -7.06
N PRO A 454 41.63 -13.25 -6.83
CA PRO A 454 42.19 -14.54 -6.39
C PRO A 454 43.09 -15.18 -7.43
N LYS A 455 44.05 -15.96 -6.93
CA LYS A 455 45.05 -16.58 -7.79
C LYS A 455 44.45 -17.58 -8.77
N GLU A 456 43.37 -18.26 -8.39
CA GLU A 456 42.93 -19.45 -9.12
C GLU A 456 42.21 -19.14 -10.42
N ILE A 457 41.82 -17.89 -10.64
CA ILE A 457 41.01 -17.50 -11.80
C ILE A 457 41.74 -16.37 -12.51
N GLN A 458 41.80 -16.44 -13.84
CA GLN A 458 42.37 -15.35 -14.63
C GLN A 458 41.28 -14.31 -14.90
N VAL A 459 41.38 -13.18 -14.21
CA VAL A 459 40.48 -12.05 -14.39
C VAL A 459 40.91 -11.26 -15.63
N ILE A 460 40.14 -11.40 -16.71
CA ILE A 460 40.46 -10.78 -17.99
C ILE A 460 39.77 -9.41 -18.05
N GLY A 461 40.53 -8.35 -17.81
CA GLY A 461 40.01 -7.01 -18.06
C GLY A 461 39.74 -6.79 -19.54
N VAL A 462 38.61 -6.13 -19.81
CA VAL A 462 38.24 -5.75 -21.17
C VAL A 462 37.52 -4.41 -21.13
N THR A 463 37.52 -3.69 -22.27
CA THR A 463 36.96 -2.35 -22.34
C THR A 463 36.08 -2.07 -23.54
N THR A 464 35.96 -2.97 -24.52
CA THR A 464 35.04 -2.79 -25.61
C THR A 464 34.39 -4.13 -25.95
N ILE A 465 33.19 -4.06 -26.54
CA ILE A 465 32.50 -5.27 -26.94
C ILE A 465 33.28 -6.01 -28.02
N GLN A 466 33.89 -5.27 -28.94
CA GLN A 466 34.65 -5.92 -30.01
C GLN A 466 35.88 -6.64 -29.48
N GLU A 467 36.46 -6.17 -28.37
CA GLU A 467 37.49 -6.95 -27.69
C GLU A 467 36.96 -8.29 -27.24
N VAL A 468 35.77 -8.31 -26.63
CA VAL A 468 35.19 -9.56 -26.15
C VAL A 468 34.93 -10.50 -27.33
N LEU A 469 34.32 -9.97 -28.39
CA LEU A 469 33.98 -10.80 -29.54
C LEU A 469 35.21 -11.34 -30.27
N LYS A 470 36.32 -10.57 -30.29
CA LYS A 470 37.57 -11.12 -30.81
C LYS A 470 38.17 -12.17 -29.87
N LYS A 471 38.17 -11.91 -28.56
CA LYS A 471 38.73 -12.88 -27.61
C LYS A 471 37.97 -14.21 -27.63
N VAL A 472 36.65 -14.16 -27.75
CA VAL A 472 35.81 -15.33 -27.54
C VAL A 472 35.45 -16.02 -28.84
N PHE A 473 35.15 -15.26 -29.89
CA PHE A 473 34.69 -15.84 -31.14
C PHE A 473 35.71 -15.61 -32.25
N THR B 75 18.12 -30.93 38.97
CA THR B 75 18.72 -30.96 37.63
C THR B 75 20.24 -30.84 37.71
N LYS B 76 20.91 -31.36 36.69
CA LYS B 76 22.37 -31.30 36.59
C LYS B 76 22.73 -31.27 35.12
N PRO B 77 23.85 -30.64 34.75
CA PRO B 77 24.41 -30.88 33.43
C PRO B 77 24.74 -32.35 33.21
N MET B 78 24.57 -32.80 31.97
CA MET B 78 24.86 -34.17 31.60
C MET B 78 25.59 -34.20 30.27
N LYS B 79 26.40 -35.23 30.08
CA LYS B 79 27.00 -35.49 28.79
C LYS B 79 25.96 -36.06 27.81
N LEU B 80 26.16 -35.78 26.52
CA LEU B 80 25.20 -36.19 25.51
C LEU B 80 25.02 -37.70 25.46
N ALA B 81 26.04 -38.46 25.87
CA ALA B 81 25.96 -39.92 25.91
C ALA B 81 25.14 -40.46 27.08
N GLU B 82 24.61 -39.61 27.95
CA GLU B 82 23.65 -40.03 28.97
C GLU B 82 22.30 -40.21 28.30
N VAL B 83 22.15 -41.34 27.60
CA VAL B 83 21.08 -41.53 26.62
C VAL B 83 19.76 -41.89 27.31
N THR B 84 19.30 -41.02 28.20
CA THR B 84 17.99 -41.15 28.83
C THR B 84 16.83 -40.90 27.87
N SER B 85 17.11 -40.61 26.60
CA SER B 85 16.07 -40.45 25.58
C SER B 85 15.27 -41.72 25.31
N ILE B 86 14.02 -41.74 25.74
CA ILE B 86 13.05 -42.73 25.32
C ILE B 86 12.47 -42.31 23.97
N ASN B 87 12.25 -43.27 23.08
CA ASN B 87 11.71 -42.96 21.76
C ASN B 87 10.26 -42.54 21.85
N VAL B 88 9.88 -41.55 21.04
CA VAL B 88 8.52 -41.03 20.99
C VAL B 88 7.63 -41.97 20.17
N ASN B 89 6.76 -42.71 20.85
CA ASN B 89 5.86 -43.67 20.21
C ASN B 89 4.62 -42.99 19.65
N ARG B 90 4.81 -41.94 18.84
CA ARG B 90 3.71 -41.07 18.41
C ARG B 90 2.54 -41.85 17.82
N THR B 91 1.33 -41.53 18.29
CA THR B 91 0.12 -42.27 17.96
C THR B 91 -0.56 -41.65 16.75
N LYS B 92 -0.98 -42.48 15.80
CA LYS B 92 -1.69 -42.03 14.62
C LYS B 92 -3.18 -41.92 14.87
N THR B 93 -3.77 -40.78 14.50
CA THR B 93 -5.20 -40.71 14.32
C THR B 93 -5.61 -41.46 13.05
N GLU B 94 -6.92 -41.65 12.88
CA GLU B 94 -7.43 -42.24 11.65
C GLU B 94 -7.33 -41.31 10.45
N MET B 95 -7.29 -40.00 10.65
CA MET B 95 -7.18 -39.06 9.53
C MET B 95 -5.72 -38.99 9.09
N GLU B 96 -5.42 -39.59 7.94
CA GLU B 96 -4.08 -39.51 7.38
C GLU B 96 -3.68 -38.09 7.00
N GLU B 97 -4.64 -37.26 6.58
CA GLU B 97 -4.33 -35.85 6.35
C GLU B 97 -3.88 -35.15 7.62
N PHE B 98 -4.48 -35.48 8.76
CA PHE B 98 -4.05 -34.88 10.02
C PHE B 98 -2.69 -35.41 10.46
N ASN B 99 -2.48 -36.72 10.39
CA ASN B 99 -1.21 -37.31 10.78
C ASN B 99 -0.05 -36.74 9.97
N ARG B 100 -0.24 -36.54 8.67
CA ARG B 100 0.87 -36.11 7.82
C ARG B 100 1.34 -34.71 8.16
N VAL B 101 0.40 -33.78 8.40
CA VAL B 101 0.79 -32.42 8.79
C VAL B 101 1.53 -32.42 10.11
N LEU B 102 1.08 -33.24 11.06
CA LEU B 102 1.77 -33.37 12.34
C LEU B 102 3.13 -34.05 12.21
N GLY B 103 3.40 -34.71 11.09
CA GLY B 103 4.62 -35.46 10.98
C GLY B 103 4.53 -36.83 11.60
N GLY B 104 3.77 -37.71 10.94
CA GLY B 104 3.63 -39.09 11.37
C GLY B 104 2.61 -39.36 12.45
N GLY B 105 2.33 -38.40 13.32
CA GLY B 105 1.34 -38.63 14.35
C GLY B 105 1.41 -37.59 15.44
N VAL B 106 0.55 -37.78 16.44
CA VAL B 106 0.52 -36.93 17.62
C VAL B 106 1.66 -37.33 18.54
N VAL B 107 2.53 -36.38 18.86
CA VAL B 107 3.68 -36.62 19.72
C VAL B 107 3.25 -36.35 21.16
N PRO B 108 3.33 -37.34 22.06
CA PRO B 108 3.00 -37.08 23.46
C PRO B 108 3.94 -36.04 24.07
N GLY B 109 3.36 -35.13 24.85
CA GLY B 109 4.09 -34.01 25.39
C GLY B 109 4.30 -32.85 24.44
N SER B 110 3.78 -32.92 23.22
CA SER B 110 3.82 -31.78 22.33
C SER B 110 2.70 -30.80 22.67
N LEU B 111 2.89 -29.56 22.25
CA LEU B 111 1.81 -28.59 22.15
C LEU B 111 1.58 -28.27 20.69
N VAL B 112 0.35 -28.42 20.23
CA VAL B 112 -0.05 -28.02 18.89
C VAL B 112 -1.02 -26.84 19.03
N LEU B 113 -0.72 -25.76 18.32
CA LEU B 113 -1.56 -24.58 18.29
C LEU B 113 -2.19 -24.48 16.91
N ILE B 114 -3.51 -24.59 16.84
CA ILE B 114 -4.23 -24.49 15.58
C ILE B 114 -4.86 -23.10 15.49
N GLY B 115 -4.33 -22.28 14.60
CA GLY B 115 -4.95 -21.03 14.23
C GLY B 115 -5.79 -21.16 12.96
N GLY B 116 -6.61 -20.16 12.73
CA GLY B 116 -7.37 -20.09 11.51
C GLY B 116 -8.61 -19.25 11.68
N ASP B 117 -9.12 -18.76 10.54
CA ASP B 117 -10.22 -17.82 10.55
C ASP B 117 -11.43 -18.40 11.28
N PRO B 118 -12.31 -17.54 11.79
CA PRO B 118 -13.56 -18.03 12.38
C PRO B 118 -14.42 -18.78 11.37
N GLY B 119 -15.01 -19.88 11.84
CA GLY B 119 -15.86 -20.69 11.01
C GLY B 119 -15.15 -21.75 10.17
N ILE B 120 -13.83 -21.69 10.05
CA ILE B 120 -13.15 -22.50 9.05
C ILE B 120 -13.19 -23.99 9.37
N GLY B 121 -13.41 -24.38 10.63
CA GLY B 121 -13.54 -25.79 10.93
C GLY B 121 -12.68 -26.30 12.07
N LYS B 122 -12.06 -25.39 12.82
CA LYS B 122 -11.09 -25.79 13.84
C LYS B 122 -11.72 -26.69 14.89
N SER B 123 -12.85 -26.25 15.47
CA SER B 123 -13.51 -27.08 16.49
C SER B 123 -14.09 -28.36 15.90
N THR B 124 -14.51 -28.36 14.64
CA THR B 124 -14.94 -29.61 14.01
C THR B 124 -13.78 -30.58 13.88
N LEU B 125 -12.66 -30.11 13.33
CA LEU B 125 -11.47 -30.94 13.20
C LEU B 125 -11.06 -31.53 14.54
N LEU B 126 -10.96 -30.66 15.56
CA LEU B 126 -10.53 -31.13 16.87
C LEU B 126 -11.52 -32.09 17.50
N LEU B 127 -12.83 -31.88 17.29
CA LEU B 127 -13.79 -32.85 17.81
C LEU B 127 -13.66 -34.19 17.12
N GLN B 128 -13.46 -34.19 15.79
CA GLN B 128 -13.25 -35.43 15.06
C GLN B 128 -12.04 -36.18 15.58
N VAL B 129 -10.89 -35.51 15.65
CA VAL B 129 -9.68 -36.17 16.13
C VAL B 129 -9.84 -36.60 17.59
N SER B 130 -10.55 -35.82 18.40
CA SER B 130 -10.80 -36.25 19.77
C SER B 130 -11.58 -37.55 19.82
N THR B 131 -12.61 -37.68 18.97
CA THR B 131 -13.37 -38.93 18.92
C THR B 131 -12.46 -40.09 18.51
N GLN B 132 -11.67 -39.89 17.46
CA GLN B 132 -10.81 -40.97 16.97
C GLN B 132 -9.77 -41.37 18.01
N LEU B 133 -9.10 -40.39 18.62
CA LEU B 133 -8.12 -40.67 19.67
C LEU B 133 -8.75 -41.31 20.90
N SER B 134 -10.02 -41.01 21.19
CA SER B 134 -10.68 -41.64 22.32
C SER B 134 -10.80 -43.16 22.17
N GLN B 135 -10.66 -43.68 20.96
CA GLN B 135 -10.57 -45.12 20.78
C GLN B 135 -9.25 -45.70 21.29
N VAL B 136 -8.21 -44.88 21.39
CA VAL B 136 -6.89 -45.37 21.74
C VAL B 136 -6.37 -44.82 23.07
N GLY B 137 -6.95 -43.75 23.59
CA GLY B 137 -6.52 -43.18 24.85
C GLY B 137 -7.58 -42.26 25.39
N THR B 138 -7.39 -41.85 26.64
CA THR B 138 -8.33 -40.93 27.29
C THR B 138 -8.15 -39.51 26.76
N VAL B 139 -9.27 -38.87 26.44
CA VAL B 139 -9.29 -37.53 25.84
C VAL B 139 -10.12 -36.62 26.73
N LEU B 140 -9.62 -35.41 26.97
CA LEU B 140 -10.38 -34.37 27.64
C LEU B 140 -10.53 -33.20 26.69
N TYR B 141 -11.78 -32.83 26.38
CA TYR B 141 -12.09 -31.70 25.53
C TYR B 141 -12.57 -30.55 26.40
N VAL B 142 -11.83 -29.44 26.41
CA VAL B 142 -12.12 -28.30 27.26
C VAL B 142 -12.51 -27.13 26.38
N SER B 143 -13.62 -26.46 26.72
CA SER B 143 -14.19 -25.43 25.88
C SER B 143 -14.70 -24.29 26.76
N GLY B 144 -14.13 -23.10 26.60
CA GLY B 144 -14.74 -21.91 27.15
C GLY B 144 -15.83 -21.32 26.28
N GLU B 145 -15.57 -21.24 24.98
CA GLU B 145 -16.41 -20.52 24.03
C GLU B 145 -17.70 -21.24 23.69
N GLU B 146 -17.82 -22.53 24.01
CA GLU B 146 -19.00 -23.30 23.66
C GLU B 146 -19.43 -24.16 24.84
N SER B 147 -20.75 -24.28 25.02
CA SER B 147 -21.31 -25.09 26.09
C SER B 147 -21.46 -26.54 25.66
N ALA B 148 -21.50 -27.43 26.66
CA ALA B 148 -21.43 -28.87 26.41
C ALA B 148 -22.54 -29.35 25.49
N GLN B 149 -23.72 -28.74 25.55
CA GLN B 149 -24.82 -29.18 24.70
C GLN B 149 -24.54 -28.92 23.22
N GLN B 150 -23.93 -27.77 22.91
CA GLN B 150 -23.54 -27.50 21.53
C GLN B 150 -22.53 -28.53 21.03
N ILE B 151 -21.55 -28.86 21.86
CA ILE B 151 -20.52 -29.81 21.46
C ILE B 151 -21.10 -31.20 21.25
N LYS B 152 -21.97 -31.65 22.16
CA LYS B 152 -22.64 -32.92 21.93
C LYS B 152 -23.53 -32.90 20.68
N LEU B 153 -24.21 -31.79 20.42
CA LEU B 153 -25.00 -31.69 19.18
C LEU B 153 -24.13 -31.84 17.94
N ARG B 154 -22.94 -31.22 17.95
CA ARG B 154 -22.00 -31.42 16.85
C ARG B 154 -21.51 -32.87 16.79
N ALA B 155 -21.22 -33.46 17.94
CA ALA B 155 -20.75 -34.84 17.96
C ALA B 155 -21.78 -35.79 17.37
N GLU B 156 -23.04 -35.62 17.76
CA GLU B 156 -24.10 -36.45 17.18
C GLU B 156 -24.33 -36.13 15.71
N ARG B 157 -23.99 -34.92 15.27
CA ARG B 157 -24.03 -34.65 13.83
C ARG B 157 -22.91 -35.38 13.11
N LEU B 158 -21.81 -35.63 13.83
CA LEU B 158 -20.66 -36.37 13.29
C LEU B 158 -20.75 -37.86 13.60
N GLY B 159 -21.10 -38.21 14.84
CA GLY B 159 -21.29 -39.58 15.25
C GLY B 159 -20.03 -40.36 15.55
N ASP B 160 -19.86 -40.78 16.80
CA ASP B 160 -18.85 -41.73 17.19
C ASP B 160 -19.30 -42.46 18.45
N ILE B 161 -18.70 -43.62 18.70
CA ILE B 161 -18.94 -44.34 19.96
C ILE B 161 -18.50 -43.50 21.15
N ASP B 162 -17.40 -42.76 21.00
CA ASP B 162 -16.91 -41.83 22.01
C ASP B 162 -16.60 -42.56 23.32
N SER B 163 -15.90 -43.68 23.18
CA SER B 163 -15.76 -44.64 24.28
C SER B 163 -15.20 -44.01 25.54
N GLU B 164 -14.15 -43.20 25.42
CA GLU B 164 -13.49 -42.60 26.57
C GLU B 164 -13.39 -41.07 26.39
N PHE B 165 -14.33 -40.49 25.65
CA PHE B 165 -14.27 -39.07 25.27
C PHE B 165 -14.95 -38.25 26.36
N TYR B 166 -14.14 -37.65 27.24
CA TYR B 166 -14.61 -36.71 28.24
C TYR B 166 -14.75 -35.30 27.69
N LEU B 167 -15.75 -34.58 28.21
CA LEU B 167 -16.08 -33.24 27.77
C LEU B 167 -16.25 -32.34 28.99
N TYR B 168 -15.68 -31.14 28.94
CA TYR B 168 -15.59 -30.29 30.14
C TYR B 168 -15.60 -28.83 29.70
N ALA B 169 -16.75 -28.19 29.85
CA ALA B 169 -16.89 -26.75 29.59
C ALA B 169 -16.39 -25.94 30.78
N GLU B 170 -15.32 -25.17 30.58
CA GLU B 170 -14.69 -24.49 31.71
C GLU B 170 -13.84 -23.33 31.20
N THR B 171 -13.59 -22.37 32.09
CA THR B 171 -12.74 -21.23 31.79
C THR B 171 -11.66 -20.95 32.84
N ASN B 172 -11.82 -21.41 34.08
CA ASN B 172 -10.87 -21.13 35.15
C ASN B 172 -9.73 -22.15 35.09
N MET B 173 -8.50 -21.64 34.98
CA MET B 173 -7.34 -22.52 34.79
C MET B 173 -7.11 -23.47 35.95
N GLN B 174 -7.29 -23.01 37.19
CA GLN B 174 -7.15 -23.93 38.32
C GLN B 174 -8.18 -25.06 38.28
N SER B 175 -9.42 -24.74 37.90
CA SER B 175 -10.46 -25.75 37.78
C SER B 175 -10.25 -26.74 36.64
N VAL B 176 -9.62 -26.34 35.54
CA VAL B 176 -9.22 -27.34 34.55
C VAL B 176 -7.99 -28.13 35.01
N ARG B 177 -6.98 -27.47 35.56
CA ARG B 177 -5.79 -28.18 36.01
C ARG B 177 -6.12 -29.24 37.05
N ALA B 178 -7.08 -28.94 37.94
CA ALA B 178 -7.48 -29.93 38.94
C ALA B 178 -8.11 -31.16 38.30
N GLU B 179 -8.96 -30.97 37.30
CA GLU B 179 -9.58 -32.10 36.63
C GLU B 179 -8.57 -32.88 35.81
N VAL B 180 -7.68 -32.17 35.10
CA VAL B 180 -6.58 -32.80 34.37
C VAL B 180 -5.75 -33.69 35.29
N GLU B 181 -5.49 -33.23 36.51
CA GLU B 181 -4.71 -34.02 37.47
C GLU B 181 -5.48 -35.20 38.06
N ARG B 182 -6.72 -35.44 37.64
CA ARG B 182 -7.44 -36.64 38.07
C ARG B 182 -7.87 -37.53 36.91
N ILE B 183 -8.27 -36.93 35.78
CA ILE B 183 -8.56 -37.69 34.57
C ILE B 183 -7.28 -38.25 33.97
N GLN B 184 -6.16 -37.55 34.17
CA GLN B 184 -4.88 -37.92 33.58
C GLN B 184 -5.01 -38.13 32.06
N PRO B 185 -5.52 -37.14 31.33
CA PRO B 185 -5.84 -37.35 29.91
C PRO B 185 -4.58 -37.56 29.09
N ASP B 186 -4.60 -38.59 28.25
CA ASP B 186 -3.53 -38.74 27.26
C ASP B 186 -3.53 -37.60 26.25
N PHE B 187 -4.69 -37.01 25.98
CA PHE B 187 -4.82 -35.92 25.04
C PHE B 187 -5.73 -34.85 25.64
N LEU B 188 -5.34 -33.59 25.50
CA LEU B 188 -6.11 -32.47 26.02
C LEU B 188 -6.36 -31.47 24.90
N ILE B 189 -7.62 -31.12 24.68
CA ILE B 189 -8.01 -30.10 23.72
C ILE B 189 -8.41 -28.85 24.50
N ILE B 190 -7.91 -27.70 24.06
CA ILE B 190 -8.25 -26.40 24.64
C ILE B 190 -8.94 -25.60 23.54
N ASP B 191 -10.27 -25.57 23.55
CA ASP B 191 -11.02 -25.13 22.38
C ASP B 191 -10.90 -23.64 22.09
N SER B 192 -10.38 -22.84 23.02
CA SER B 192 -9.78 -21.57 22.65
C SER B 192 -8.94 -21.02 23.80
N ILE B 193 -7.68 -20.68 23.52
CA ILE B 193 -6.81 -20.11 24.54
C ILE B 193 -7.27 -18.72 24.98
N GLN B 194 -7.76 -17.90 24.05
CA GLN B 194 -8.29 -16.58 24.38
C GLN B 194 -9.54 -16.59 25.24
N THR B 195 -10.16 -17.74 25.51
CA THR B 195 -11.36 -17.78 26.34
C THR B 195 -11.14 -18.45 27.69
N ILE B 196 -9.89 -18.70 28.06
CA ILE B 196 -9.54 -19.36 29.31
C ILE B 196 -8.61 -18.43 30.09
N MET B 197 -8.82 -18.37 31.41
CA MET B 197 -8.21 -17.35 32.26
C MET B 197 -7.55 -18.01 33.45
N SER B 198 -6.38 -17.50 33.83
CA SER B 198 -5.86 -17.74 35.16
C SER B 198 -6.63 -16.87 36.15
N PRO B 199 -6.84 -17.37 37.37
CA PRO B 199 -7.36 -16.50 38.44
C PRO B 199 -6.33 -15.49 38.94
N GLU B 200 -5.04 -15.77 38.77
CA GLU B 200 -4.00 -14.84 39.20
C GLU B 200 -4.10 -13.51 38.44
N ILE B 201 -4.04 -13.55 37.11
CA ILE B 201 -3.87 -12.35 36.33
C ILE B 201 -5.18 -11.57 36.24
N SER B 202 -5.13 -10.29 36.58
CA SER B 202 -6.32 -9.44 36.58
C SER B 202 -6.87 -9.19 35.18
N GLY B 203 -6.03 -9.30 34.15
CA GLY B 203 -6.43 -8.89 32.82
C GLY B 203 -7.61 -9.66 32.27
N VAL B 204 -8.23 -9.07 31.25
CA VAL B 204 -9.33 -9.71 30.53
C VAL B 204 -8.86 -10.99 29.86
N GLN B 205 -9.84 -11.81 29.45
CA GLN B 205 -9.55 -13.17 29.02
C GLN B 205 -8.67 -13.21 27.78
N GLY B 206 -8.80 -12.23 26.88
CA GLY B 206 -7.91 -12.17 25.76
C GLY B 206 -6.60 -11.44 26.00
N SER B 207 -6.33 -11.02 27.23
CA SER B 207 -5.19 -10.15 27.50
C SER B 207 -3.88 -10.88 27.28
N VAL B 208 -2.87 -10.12 26.85
CA VAL B 208 -1.54 -10.67 26.59
C VAL B 208 -0.98 -11.40 27.81
N SER B 209 -1.14 -10.81 29.00
CA SER B 209 -0.61 -11.45 30.20
C SER B 209 -1.39 -12.70 30.58
N GLN B 210 -2.70 -12.71 30.34
CA GLN B 210 -3.47 -13.92 30.56
C GLN B 210 -3.02 -15.03 29.63
N VAL B 211 -2.94 -14.73 28.34
CA VAL B 211 -2.50 -15.73 27.36
C VAL B 211 -1.11 -16.26 27.71
N ARG B 212 -0.19 -15.38 28.09
CA ARG B 212 1.14 -15.81 28.52
C ARG B 212 1.08 -16.77 29.70
N GLU B 213 0.34 -16.41 30.75
CA GLU B 213 0.32 -17.26 31.95
C GLU B 213 -0.38 -18.60 31.69
N VAL B 214 -1.51 -18.58 30.97
CA VAL B 214 -2.19 -19.84 30.67
C VAL B 214 -1.31 -20.73 29.80
N THR B 215 -0.65 -20.17 28.78
CA THR B 215 0.17 -21.00 27.92
C THR B 215 1.40 -21.55 28.63
N ALA B 216 1.98 -20.79 29.57
CA ALA B 216 3.06 -21.35 30.38
C ALA B 216 2.57 -22.46 31.30
N GLU B 217 1.35 -22.35 31.83
CA GLU B 217 0.84 -23.42 32.66
C GLU B 217 0.52 -24.67 31.84
N LEU B 218 -0.10 -24.49 30.67
CA LEU B 218 -0.31 -25.60 29.75
C LEU B 218 1.01 -26.27 29.34
N MET B 219 2.04 -25.48 29.08
CA MET B 219 3.33 -26.06 28.73
C MET B 219 3.94 -26.84 29.90
N GLN B 220 3.72 -26.38 31.13
CA GLN B 220 4.11 -27.22 32.28
C GLN B 220 3.34 -28.53 32.31
N LEU B 221 2.02 -28.47 32.13
CA LEU B 221 1.21 -29.69 32.15
C LEU B 221 1.69 -30.68 31.09
N ALA B 222 1.85 -30.19 29.85
CA ALA B 222 2.32 -31.02 28.74
C ALA B 222 3.66 -31.66 29.07
N LYS B 223 4.67 -30.86 29.43
CA LYS B 223 6.01 -31.41 29.54
C LYS B 223 6.16 -32.28 30.78
N THR B 224 5.37 -32.02 31.82
CA THR B 224 5.45 -32.85 33.02
C THR B 224 4.74 -34.18 32.82
N ASN B 225 3.50 -34.16 32.33
CA ASN B 225 2.63 -35.33 32.39
C ASN B 225 2.51 -36.07 31.05
N ASN B 226 3.35 -35.72 30.07
CA ASN B 226 3.33 -36.27 28.71
C ASN B 226 2.00 -36.05 28.00
N ILE B 227 1.13 -35.20 28.52
CA ILE B 227 -0.11 -34.87 27.84
C ILE B 227 0.18 -34.17 26.53
N ALA B 228 -0.40 -34.65 25.44
CA ALA B 228 -0.44 -33.89 24.20
C ALA B 228 -1.58 -32.89 24.27
N ILE B 229 -1.26 -31.62 24.07
CA ILE B 229 -2.24 -30.53 24.16
C ILE B 229 -2.46 -29.94 22.78
N PHE B 230 -3.73 -29.87 22.37
CA PHE B 230 -4.14 -29.18 21.16
C PHE B 230 -4.82 -27.87 21.56
N ILE B 231 -4.26 -26.75 21.12
CA ILE B 231 -4.75 -25.42 21.49
C ILE B 231 -5.32 -24.77 20.25
N VAL B 232 -6.55 -24.26 20.35
CA VAL B 232 -7.12 -23.45 19.28
C VAL B 232 -6.78 -21.99 19.57
N GLY B 233 -6.20 -21.32 18.57
CA GLY B 233 -5.80 -19.93 18.69
C GLY B 233 -6.70 -19.04 17.87
N HIS B 234 -7.17 -17.96 18.48
CA HIS B 234 -7.83 -16.91 17.72
C HIS B 234 -6.82 -16.20 16.83
N VAL B 235 -7.31 -15.63 15.75
CA VAL B 235 -6.49 -15.03 14.72
C VAL B 235 -6.89 -13.57 14.54
N THR B 236 -5.92 -12.70 14.27
CA THR B 236 -6.22 -11.32 14.00
C THR B 236 -6.74 -11.15 12.56
N LYS B 237 -7.25 -9.95 12.27
CA LYS B 237 -7.67 -9.62 10.91
C LYS B 237 -6.54 -9.65 9.89
N GLU B 238 -5.28 -9.69 10.34
CA GLU B 238 -4.18 -9.96 9.42
C GLU B 238 -4.22 -11.37 8.87
N GLY B 239 -4.78 -12.31 9.63
CA GLY B 239 -4.67 -13.72 9.33
C GLY B 239 -3.55 -14.44 10.06
N THR B 240 -2.91 -13.79 11.02
CA THR B 240 -1.84 -14.38 11.82
C THR B 240 -2.33 -14.54 13.26
N LEU B 241 -1.80 -15.53 13.94
CA LEU B 241 -2.19 -15.82 15.32
C LEU B 241 -2.11 -14.57 16.18
N ALA B 242 -3.13 -14.36 17.00
CA ALA B 242 -3.14 -13.27 17.96
C ALA B 242 -2.29 -13.60 19.18
N GLY B 243 -2.21 -12.64 20.10
CA GLY B 243 -1.52 -12.81 21.35
C GLY B 243 -0.03 -12.57 21.25
N PRO B 244 0.68 -12.78 22.35
CA PRO B 244 2.12 -12.56 22.34
C PRO B 244 2.84 -13.57 21.44
N ARG B 245 3.82 -13.08 20.68
CA ARG B 245 4.65 -13.94 19.85
C ARG B 245 5.39 -14.99 20.66
N MET B 246 5.55 -14.75 21.97
CA MET B 246 6.01 -15.81 22.87
C MET B 246 5.19 -17.09 22.69
N LEU B 247 3.89 -16.96 22.43
CA LEU B 247 3.05 -18.14 22.27
C LEU B 247 3.52 -19.01 21.10
N GLU B 248 3.77 -18.39 19.95
CA GLU B 248 4.33 -19.14 18.82
C GLU B 248 5.73 -19.64 19.10
N HIS B 249 6.51 -18.92 19.90
CA HIS B 249 7.83 -19.43 20.27
C HIS B 249 7.78 -20.63 21.22
N MET B 250 6.79 -20.71 22.10
CA MET B 250 6.80 -21.71 23.16
C MET B 250 6.22 -23.06 22.76
N VAL B 251 5.12 -23.09 22.00
CA VAL B 251 4.50 -24.35 21.58
C VAL B 251 5.46 -25.14 20.70
N ASP B 252 5.16 -26.41 20.48
CA ASP B 252 5.97 -27.27 19.63
C ASP B 252 5.54 -27.24 18.17
N THR B 253 4.24 -27.16 17.91
CA THR B 253 3.70 -27.18 16.55
C THR B 253 2.74 -26.02 16.39
N VAL B 254 2.83 -25.32 15.25
CA VAL B 254 1.89 -24.27 14.90
C VAL B 254 1.25 -24.63 13.57
N LEU B 255 -0.07 -24.83 13.58
CA LEU B 255 -0.85 -25.08 12.38
C LEU B 255 -1.68 -23.84 12.06
N TYR B 256 -1.81 -23.53 10.77
CA TYR B 256 -2.85 -22.66 10.27
C TYR B 256 -3.88 -23.46 9.50
N PHE B 257 -5.15 -23.09 9.67
CA PHE B 257 -6.26 -23.72 8.97
C PHE B 257 -6.94 -22.64 8.15
N GLU B 258 -6.97 -22.81 6.84
CA GLU B 258 -7.46 -21.73 5.98
C GLU B 258 -8.02 -22.28 4.68
N GLY B 259 -8.86 -21.48 4.03
CA GLY B 259 -9.45 -21.84 2.75
C GLY B 259 -10.19 -20.69 2.12
N GLU B 260 -9.80 -20.32 0.90
CA GLU B 260 -10.40 -19.20 0.18
C GLU B 260 -11.74 -19.57 -0.46
N ARG B 261 -12.57 -18.55 -0.66
CA ARG B 261 -13.97 -18.75 -1.05
C ARG B 261 -14.13 -19.33 -2.45
N HIS B 262 -13.09 -19.24 -3.29
CA HIS B 262 -13.14 -19.85 -4.61
C HIS B 262 -13.25 -21.37 -4.55
N HIS B 263 -12.95 -21.98 -3.42
CA HIS B 263 -13.00 -23.43 -3.28
C HIS B 263 -13.78 -23.80 -2.03
N THR B 264 -14.20 -25.06 -1.99
CA THR B 264 -14.74 -25.66 -0.78
C THR B 264 -13.67 -26.30 0.09
N PHE B 265 -12.45 -26.42 -0.41
CA PHE B 265 -11.40 -27.13 0.29
C PHE B 265 -10.86 -26.29 1.45
N ARG B 266 -10.46 -26.99 2.51
CA ARG B 266 -9.85 -26.40 3.69
C ARG B 266 -8.45 -26.98 3.83
N ILE B 267 -7.44 -26.10 3.81
CA ILE B 267 -6.05 -26.52 3.78
C ILE B 267 -5.43 -26.31 5.16
N LEU B 268 -4.95 -27.41 5.75
CA LEU B 268 -4.27 -27.38 7.04
C LEU B 268 -2.77 -27.46 6.78
N ARG B 269 -2.03 -26.46 7.25
CA ARG B 269 -0.59 -26.39 7.01
C ARG B 269 0.14 -26.01 8.29
N ALA B 270 1.34 -26.55 8.44
CA ALA B 270 2.22 -26.24 9.55
C ALA B 270 3.22 -25.16 9.16
N VAL B 271 3.26 -24.08 9.95
CA VAL B 271 4.32 -23.08 9.77
C VAL B 271 5.52 -23.36 10.68
N LYS B 272 5.33 -24.14 11.73
CA LYS B 272 6.40 -24.59 12.60
C LYS B 272 6.03 -25.99 13.06
N ASN B 273 7.02 -26.88 13.13
CA ASN B 273 6.77 -28.21 13.69
C ASN B 273 8.09 -28.78 14.21
N ARG B 274 8.32 -28.68 15.51
CA ARG B 274 9.55 -29.19 16.10
C ARG B 274 9.73 -30.69 15.95
N PHE B 275 8.69 -31.42 15.54
CA PHE B 275 8.76 -32.87 15.44
C PHE B 275 8.55 -33.42 14.03
N GLY B 276 8.45 -32.55 13.02
CA GLY B 276 8.23 -33.07 11.67
C GLY B 276 8.40 -31.98 10.65
N SER B 277 8.44 -32.41 9.39
CA SER B 277 8.60 -31.49 8.28
C SER B 277 7.42 -30.54 8.19
N THR B 278 7.72 -29.25 8.00
CA THR B 278 6.69 -28.25 7.79
C THR B 278 6.24 -28.14 6.35
N ASN B 279 6.77 -28.98 5.46
CA ASN B 279 6.33 -28.95 4.07
C ASN B 279 5.06 -29.76 3.82
N GLU B 280 4.66 -30.63 4.74
CA GLU B 280 3.45 -31.41 4.56
C GLU B 280 2.23 -30.52 4.80
N ILE B 281 1.26 -30.58 3.88
CA ILE B 281 -0.01 -29.91 4.07
C ILE B 281 -1.14 -30.92 3.91
N GLY B 282 -2.24 -30.67 4.61
CA GLY B 282 -3.41 -31.52 4.56
C GLY B 282 -4.61 -30.74 4.05
N ILE B 283 -5.37 -31.36 3.16
CA ILE B 283 -6.54 -30.72 2.55
C ILE B 283 -7.78 -31.47 2.99
N PHE B 284 -8.75 -30.73 3.53
CA PHE B 284 -10.07 -31.25 3.86
C PHE B 284 -11.13 -30.48 3.10
N GLU B 285 -12.27 -31.11 2.88
CA GLU B 285 -13.49 -30.43 2.46
C GLU B 285 -14.47 -30.40 3.63
N MET B 286 -15.04 -29.24 3.90
CA MET B 286 -16.11 -29.15 4.88
C MET B 286 -17.42 -29.65 4.27
N GLN B 287 -18.07 -30.57 4.97
CA GLN B 287 -19.34 -31.12 4.54
C GLN B 287 -20.26 -31.20 5.75
N SER B 288 -21.56 -31.32 5.48
CA SER B 288 -22.46 -31.77 6.52
C SER B 288 -22.02 -33.14 7.03
N GLY B 289 -22.02 -33.29 8.35
CA GLY B 289 -21.46 -34.48 8.98
C GLY B 289 -19.96 -34.52 9.13
N GLY B 290 -19.27 -33.40 8.97
CA GLY B 290 -17.88 -33.29 9.36
C GLY B 290 -16.97 -32.87 8.22
N LEU B 291 -15.70 -32.68 8.58
CA LEU B 291 -14.62 -32.52 7.61
C LEU B 291 -14.23 -33.87 7.04
N VAL B 292 -14.28 -34.00 5.71
CA VAL B 292 -13.86 -35.20 5.01
C VAL B 292 -12.60 -34.91 4.21
N GLU B 293 -11.65 -35.85 4.25
CA GLU B 293 -10.44 -35.75 3.43
C GLU B 293 -10.78 -35.73 1.95
N VAL B 294 -10.04 -34.94 1.19
CA VAL B 294 -10.09 -34.97 -0.27
C VAL B 294 -8.83 -35.68 -0.77
N LEU B 295 -9.02 -36.74 -1.54
CA LEU B 295 -7.92 -37.63 -1.89
C LEU B 295 -7.18 -37.18 -3.15
N ASN B 296 -7.88 -36.53 -4.07
CA ASN B 296 -7.25 -35.86 -5.19
C ASN B 296 -7.44 -34.36 -5.05
N PRO B 297 -6.39 -33.60 -4.77
CA PRO B 297 -6.53 -32.13 -4.72
C PRO B 297 -6.97 -31.51 -6.03
N SER B 298 -6.76 -32.18 -7.16
CA SER B 298 -6.92 -31.57 -8.48
C SER B 298 -7.87 -32.43 -9.31
N GLN B 299 -9.18 -32.19 -9.16
CA GLN B 299 -10.17 -32.83 -10.01
C GLN B 299 -10.09 -32.35 -11.45
N VAL B 300 -9.46 -31.19 -11.68
CA VAL B 300 -9.58 -30.51 -12.97
C VAL B 300 -8.90 -31.26 -14.10
N PHE B 301 -8.03 -32.23 -13.80
CA PHE B 301 -7.45 -33.07 -14.83
C PHE B 301 -8.31 -34.29 -15.17
N LEU B 302 -9.28 -34.63 -14.32
CA LEU B 302 -9.81 -36.00 -14.27
C LEU B 302 -10.47 -36.43 -15.57
N GLU B 303 -10.82 -35.49 -16.45
CA GLU B 303 -11.70 -35.79 -17.58
C GLU B 303 -11.07 -36.81 -18.52
N GLU B 304 -11.64 -38.01 -18.57
CA GLU B 304 -11.22 -39.01 -19.53
C GLU B 304 -11.35 -38.46 -20.95
N ARG B 305 -10.32 -38.67 -21.76
CA ARG B 305 -10.20 -37.97 -23.02
C ARG B 305 -11.15 -38.54 -24.07
N LEU B 306 -11.59 -37.67 -24.97
CA LEU B 306 -12.28 -38.10 -26.18
C LEU B 306 -11.37 -38.97 -27.03
N ASP B 307 -11.97 -39.66 -28.00
CA ASP B 307 -11.20 -40.22 -29.09
C ASP B 307 -10.63 -39.09 -29.95
N GLY B 308 -9.40 -39.27 -30.41
CA GLY B 308 -8.66 -38.16 -30.98
C GLY B 308 -7.94 -37.41 -29.86
N ALA B 309 -8.58 -36.36 -29.35
CA ALA B 309 -8.09 -35.60 -28.19
C ALA B 309 -6.63 -35.20 -28.34
N THR B 310 -6.18 -34.97 -29.56
CA THR B 310 -4.82 -34.54 -29.77
C THR B 310 -4.61 -33.14 -29.21
N GLY B 311 -3.37 -32.87 -28.80
CA GLY B 311 -3.05 -31.57 -28.24
C GLY B 311 -3.30 -31.45 -26.77
N SER B 312 -3.23 -32.54 -26.02
CA SER B 312 -3.32 -32.50 -24.57
C SER B 312 -2.07 -33.14 -23.97
N SER B 313 -1.60 -32.56 -22.86
CA SER B 313 -0.52 -33.13 -22.08
C SER B 313 -0.76 -32.80 -20.62
N ILE B 314 -0.08 -33.53 -19.75
CA ILE B 314 -0.23 -33.36 -18.30
C ILE B 314 1.13 -33.12 -17.68
N VAL B 315 1.19 -32.18 -16.75
CA VAL B 315 2.41 -31.82 -16.04
C VAL B 315 2.13 -31.88 -14.54
N VAL B 316 3.07 -32.45 -13.78
CA VAL B 316 3.05 -32.25 -12.34
C VAL B 316 3.68 -30.90 -12.02
N THR B 317 2.85 -29.85 -12.02
CA THR B 317 3.26 -28.53 -11.58
C THR B 317 3.11 -28.43 -10.06
N MET B 318 3.13 -27.20 -9.53
CA MET B 318 3.22 -26.96 -8.10
C MET B 318 2.38 -25.74 -7.76
N GLU B 319 1.74 -25.79 -6.59
CA GLU B 319 1.02 -24.64 -6.07
C GLU B 319 1.31 -24.53 -4.58
N GLY B 320 1.89 -23.40 -4.18
CA GLY B 320 2.45 -23.23 -2.85
C GLY B 320 3.49 -24.28 -2.52
N THR B 321 3.12 -25.25 -1.68
CA THR B 321 3.99 -26.38 -1.39
C THR B 321 3.46 -27.71 -1.93
N ARG B 322 2.16 -27.83 -2.18
CA ARG B 322 1.62 -29.11 -2.60
C ARG B 322 1.87 -29.30 -4.09
N PRO B 323 2.39 -30.45 -4.52
CA PRO B 323 2.31 -30.79 -5.94
C PRO B 323 0.86 -30.91 -6.36
N ILE B 324 0.51 -30.27 -7.47
CA ILE B 324 -0.80 -30.44 -8.09
C ILE B 324 -0.58 -30.78 -9.56
N LEU B 325 -1.39 -31.69 -10.06
CA LEU B 325 -1.24 -32.20 -11.42
C LEU B 325 -2.32 -31.57 -12.30
N ALA B 326 -1.91 -30.99 -13.41
CA ALA B 326 -2.80 -30.16 -14.22
C ALA B 326 -2.58 -30.46 -15.68
N GLU B 327 -3.64 -30.30 -16.46
CA GLU B 327 -3.61 -30.52 -17.90
C GLU B 327 -3.32 -29.23 -18.64
N VAL B 328 -2.41 -29.30 -19.62
CA VAL B 328 -2.21 -28.25 -20.61
C VAL B 328 -2.82 -28.72 -21.92
N GLN B 329 -3.56 -27.85 -22.58
CA GLN B 329 -4.09 -28.11 -23.90
C GLN B 329 -3.60 -27.07 -24.90
N ALA B 330 -3.41 -27.49 -26.15
CA ALA B 330 -3.07 -26.58 -27.22
C ALA B 330 -3.87 -26.94 -28.47
N LEU B 331 -4.13 -25.92 -29.30
CA LEU B 331 -4.79 -26.10 -30.58
C LEU B 331 -4.02 -25.30 -31.63
N VAL B 332 -3.35 -25.98 -32.54
CA VAL B 332 -2.54 -25.38 -33.59
C VAL B 332 -3.29 -25.49 -34.92
N THR B 333 -3.41 -24.37 -35.62
CA THR B 333 -4.23 -24.30 -36.83
C THR B 333 -3.55 -23.35 -37.81
N PRO B 334 -3.77 -23.55 -39.12
CA PRO B 334 -3.08 -22.72 -40.11
C PRO B 334 -3.47 -21.25 -40.00
N THR B 335 -2.45 -20.39 -39.97
CA THR B 335 -2.67 -18.94 -40.01
C THR B 335 -3.37 -18.55 -41.31
N MET B 336 -4.27 -17.57 -41.21
CA MET B 336 -4.87 -16.96 -42.39
C MET B 336 -4.96 -15.45 -42.19
N PHE B 337 -4.82 -14.73 -43.31
CA PHE B 337 -5.08 -13.30 -43.47
C PHE B 337 -4.60 -12.44 -42.31
N GLY B 338 -3.40 -12.71 -41.82
CA GLY B 338 -2.78 -11.81 -40.87
C GLY B 338 -1.43 -12.35 -40.44
N ASN B 339 -0.76 -11.56 -39.58
CA ASN B 339 0.40 -12.06 -38.87
C ASN B 339 -0.01 -13.18 -37.92
N ALA B 340 0.79 -14.24 -37.88
CA ALA B 340 0.48 -15.38 -37.04
C ALA B 340 0.47 -14.96 -35.58
N LYS B 341 -0.63 -15.26 -34.88
CA LYS B 341 -0.90 -14.68 -33.58
C LYS B 341 -1.19 -15.78 -32.57
N ARG B 342 -0.75 -15.55 -31.33
CA ARG B 342 -0.64 -16.59 -30.32
C ARG B 342 -1.34 -16.13 -29.05
N THR B 343 -2.21 -16.97 -28.53
CA THR B 343 -3.17 -16.58 -27.52
C THR B 343 -3.24 -17.68 -26.46
N THR B 344 -3.30 -17.28 -25.19
CA THR B 344 -3.12 -18.19 -24.08
C THR B 344 -4.10 -17.86 -22.97
N THR B 345 -4.26 -18.81 -22.05
CA THR B 345 -5.00 -18.59 -20.83
C THR B 345 -4.34 -19.39 -19.72
N GLY B 346 -4.06 -18.74 -18.60
CA GLY B 346 -3.28 -19.37 -17.55
C GLY B 346 -1.82 -19.58 -17.88
N LEU B 347 -1.34 -19.03 -19.00
CA LEU B 347 0.03 -19.20 -19.44
C LEU B 347 0.55 -17.88 -19.97
N ASP B 348 1.81 -17.58 -19.70
CA ASP B 348 2.43 -16.38 -20.24
C ASP B 348 2.70 -16.58 -21.73
N PHE B 349 2.11 -15.72 -22.56
CA PHE B 349 2.27 -15.86 -24.00
C PHE B 349 3.71 -15.66 -24.46
N ASN B 350 4.53 -14.96 -23.68
CA ASN B 350 5.95 -14.88 -23.98
C ASN B 350 6.60 -16.25 -23.89
N ARG B 351 6.28 -16.99 -22.83
CA ARG B 351 6.88 -18.30 -22.63
C ARG B 351 6.46 -19.27 -23.73
N ALA B 352 5.18 -19.21 -24.12
CA ALA B 352 4.71 -20.02 -25.23
C ALA B 352 5.40 -19.64 -26.54
N SER B 353 5.62 -18.34 -26.77
CA SER B 353 6.33 -17.93 -27.98
C SER B 353 7.76 -18.45 -28.00
N LEU B 354 8.43 -18.44 -26.84
CA LEU B 354 9.75 -19.05 -26.76
C LEU B 354 9.70 -20.53 -27.07
N ILE B 355 8.76 -21.25 -26.46
CA ILE B 355 8.69 -22.70 -26.64
C ILE B 355 8.41 -23.05 -28.11
N MET B 356 7.55 -22.26 -28.76
CA MET B 356 7.29 -22.46 -30.19
C MET B 356 8.52 -22.14 -31.03
N ALA B 357 9.34 -21.18 -30.62
CA ALA B 357 10.58 -20.93 -31.35
C ALA B 357 11.57 -22.07 -31.17
N VAL B 358 11.62 -22.64 -29.97
CA VAL B 358 12.51 -23.77 -29.72
C VAL B 358 12.09 -24.96 -30.56
N LEU B 359 10.80 -25.25 -30.59
CA LEU B 359 10.31 -26.37 -31.39
C LEU B 359 10.60 -26.15 -32.88
N GLU B 360 10.39 -24.93 -33.38
CA GLU B 360 10.66 -24.69 -34.79
C GLU B 360 12.14 -24.77 -35.13
N LYS B 361 13.01 -24.32 -34.23
CA LYS B 361 14.45 -24.45 -34.47
C LYS B 361 14.96 -25.88 -34.32
N ARG B 362 14.88 -26.43 -33.10
CA ARG B 362 15.60 -27.66 -32.78
C ARG B 362 14.92 -28.90 -33.34
N ALA B 363 13.59 -28.91 -33.45
CA ALA B 363 12.85 -30.10 -33.86
C ALA B 363 12.22 -29.95 -35.24
N GLY B 364 12.31 -28.78 -35.85
CA GLY B 364 11.89 -28.62 -37.24
C GLY B 364 10.40 -28.58 -37.47
N LEU B 365 9.60 -28.36 -36.43
CA LEU B 365 8.16 -28.16 -36.61
C LEU B 365 7.92 -26.81 -37.25
N LEU B 366 7.26 -26.79 -38.40
CA LEU B 366 6.95 -25.52 -39.06
C LEU B 366 5.79 -24.85 -38.31
N LEU B 367 6.10 -23.75 -37.64
CA LEU B 367 5.16 -23.12 -36.71
C LEU B 367 5.02 -21.62 -36.87
N GLN B 368 5.94 -20.94 -37.56
CA GLN B 368 5.77 -19.52 -37.85
C GLN B 368 4.59 -19.22 -38.76
N ASN B 369 4.06 -20.23 -39.45
CA ASN B 369 2.85 -20.07 -40.24
C ASN B 369 1.62 -20.65 -39.56
N GLN B 370 1.71 -21.01 -38.29
CA GLN B 370 0.59 -21.57 -37.54
C GLN B 370 0.18 -20.62 -36.42
N ASP B 371 -1.12 -20.41 -36.27
CA ASP B 371 -1.67 -19.87 -35.05
C ASP B 371 -1.76 -20.95 -33.98
N ALA B 372 -1.59 -20.55 -32.73
CA ALA B 372 -1.64 -21.49 -31.63
C ALA B 372 -2.45 -20.91 -30.48
N TYR B 373 -3.21 -21.78 -29.82
CA TYR B 373 -4.07 -21.43 -28.69
C TYR B 373 -3.71 -22.37 -27.56
N LEU B 374 -3.42 -21.83 -26.38
CA LEU B 374 -3.07 -22.68 -25.24
C LEU B 374 -3.94 -22.34 -24.04
N LYS B 375 -4.21 -23.38 -23.24
CA LYS B 375 -5.12 -23.28 -22.11
C LYS B 375 -4.63 -24.21 -21.01
N SER B 376 -4.80 -23.80 -19.77
CA SER B 376 -4.80 -24.71 -18.63
C SER B 376 -6.22 -24.98 -18.16
N ALA B 377 -6.53 -26.24 -17.90
CA ALA B 377 -7.86 -26.60 -17.45
C ALA B 377 -8.12 -26.05 -16.05
N GLY B 378 -9.37 -25.65 -15.81
CA GLY B 378 -9.76 -25.12 -14.52
C GLY B 378 -9.17 -23.77 -14.15
N GLY B 379 -8.54 -23.07 -15.10
CA GLY B 379 -8.02 -21.75 -14.83
C GLY B 379 -6.86 -21.70 -13.84
N VAL B 380 -6.25 -22.84 -13.52
CA VAL B 380 -5.07 -22.86 -12.68
C VAL B 380 -3.91 -22.22 -13.43
N LYS B 381 -3.30 -21.19 -12.83
CA LYS B 381 -2.29 -20.40 -13.51
C LYS B 381 -0.92 -21.03 -13.31
N LEU B 382 -0.22 -21.29 -14.41
CA LEU B 382 0.99 -22.12 -14.41
C LEU B 382 2.21 -21.20 -14.48
N ASP B 383 2.70 -20.79 -13.31
CA ASP B 383 3.79 -19.82 -13.25
C ASP B 383 5.14 -20.45 -13.56
N GLU B 384 5.43 -21.62 -12.99
CA GLU B 384 6.80 -22.08 -12.86
C GLU B 384 7.35 -22.59 -14.20
N PRO B 385 8.67 -22.55 -14.37
CA PRO B 385 9.26 -23.00 -15.63
C PRO B 385 9.14 -24.49 -15.88
N ALA B 386 8.87 -25.30 -14.85
CA ALA B 386 8.77 -26.74 -15.01
C ALA B 386 7.67 -27.18 -15.96
N ILE B 387 6.74 -26.28 -16.32
CA ILE B 387 5.67 -26.64 -17.24
C ILE B 387 6.12 -26.71 -18.70
N ASP B 388 7.28 -26.15 -19.03
CA ASP B 388 7.60 -25.84 -20.42
C ASP B 388 7.67 -27.11 -21.27
N LEU B 389 8.17 -28.21 -20.72
CA LEU B 389 8.23 -29.45 -21.48
C LEU B 389 6.84 -29.96 -21.83
N ALA B 390 5.91 -29.94 -20.88
CA ALA B 390 4.54 -30.36 -21.16
C ALA B 390 3.86 -29.43 -22.14
N VAL B 391 4.15 -28.13 -22.06
CA VAL B 391 3.61 -27.19 -23.05
C VAL B 391 4.14 -27.51 -24.45
N ALA B 392 5.43 -27.82 -24.56
CA ALA B 392 5.99 -28.20 -25.85
C ALA B 392 5.38 -29.49 -26.37
N VAL B 393 5.18 -30.46 -25.49
CA VAL B 393 4.56 -31.72 -25.90
C VAL B 393 3.12 -31.52 -26.34
N ALA B 394 2.39 -30.61 -25.69
CA ALA B 394 1.03 -30.30 -26.12
C ALA B 394 1.01 -29.66 -27.49
N ILE B 395 1.89 -28.67 -27.71
CA ILE B 395 1.98 -28.03 -29.02
C ILE B 395 2.32 -29.06 -30.10
N ALA B 396 3.34 -29.88 -29.85
CA ALA B 396 3.73 -30.93 -30.79
C ALA B 396 2.57 -31.89 -31.07
N SER B 397 1.90 -32.35 -30.01
CA SER B 397 0.78 -33.27 -30.17
C SER B 397 -0.32 -32.66 -31.03
N SER B 398 -0.58 -31.37 -30.87
CA SER B 398 -1.57 -30.72 -31.73
C SER B 398 -1.09 -30.60 -33.17
N TYR B 399 0.17 -30.22 -33.37
CA TYR B 399 0.69 -30.03 -34.72
C TYR B 399 0.77 -31.33 -35.50
N LYS B 400 1.39 -32.35 -34.89
CA LYS B 400 1.41 -33.69 -35.48
C LYS B 400 0.03 -34.29 -35.62
N ASP B 401 -0.94 -33.81 -34.85
CA ASP B 401 -2.28 -34.37 -34.74
C ASP B 401 -2.14 -35.87 -34.41
N LYS B 402 -1.47 -36.13 -33.29
CA LYS B 402 -1.32 -37.47 -32.75
C LYS B 402 -1.48 -37.38 -31.24
N PRO B 403 -2.10 -38.37 -30.62
CA PRO B 403 -2.35 -38.30 -29.17
C PRO B 403 -1.17 -38.75 -28.34
N THR B 404 -0.99 -38.09 -27.20
CA THR B 404 -0.21 -38.63 -26.10
C THR B 404 -1.04 -39.64 -25.32
N ASN B 405 -0.37 -40.49 -24.56
CA ASN B 405 -1.10 -41.37 -23.66
C ASN B 405 -1.70 -40.57 -22.50
N PRO B 406 -2.92 -40.90 -22.08
CA PRO B 406 -3.53 -40.17 -20.95
C PRO B 406 -2.84 -40.35 -19.62
N GLN B 407 -1.93 -41.31 -19.49
CA GLN B 407 -1.19 -41.51 -18.24
C GLN B 407 0.30 -41.20 -18.36
N GLU B 408 0.76 -40.69 -19.50
CA GLU B 408 2.07 -40.06 -19.56
C GLU B 408 2.05 -38.67 -18.93
N CYS B 409 3.13 -38.35 -18.23
CA CYS B 409 3.27 -37.07 -17.53
C CYS B 409 4.66 -36.50 -17.81
N PHE B 410 4.75 -35.18 -17.84
CA PHE B 410 5.97 -34.51 -18.28
C PHE B 410 6.35 -33.39 -17.32
N VAL B 411 7.64 -33.32 -16.99
CA VAL B 411 8.19 -32.28 -16.12
C VAL B 411 9.54 -31.86 -16.67
N GLY B 412 9.77 -30.55 -16.74
CA GLY B 412 11.08 -30.05 -17.09
C GLY B 412 11.05 -28.66 -17.70
N GLU B 413 12.04 -27.82 -17.38
CA GLU B 413 12.24 -26.59 -18.12
C GLU B 413 12.84 -26.88 -19.49
N LEU B 414 12.38 -26.16 -20.50
CA LEU B 414 12.93 -26.27 -21.84
C LEU B 414 13.88 -25.10 -22.10
N GLY B 415 15.15 -25.41 -22.38
CA GLY B 415 16.10 -24.38 -22.74
C GLY B 415 16.05 -24.05 -24.22
N LEU B 416 16.52 -22.85 -24.56
CA LEU B 416 16.48 -22.42 -25.96
C LEU B 416 17.46 -23.20 -26.83
N THR B 417 18.46 -23.85 -26.24
CA THR B 417 19.24 -24.84 -26.97
C THR B 417 18.57 -26.21 -27.03
N GLY B 418 17.32 -26.31 -26.62
CA GLY B 418 16.59 -27.56 -26.66
C GLY B 418 16.86 -28.50 -25.52
N GLU B 419 17.89 -28.25 -24.71
CA GLU B 419 18.14 -29.07 -23.53
C GLU B 419 16.92 -29.06 -22.61
N ILE B 420 16.73 -30.17 -21.91
CA ILE B 420 15.79 -30.23 -20.79
C ILE B 420 16.58 -29.95 -19.52
N ARG B 421 16.19 -28.92 -18.78
CA ARG B 421 16.94 -28.48 -17.61
C ARG B 421 16.27 -28.96 -16.32
N ARG B 422 17.10 -29.30 -15.35
CA ARG B 422 16.67 -29.83 -14.06
C ARG B 422 15.69 -28.89 -13.35
N VAL B 423 14.82 -29.49 -12.53
CA VAL B 423 13.77 -28.77 -11.83
C VAL B 423 13.88 -29.10 -10.35
N ASN B 424 13.46 -28.15 -9.52
CA ASN B 424 13.40 -28.36 -8.08
C ASN B 424 12.25 -29.29 -7.67
N ARG B 425 12.40 -29.88 -6.48
CA ARG B 425 11.39 -30.72 -5.83
C ARG B 425 10.98 -31.92 -6.67
N ILE B 426 11.92 -32.43 -7.46
CA ILE B 426 11.64 -33.52 -8.40
C ILE B 426 11.05 -34.74 -7.69
N GLU B 427 11.56 -35.05 -6.50
CA GLU B 427 11.06 -36.20 -5.75
C GLU B 427 9.58 -36.08 -5.42
N GLN B 428 9.16 -34.90 -4.94
CA GLN B 428 7.75 -34.73 -4.62
C GLN B 428 6.89 -34.90 -5.87
N ARG B 429 7.35 -34.40 -7.01
CA ARG B 429 6.59 -34.52 -8.24
C ARG B 429 6.43 -35.98 -8.66
N ILE B 430 7.52 -36.76 -8.58
CA ILE B 430 7.41 -38.18 -8.95
C ILE B 430 6.53 -38.92 -7.95
N ASN B 431 6.67 -38.62 -6.66
CA ASN B 431 5.79 -39.22 -5.65
C ASN B 431 4.31 -38.95 -5.95
N GLU B 432 3.98 -37.69 -6.23
CA GLU B 432 2.59 -37.35 -6.52
C GLU B 432 2.09 -38.01 -7.80
N ALA B 433 2.94 -38.09 -8.82
CA ALA B 433 2.55 -38.80 -10.04
C ALA B 433 2.29 -40.27 -9.77
N ALA B 434 3.07 -40.88 -8.87
CA ALA B 434 2.80 -42.26 -8.47
C ALA B 434 1.49 -42.39 -7.70
N LYS B 435 1.22 -41.47 -6.78
CA LYS B 435 0.00 -41.52 -6.00
C LYS B 435 -1.25 -41.38 -6.85
N LEU B 436 -1.20 -40.56 -7.90
CA LEU B 436 -2.32 -40.45 -8.83
C LEU B 436 -2.30 -41.51 -9.92
N GLY B 437 -1.42 -42.51 -9.81
CA GLY B 437 -1.51 -43.70 -10.62
C GLY B 437 -1.08 -43.54 -12.05
N PHE B 438 -0.21 -42.58 -12.34
CA PHE B 438 0.33 -42.43 -13.69
C PHE B 438 1.36 -43.51 -13.96
N THR B 439 1.55 -43.83 -15.24
CA THR B 439 2.46 -44.90 -15.63
C THR B 439 3.86 -44.38 -15.95
N LYS B 440 3.96 -43.32 -16.75
CA LYS B 440 5.24 -42.80 -17.20
C LYS B 440 5.32 -41.32 -16.90
N ILE B 441 6.38 -40.90 -16.24
CA ILE B 441 6.69 -39.48 -16.04
C ILE B 441 8.07 -39.21 -16.64
N TYR B 442 8.12 -38.27 -17.59
CA TYR B 442 9.38 -37.85 -18.18
C TYR B 442 9.95 -36.66 -17.40
N VAL B 443 11.22 -36.75 -17.05
CA VAL B 443 11.85 -35.76 -16.18
C VAL B 443 13.28 -35.52 -16.67
N PRO B 444 13.87 -34.39 -16.28
CA PRO B 444 15.24 -34.10 -16.72
C PRO B 444 16.22 -35.12 -16.17
N LYS B 445 17.06 -35.66 -17.06
CA LYS B 445 18.03 -36.68 -16.69
C LYS B 445 18.87 -36.26 -15.49
N ASN B 446 19.34 -35.01 -15.47
CA ASN B 446 20.23 -34.56 -14.40
C ASN B 446 19.52 -34.37 -13.08
N SER B 447 18.19 -34.27 -13.07
CA SER B 447 17.45 -34.27 -11.82
C SER B 447 17.47 -35.62 -11.11
N LEU B 448 17.81 -36.69 -11.81
CA LEU B 448 17.70 -38.04 -11.26
C LEU B 448 18.84 -38.41 -10.31
N THR B 449 19.87 -37.57 -10.19
CA THR B 449 21.04 -37.94 -9.39
C THR B 449 20.69 -38.18 -7.93
N GLY B 450 20.79 -39.44 -7.50
CA GLY B 450 20.44 -39.85 -6.15
C GLY B 450 18.97 -39.91 -5.84
N ILE B 451 18.10 -39.56 -6.79
CA ILE B 451 16.66 -39.68 -6.56
C ILE B 451 16.27 -41.16 -6.56
N THR B 452 15.53 -41.58 -5.54
CA THR B 452 14.92 -42.89 -5.51
C THR B 452 13.49 -42.78 -6.06
N LEU B 453 13.24 -43.46 -7.17
CA LEU B 453 11.89 -43.53 -7.69
C LEU B 453 11.03 -44.47 -6.85
N PRO B 454 9.73 -44.19 -6.75
CA PRO B 454 8.76 -45.26 -6.49
C PRO B 454 8.74 -46.25 -7.64
N LYS B 455 8.83 -47.54 -7.32
CA LYS B 455 9.02 -48.57 -8.33
C LYS B 455 7.76 -48.84 -9.15
N GLU B 456 6.59 -48.38 -8.71
CA GLU B 456 5.37 -48.63 -9.44
C GLU B 456 5.22 -47.75 -10.67
N ILE B 457 5.87 -46.61 -10.72
CA ILE B 457 5.81 -45.68 -11.85
C ILE B 457 7.13 -45.72 -12.59
N GLN B 458 7.07 -45.90 -13.91
CA GLN B 458 8.25 -45.81 -14.75
C GLN B 458 8.70 -44.36 -14.86
N VAL B 459 9.95 -44.08 -14.48
CA VAL B 459 10.53 -42.75 -14.57
C VAL B 459 11.55 -42.77 -15.71
N ILE B 460 11.37 -41.87 -16.68
CA ILE B 460 12.25 -41.75 -17.83
C ILE B 460 13.04 -40.46 -17.70
N GLY B 461 14.36 -40.58 -17.64
CA GLY B 461 15.23 -39.42 -17.72
C GLY B 461 15.48 -39.02 -19.16
N VAL B 462 15.19 -37.77 -19.49
CA VAL B 462 15.32 -37.29 -20.86
C VAL B 462 16.28 -36.10 -20.89
N THR B 463 17.00 -35.97 -22.01
CA THR B 463 18.11 -35.03 -22.12
C THR B 463 17.83 -33.86 -23.06
N THR B 464 17.07 -34.06 -24.14
CA THR B 464 16.85 -33.00 -25.12
C THR B 464 15.50 -33.22 -25.80
N ILE B 465 14.90 -32.12 -26.27
CA ILE B 465 13.53 -32.13 -26.74
C ILE B 465 13.33 -33.11 -27.90
N GLN B 466 14.35 -33.28 -28.74
CA GLN B 466 14.23 -34.26 -29.83
C GLN B 466 14.06 -35.67 -29.30
N GLU B 467 14.67 -35.97 -28.16
CA GLU B 467 14.46 -37.28 -27.54
C GLU B 467 13.02 -37.43 -27.09
N VAL B 468 12.45 -36.39 -26.46
CA VAL B 468 11.09 -36.49 -25.96
C VAL B 468 10.13 -36.68 -27.12
N LEU B 469 10.30 -35.90 -28.19
CA LEU B 469 9.41 -36.04 -29.33
C LEU B 469 9.54 -37.40 -29.99
N LYS B 470 10.76 -37.91 -30.16
CA LYS B 470 10.94 -39.23 -30.75
C LYS B 470 10.39 -40.36 -29.88
N LYS B 471 10.42 -40.20 -28.55
CA LYS B 471 9.85 -41.25 -27.70
C LYS B 471 8.33 -41.16 -27.60
N VAL B 472 7.77 -39.96 -27.48
CA VAL B 472 6.32 -39.81 -27.36
C VAL B 472 5.66 -40.06 -28.70
N PHE B 473 6.26 -39.59 -29.79
CA PHE B 473 5.72 -39.83 -31.13
C PHE B 473 6.72 -40.62 -31.96
N PRO C 77 -18.88 -29.62 36.08
CA PRO C 77 -17.94 -30.74 36.10
C PRO C 77 -17.88 -31.49 34.78
N MET C 78 -16.87 -32.33 34.61
CA MET C 78 -16.73 -33.11 33.39
C MET C 78 -17.84 -34.13 33.24
N LYS C 79 -18.03 -34.60 32.01
CA LYS C 79 -18.97 -35.66 31.68
C LYS C 79 -18.42 -36.46 30.51
N LEU C 80 -18.85 -37.71 30.41
CA LEU C 80 -18.69 -38.47 29.18
C LEU C 80 -19.71 -38.01 28.13
N ALA C 81 -19.69 -38.68 26.97
CA ALA C 81 -20.60 -38.33 25.88
C ALA C 81 -22.07 -38.44 26.25
N GLU C 82 -22.40 -39.11 27.36
CA GLU C 82 -23.69 -39.09 28.05
C GLU C 82 -24.04 -37.73 28.67
N VAL C 83 -23.28 -36.67 28.38
CA VAL C 83 -23.44 -35.38 29.04
C VAL C 83 -24.89 -34.87 28.98
N THR C 84 -25.62 -35.17 27.91
CA THR C 84 -27.04 -34.83 27.87
C THR C 84 -27.74 -35.64 26.80
N SER C 85 -29.07 -35.63 26.88
CA SER C 85 -29.94 -36.05 25.79
C SER C 85 -30.76 -34.90 25.23
N ILE C 86 -30.59 -33.68 25.76
CA ILE C 86 -31.37 -32.53 25.33
C ILE C 86 -30.99 -32.14 23.91
N ASN C 87 -31.94 -31.53 23.21
CA ASN C 87 -31.74 -31.07 21.84
C ASN C 87 -32.34 -29.68 21.67
N VAL C 88 -31.94 -29.01 20.60
CA VAL C 88 -32.33 -27.63 20.35
C VAL C 88 -33.73 -27.60 19.76
N ASN C 89 -34.67 -26.99 20.48
CA ASN C 89 -36.01 -26.74 19.96
C ASN C 89 -36.05 -25.40 19.24
N ARG C 90 -35.47 -25.40 18.04
CA ARG C 90 -35.23 -24.17 17.30
C ARG C 90 -36.55 -23.56 16.82
N THR C 91 -36.73 -22.27 17.05
CA THR C 91 -37.99 -21.59 16.83
C THR C 91 -37.93 -20.84 15.51
N LYS C 92 -38.91 -21.09 14.64
CA LYS C 92 -38.94 -20.50 13.32
C LYS C 92 -39.81 -19.25 13.31
N THR C 93 -39.25 -18.15 12.81
CA THR C 93 -40.05 -16.98 12.49
C THR C 93 -40.92 -17.26 11.27
N GLU C 94 -41.84 -16.33 10.99
CA GLU C 94 -42.59 -16.39 9.74
C GLU C 94 -41.73 -16.03 8.54
N MET C 95 -40.65 -15.29 8.74
CA MET C 95 -39.77 -14.88 7.63
C MET C 95 -38.90 -16.09 7.31
N GLU C 96 -39.38 -16.94 6.40
CA GLU C 96 -38.69 -18.19 6.09
C GLU C 96 -37.29 -17.95 5.53
N GLU C 97 -37.11 -16.87 4.78
CA GLU C 97 -35.75 -16.50 4.35
C GLU C 97 -34.83 -16.19 5.52
N PHE C 98 -35.40 -15.77 6.65
CA PHE C 98 -34.60 -15.61 7.87
C PHE C 98 -34.30 -16.94 8.54
N ASN C 99 -35.31 -17.81 8.66
CA ASN C 99 -35.11 -19.12 9.26
C ASN C 99 -34.08 -19.95 8.51
N ARG C 100 -34.09 -19.85 7.18
CA ARG C 100 -33.08 -20.54 6.36
C ARG C 100 -31.66 -20.13 6.72
N VAL C 101 -31.35 -18.83 6.66
CA VAL C 101 -29.98 -18.37 6.85
C VAL C 101 -29.47 -18.71 8.25
N LEU C 102 -30.32 -18.59 9.26
CA LEU C 102 -29.96 -19.04 10.60
C LEU C 102 -29.81 -20.56 10.69
N GLY C 103 -30.20 -21.31 9.67
CA GLY C 103 -30.05 -22.75 9.70
C GLY C 103 -31.19 -23.49 10.33
N GLY C 104 -32.42 -22.99 10.20
CA GLY C 104 -33.56 -23.61 10.83
C GLY C 104 -34.08 -22.83 12.03
N GLY C 105 -34.19 -21.52 11.90
CA GLY C 105 -34.73 -20.69 12.95
C GLY C 105 -33.78 -20.50 14.12
N VAL C 106 -34.24 -19.68 15.07
CA VAL C 106 -33.37 -19.19 16.12
C VAL C 106 -33.02 -20.33 17.07
N VAL C 107 -31.74 -20.44 17.41
CA VAL C 107 -31.27 -21.44 18.37
C VAL C 107 -31.22 -20.78 19.75
N PRO C 108 -31.87 -21.34 20.76
CA PRO C 108 -31.80 -20.75 22.10
C PRO C 108 -30.39 -20.81 22.65
N GLY C 109 -29.94 -19.70 23.24
CA GLY C 109 -28.59 -19.56 23.73
C GLY C 109 -27.54 -19.22 22.70
N SER C 110 -27.92 -19.00 21.45
CA SER C 110 -26.98 -18.53 20.45
C SER C 110 -26.74 -17.03 20.60
N LEU C 111 -25.57 -16.58 20.17
CA LEU C 111 -25.33 -15.19 19.82
C LEU C 111 -25.31 -15.05 18.30
N VAL C 112 -26.14 -14.17 17.77
CA VAL C 112 -26.18 -13.87 16.35
C VAL C 112 -25.81 -12.41 16.16
N LEU C 113 -24.77 -12.16 15.37
CA LEU C 113 -24.28 -10.81 15.09
C LEU C 113 -24.64 -10.46 13.65
N ILE C 114 -25.22 -9.28 13.45
CA ILE C 114 -25.61 -8.81 12.12
C ILE C 114 -24.85 -7.55 11.79
N GLY C 115 -23.98 -7.63 10.78
CA GLY C 115 -23.28 -6.49 10.24
C GLY C 115 -23.99 -5.91 9.02
N GLY C 116 -23.56 -4.71 8.65
CA GLY C 116 -24.02 -4.09 7.43
C GLY C 116 -23.89 -2.59 7.49
N ASP C 117 -23.95 -1.98 6.31
CA ASP C 117 -23.78 -0.54 6.09
C ASP C 117 -24.66 0.29 7.03
N PRO C 118 -24.31 1.55 7.27
CA PRO C 118 -25.24 2.47 7.92
C PRO C 118 -26.47 2.74 7.05
N GLY C 119 -27.65 2.59 7.65
CA GLY C 119 -28.87 2.80 6.91
C GLY C 119 -29.27 1.70 5.97
N ILE C 120 -28.74 0.49 6.15
CA ILE C 120 -29.11 -0.61 5.28
C ILE C 120 -30.41 -1.28 5.70
N GLY C 121 -30.83 -1.15 6.96
CA GLY C 121 -32.07 -1.75 7.39
C GLY C 121 -31.99 -2.81 8.47
N LYS C 122 -30.84 -2.89 9.15
CA LYS C 122 -30.66 -3.88 10.20
C LYS C 122 -31.70 -3.74 11.31
N SER C 123 -31.92 -2.50 11.77
CA SER C 123 -32.91 -2.25 12.81
C SER C 123 -34.33 -2.60 12.37
N THR C 124 -34.68 -2.29 11.12
CA THR C 124 -36.00 -2.65 10.61
C THR C 124 -36.19 -4.16 10.58
N LEU C 125 -35.21 -4.88 10.05
CA LEU C 125 -35.23 -6.34 10.05
C LEU C 125 -35.38 -6.91 11.46
N LEU C 126 -34.68 -6.34 12.43
CA LEU C 126 -34.79 -6.86 13.79
C LEU C 126 -36.11 -6.47 14.45
N LEU C 127 -36.67 -5.30 14.15
CA LEU C 127 -38.04 -5.01 14.60
C LEU C 127 -39.03 -6.03 14.06
N GLN C 128 -38.90 -6.38 12.78
CA GLN C 128 -39.81 -7.34 12.17
C GLN C 128 -39.69 -8.71 12.84
N VAL C 129 -38.47 -9.23 12.92
CA VAL C 129 -38.30 -10.55 13.50
C VAL C 129 -38.61 -10.53 14.99
N SER C 130 -38.36 -9.42 15.68
CA SER C 130 -38.72 -9.34 17.09
C SER C 130 -40.23 -9.37 17.28
N THR C 131 -40.98 -8.72 16.40
CA THR C 131 -42.45 -8.83 16.44
C THR C 131 -42.89 -10.27 16.23
N GLN C 132 -42.33 -10.94 15.24
CA GLN C 132 -42.76 -12.31 14.95
C GLN C 132 -42.39 -13.26 16.09
N LEU C 133 -41.20 -13.10 16.67
CA LEU C 133 -40.86 -13.86 17.87
C LEU C 133 -41.74 -13.48 19.05
N SER C 134 -42.17 -12.21 19.11
CA SER C 134 -43.05 -11.76 20.16
C SER C 134 -44.42 -12.40 20.07
N GLN C 135 -44.79 -12.89 18.88
CA GLN C 135 -45.98 -13.73 18.80
C GLN C 135 -45.77 -15.03 19.58
N VAL C 136 -44.53 -15.52 19.66
CA VAL C 136 -44.25 -16.86 20.15
C VAL C 136 -43.47 -16.87 21.46
N GLY C 137 -42.83 -15.76 21.84
CA GLY C 137 -42.15 -15.70 23.11
C GLY C 137 -41.91 -14.27 23.54
N THR C 138 -41.50 -14.11 24.79
CA THR C 138 -41.23 -12.79 25.36
C THR C 138 -39.94 -12.21 24.79
N VAL C 139 -40.07 -11.08 24.08
CA VAL C 139 -38.97 -10.45 23.37
C VAL C 139 -38.59 -9.17 24.09
N LEU C 140 -37.30 -8.99 24.36
CA LEU C 140 -36.79 -7.74 24.92
C LEU C 140 -35.91 -7.06 23.87
N TYR C 141 -36.25 -5.82 23.55
CA TYR C 141 -35.50 -5.00 22.62
C TYR C 141 -34.74 -3.92 23.38
N VAL C 142 -33.43 -3.85 23.18
CA VAL C 142 -32.59 -2.85 23.83
C VAL C 142 -31.87 -2.07 22.74
N SER C 143 -31.92 -0.74 22.83
CA SER C 143 -31.18 0.10 21.89
C SER C 143 -30.74 1.38 22.58
N GLY C 144 -29.43 1.60 22.64
CA GLY C 144 -28.93 2.95 22.84
C GLY C 144 -28.98 3.81 21.60
N GLU C 145 -29.09 3.18 20.43
CA GLU C 145 -29.05 3.88 19.15
C GLU C 145 -30.27 4.78 18.96
N GLU C 146 -31.44 4.37 19.46
CA GLU C 146 -32.70 5.00 19.08
C GLU C 146 -33.57 5.21 20.31
N SER C 147 -34.41 6.24 20.23
CA SER C 147 -35.36 6.51 21.29
C SER C 147 -36.53 5.55 21.21
N ALA C 148 -37.14 5.30 22.37
CA ALA C 148 -38.30 4.43 22.44
C ALA C 148 -39.49 4.97 21.63
N GLN C 149 -39.66 6.28 21.61
CA GLN C 149 -40.70 6.90 20.79
C GLN C 149 -40.49 6.61 19.31
N GLN C 150 -39.25 6.75 18.82
CA GLN C 150 -38.96 6.49 17.42
C GLN C 150 -39.14 5.02 17.06
N ILE C 151 -38.78 4.12 17.97
CA ILE C 151 -39.02 2.70 17.74
C ILE C 151 -40.51 2.39 17.69
N LYS C 152 -41.29 2.99 18.59
CA LYS C 152 -42.74 2.84 18.52
C LYS C 152 -43.28 3.34 17.19
N LEU C 153 -42.86 4.55 16.79
CA LEU C 153 -43.29 5.11 15.52
C LEU C 153 -43.00 4.19 14.35
N ARG C 154 -41.81 3.57 14.32
CA ARG C 154 -41.50 2.66 13.22
C ARG C 154 -42.28 1.36 13.34
N ALA C 155 -42.39 0.79 14.54
CA ALA C 155 -43.16 -0.42 14.74
C ALA C 155 -44.60 -0.25 14.24
N GLU C 156 -45.27 0.82 14.68
CA GLU C 156 -46.62 1.08 14.20
C GLU C 156 -46.66 1.50 12.73
N ARG C 157 -45.53 1.97 12.18
CA ARG C 157 -45.47 2.13 10.73
C ARG C 157 -45.46 0.78 10.02
N LEU C 158 -44.89 -0.25 10.64
CA LEU C 158 -45.07 -1.61 10.14
C LEU C 158 -46.49 -2.13 10.35
N GLY C 159 -47.20 -1.60 11.33
CA GLY C 159 -48.59 -1.98 11.54
C GLY C 159 -48.78 -3.30 12.26
N ASP C 160 -47.86 -4.25 12.04
CA ASP C 160 -47.86 -5.47 12.82
C ASP C 160 -47.43 -5.17 14.25
N ILE C 161 -48.30 -5.49 15.20
CA ILE C 161 -48.10 -5.19 16.62
C ILE C 161 -48.40 -6.45 17.41
N ASP C 162 -47.59 -6.71 18.44
CA ASP C 162 -47.86 -7.80 19.36
C ASP C 162 -47.45 -7.41 20.77
N SER C 163 -48.14 -7.99 21.75
CA SER C 163 -48.27 -7.43 23.08
C SER C 163 -47.24 -7.97 24.06
N GLU C 164 -46.34 -8.83 23.61
CA GLU C 164 -45.32 -9.43 24.46
C GLU C 164 -43.94 -8.87 24.10
N PHE C 165 -43.92 -7.59 23.75
CA PHE C 165 -42.77 -6.91 23.17
C PHE C 165 -42.34 -5.82 24.14
N TYR C 166 -41.35 -6.12 24.97
CA TYR C 166 -40.72 -5.10 25.78
C TYR C 166 -39.76 -4.28 24.94
N LEU C 167 -39.70 -2.98 25.22
CA LEU C 167 -38.85 -2.06 24.48
C LEU C 167 -38.08 -1.23 25.49
N TYR C 168 -36.79 -1.03 25.26
CA TYR C 168 -36.00 -0.43 26.32
C TYR C 168 -34.92 0.40 25.61
N ALA C 169 -34.42 1.44 26.29
CA ALA C 169 -33.64 2.48 25.65
C ALA C 169 -32.30 2.72 26.34
N GLU C 170 -31.85 1.82 27.21
CA GLU C 170 -30.63 2.03 27.98
C GLU C 170 -29.38 1.96 27.12
N THR C 171 -28.32 2.56 27.65
CA THR C 171 -26.94 2.33 27.21
C THR C 171 -26.12 1.56 28.25
N ASN C 172 -26.54 1.58 29.51
CA ASN C 172 -25.81 0.93 30.60
C ASN C 172 -26.05 -0.57 30.58
N MET C 173 -24.98 -1.33 30.34
CA MET C 173 -25.06 -2.79 30.32
C MET C 173 -25.59 -3.38 31.63
N GLN C 174 -25.20 -2.81 32.78
CA GLN C 174 -25.66 -3.35 34.05
C GLN C 174 -27.17 -3.17 34.25
N SER C 175 -27.73 -2.10 33.69
CA SER C 175 -29.19 -1.96 33.68
C SER C 175 -29.83 -3.01 32.78
N VAL C 176 -29.24 -3.24 31.61
CA VAL C 176 -29.78 -4.23 30.69
C VAL C 176 -29.77 -5.63 31.32
N ARG C 177 -28.69 -5.97 32.04
CA ARG C 177 -28.65 -7.21 32.79
C ARG C 177 -29.69 -7.28 33.89
N ALA C 178 -29.89 -6.18 34.64
CA ALA C 178 -30.94 -6.17 35.65
C ALA C 178 -32.32 -6.42 35.05
N GLU C 179 -32.65 -5.71 33.98
CA GLU C 179 -33.92 -5.93 33.30
C GLU C 179 -34.04 -7.33 32.70
N VAL C 180 -32.94 -7.87 32.18
CA VAL C 180 -32.97 -9.25 31.69
C VAL C 180 -33.34 -10.19 32.83
N GLU C 181 -32.71 -10.02 33.99
CA GLU C 181 -33.03 -10.89 35.13
C GLU C 181 -34.46 -10.72 35.60
N ARG C 182 -35.00 -9.50 35.53
CA ARG C 182 -36.39 -9.29 35.95
C ARG C 182 -37.39 -9.86 34.95
N ILE C 183 -37.17 -9.64 33.66
CA ILE C 183 -38.13 -10.07 32.64
C ILE C 183 -37.90 -11.53 32.26
N GLN C 184 -36.66 -12.00 32.31
CA GLN C 184 -36.27 -13.30 31.79
C GLN C 184 -36.77 -13.51 30.36
N PRO C 185 -36.40 -12.62 29.43
CA PRO C 185 -36.89 -12.75 28.05
C PRO C 185 -36.40 -14.04 27.42
N ASP C 186 -36.92 -14.32 26.22
CA ASP C 186 -36.45 -15.46 25.45
C ASP C 186 -35.77 -15.05 24.15
N PHE C 187 -35.52 -13.75 23.95
CA PHE C 187 -34.97 -13.24 22.70
C PHE C 187 -34.47 -11.81 22.86
N LEU C 188 -33.27 -11.62 23.41
CA LEU C 188 -32.76 -10.26 23.50
C LEU C 188 -32.39 -9.79 22.10
N ILE C 189 -32.31 -8.46 21.93
CA ILE C 189 -32.05 -7.92 20.60
C ILE C 189 -31.17 -6.67 20.75
N ILE C 190 -30.17 -6.74 21.62
CA ILE C 190 -29.24 -5.62 21.79
C ILE C 190 -28.94 -5.02 20.43
N ASP C 191 -29.12 -3.72 20.29
CA ASP C 191 -28.94 -3.03 19.01
C ASP C 191 -27.76 -2.10 19.11
N SER C 192 -26.60 -2.57 18.62
CA SER C 192 -25.34 -1.83 18.55
C SER C 192 -24.48 -2.00 19.80
N ILE C 193 -23.71 -3.09 19.89
CA ILE C 193 -22.75 -3.21 20.99
C ILE C 193 -21.87 -1.98 21.04
N GLN C 194 -21.69 -1.30 19.90
CA GLN C 194 -20.85 -0.10 19.83
C GLN C 194 -21.61 1.06 20.46
N THR C 195 -22.58 0.75 21.31
CA THR C 195 -23.31 1.76 22.06
C THR C 195 -23.42 1.33 23.52
N ILE C 196 -23.87 0.09 23.77
CA ILE C 196 -23.92 -0.43 25.14
C ILE C 196 -22.61 -0.13 25.83
N MET C 197 -22.68 0.35 27.08
CA MET C 197 -21.47 0.70 27.81
C MET C 197 -21.41 0.03 29.17
N SER C 198 -20.26 -0.52 29.51
CA SER C 198 -20.12 -1.27 30.76
C SER C 198 -19.67 -0.30 31.84
N PRO C 199 -20.43 -0.12 32.93
CA PRO C 199 -19.98 0.74 34.02
C PRO C 199 -19.16 0.00 35.07
N GLU C 200 -18.13 -0.71 34.63
CA GLU C 200 -17.23 -1.36 35.58
C GLU C 200 -15.90 -1.72 34.93
N ILE C 201 -15.66 -1.23 33.71
CA ILE C 201 -14.48 -1.65 32.94
C ILE C 201 -13.92 -0.37 32.31
N SER C 202 -13.09 -0.51 31.27
CA SER C 202 -12.31 0.59 30.71
C SER C 202 -13.10 1.86 30.48
N GLY C 203 -12.57 2.95 31.02
CA GLY C 203 -13.04 4.30 30.76
C GLY C 203 -12.32 4.74 29.50
N VAL C 204 -12.11 3.79 28.58
CA VAL C 204 -11.31 4.05 27.39
C VAL C 204 -11.94 5.10 26.50
N GLN C 205 -13.28 5.08 26.34
CA GLN C 205 -14.13 6.02 25.61
C GLN C 205 -15.45 5.35 25.22
N GLY C 206 -15.91 5.62 24.00
CA GLY C 206 -17.11 5.00 23.49
C GLY C 206 -16.99 4.32 22.15
N SER C 207 -17.53 3.10 22.03
CA SER C 207 -17.44 2.31 20.80
C SER C 207 -15.98 2.07 20.43
N VAL C 208 -15.21 1.61 21.43
CA VAL C 208 -13.80 1.32 21.30
C VAL C 208 -13.61 -0.17 21.57
N SER C 209 -12.46 -0.71 21.16
CA SER C 209 -12.15 -2.13 21.23
C SER C 209 -12.27 -2.76 22.62
N GLN C 210 -13.05 -2.14 23.51
CA GLN C 210 -13.37 -2.73 24.81
C GLN C 210 -14.78 -3.29 24.82
N VAL C 211 -15.49 -3.22 23.69
CA VAL C 211 -16.77 -3.89 23.49
C VAL C 211 -16.67 -5.38 23.75
N ARG C 212 -15.45 -5.93 23.71
CA ARG C 212 -15.25 -7.32 24.14
C ARG C 212 -15.73 -7.59 25.56
N GLU C 213 -15.99 -6.55 26.36
CA GLU C 213 -16.58 -6.79 27.67
C GLU C 213 -18.08 -6.96 27.59
N VAL C 214 -18.77 -6.03 26.93
CA VAL C 214 -20.22 -6.18 26.82
C VAL C 214 -20.54 -7.46 26.07
N THR C 215 -19.72 -7.83 25.09
CA THR C 215 -19.93 -9.09 24.37
C THR C 215 -19.68 -10.30 25.26
N ALA C 216 -18.65 -10.27 26.11
CA ALA C 216 -18.46 -11.37 27.05
C ALA C 216 -19.62 -11.47 28.04
N GLU C 217 -20.14 -10.34 28.48
CA GLU C 217 -21.30 -10.33 29.37
C GLU C 217 -22.54 -10.88 28.68
N LEU C 218 -22.78 -10.48 27.43
CA LEU C 218 -23.90 -11.03 26.67
C LEU C 218 -23.76 -12.54 26.49
N MET C 219 -22.56 -12.99 26.16
CA MET C 219 -22.30 -14.43 26.05
C MET C 219 -22.64 -15.15 27.35
N GLN C 220 -22.19 -14.62 28.48
CA GLN C 220 -22.50 -15.24 29.77
C GLN C 220 -24.00 -15.23 30.07
N LEU C 221 -24.69 -14.16 29.69
CA LEU C 221 -26.15 -14.12 29.83
C LEU C 221 -26.81 -15.22 29.02
N ALA C 222 -26.46 -15.31 27.73
CA ALA C 222 -27.09 -16.27 26.83
C ALA C 222 -26.93 -17.70 27.33
N LYS C 223 -25.71 -18.11 27.66
CA LYS C 223 -25.48 -19.51 28.02
C LYS C 223 -26.06 -19.86 29.37
N THR C 224 -26.22 -18.90 30.28
CA THR C 224 -26.82 -19.22 31.57
C THR C 224 -28.34 -19.35 31.48
N ASN C 225 -29.02 -18.36 30.94
CA ASN C 225 -30.48 -18.29 31.00
C ASN C 225 -31.16 -18.71 29.71
N ASN C 226 -30.39 -19.21 28.75
CA ASN C 226 -30.87 -19.60 27.41
C ASN C 226 -31.48 -18.45 26.61
N ILE C 227 -31.15 -17.19 26.88
CA ILE C 227 -31.63 -16.12 26.03
C ILE C 227 -30.96 -16.22 24.67
N ALA C 228 -31.75 -16.13 23.61
CA ALA C 228 -31.19 -15.93 22.27
C ALA C 228 -30.95 -14.44 22.06
N ILE C 229 -29.71 -14.07 21.78
CA ILE C 229 -29.33 -12.67 21.63
C ILE C 229 -29.05 -12.38 20.16
N PHE C 230 -29.72 -11.35 19.64
CA PHE C 230 -29.37 -10.76 18.35
C PHE C 230 -28.59 -9.47 18.60
N ILE C 231 -27.48 -9.31 17.90
CA ILE C 231 -26.60 -8.15 18.05
C ILE C 231 -26.49 -7.47 16.70
N VAL C 232 -26.79 -6.17 16.67
CA VAL C 232 -26.40 -5.35 15.53
C VAL C 232 -24.95 -4.94 15.70
N GLY C 233 -24.18 -5.04 14.61
CA GLY C 233 -22.84 -4.52 14.59
C GLY C 233 -22.63 -3.58 13.43
N HIS C 234 -21.63 -2.72 13.58
CA HIS C 234 -21.28 -1.73 12.57
C HIS C 234 -20.13 -2.25 11.71
N VAL C 235 -19.85 -1.55 10.63
CA VAL C 235 -18.91 -2.03 9.63
C VAL C 235 -17.92 -0.94 9.27
N THR C 236 -16.77 -1.37 8.78
CA THR C 236 -15.69 -0.48 8.40
C THR C 236 -16.04 0.20 7.08
N LYS C 237 -15.09 0.96 6.53
CA LYS C 237 -15.25 1.49 5.17
C LYS C 237 -15.37 0.36 4.16
N GLU C 238 -14.49 -0.64 4.26
CA GLU C 238 -14.76 -1.93 3.66
C GLU C 238 -15.83 -2.67 4.46
N GLY C 239 -16.52 -3.59 3.77
CA GLY C 239 -17.75 -4.14 4.30
C GLY C 239 -17.59 -5.01 5.54
N THR C 240 -16.37 -5.32 5.95
CA THR C 240 -16.15 -6.23 7.06
C THR C 240 -16.60 -5.61 8.38
N LEU C 241 -16.97 -6.49 9.32
CA LEU C 241 -17.32 -6.05 10.67
C LEU C 241 -16.19 -5.25 11.31
N ALA C 242 -16.54 -4.09 11.86
CA ALA C 242 -15.61 -3.29 12.63
C ALA C 242 -15.39 -3.89 14.01
N GLY C 243 -14.43 -3.31 14.74
CA GLY C 243 -14.15 -3.70 16.10
C GLY C 243 -13.17 -4.85 16.18
N PRO C 244 -13.03 -5.41 17.39
CA PRO C 244 -12.14 -6.57 17.57
C PRO C 244 -12.56 -7.75 16.72
N ARG C 245 -11.55 -8.46 16.19
CA ARG C 245 -11.80 -9.79 15.64
C ARG C 245 -12.32 -10.76 16.69
N MET C 246 -12.07 -10.46 17.97
CA MET C 246 -12.61 -11.26 19.07
C MET C 246 -14.12 -11.43 18.96
N LEU C 247 -14.82 -10.44 18.41
CA LEU C 247 -16.26 -10.54 18.20
C LEU C 247 -16.63 -11.77 17.36
N GLU C 248 -16.04 -11.90 16.18
CA GLU C 248 -16.38 -13.00 15.28
C GLU C 248 -16.02 -14.37 15.87
N HIS C 249 -15.07 -14.44 16.79
CA HIS C 249 -14.82 -15.68 17.52
C HIS C 249 -15.90 -15.96 18.57
N MET C 250 -16.26 -14.96 19.38
CA MET C 250 -17.15 -15.21 20.51
C MET C 250 -18.55 -15.59 20.07
N VAL C 251 -19.11 -14.91 19.08
CA VAL C 251 -20.50 -15.11 18.70
C VAL C 251 -20.64 -16.40 17.89
N ASP C 252 -21.81 -17.01 18.00
CA ASP C 252 -22.10 -18.27 17.30
C ASP C 252 -22.41 -18.07 15.83
N THR C 253 -23.05 -16.97 15.46
CA THR C 253 -23.46 -16.74 14.08
C THR C 253 -23.12 -15.30 13.69
N VAL C 254 -22.64 -15.12 12.47
CA VAL C 254 -22.33 -13.80 11.94
C VAL C 254 -23.05 -13.64 10.61
N LEU C 255 -23.89 -12.62 10.52
CA LEU C 255 -24.65 -12.33 9.30
C LEU C 255 -24.21 -10.99 8.75
N TYR C 256 -24.32 -10.84 7.44
CA TYR C 256 -24.21 -9.54 6.78
C TYR C 256 -25.52 -9.22 6.08
N PHE C 257 -26.01 -8.01 6.27
CA PHE C 257 -27.19 -7.49 5.60
C PHE C 257 -26.73 -6.43 4.62
N GLU C 258 -26.82 -6.72 3.33
CA GLU C 258 -26.06 -5.98 2.33
C GLU C 258 -26.92 -5.72 1.10
N GLY C 259 -26.66 -4.60 0.45
CA GLY C 259 -27.31 -4.26 -0.81
C GLY C 259 -26.54 -4.78 -2.01
N GLU C 260 -27.28 -5.29 -3.00
CA GLU C 260 -26.66 -5.69 -4.26
C GLU C 260 -26.32 -4.47 -5.10
N ARG C 261 -25.18 -4.54 -5.79
CA ARG C 261 -24.86 -3.52 -6.78
C ARG C 261 -25.78 -3.62 -7.99
N HIS C 262 -26.27 -4.83 -8.28
CA HIS C 262 -27.01 -5.06 -9.52
C HIS C 262 -28.35 -4.34 -9.48
N HIS C 263 -29.01 -4.33 -8.32
CA HIS C 263 -30.28 -3.65 -8.13
C HIS C 263 -30.60 -3.65 -6.65
N THR C 264 -31.48 -2.75 -6.24
CA THR C 264 -31.86 -2.64 -4.83
C THR C 264 -32.69 -3.84 -4.43
N PHE C 265 -32.02 -4.86 -3.89
CA PHE C 265 -32.63 -5.85 -3.02
C PHE C 265 -31.72 -6.03 -1.82
N ARG C 266 -32.25 -6.60 -0.75
CA ARG C 266 -31.47 -6.88 0.44
C ARG C 266 -31.19 -8.37 0.54
N ILE C 267 -29.92 -8.72 0.68
CA ILE C 267 -29.48 -10.11 0.84
C ILE C 267 -28.96 -10.30 2.25
N LEU C 268 -29.37 -11.39 2.89
CA LEU C 268 -28.86 -11.78 4.19
C LEU C 268 -27.88 -12.94 4.01
N ARG C 269 -26.63 -12.72 4.40
CA ARG C 269 -25.53 -13.63 4.08
C ARG C 269 -24.80 -14.00 5.36
N ALA C 270 -24.64 -15.30 5.61
CA ALA C 270 -23.83 -15.77 6.72
C ALA C 270 -22.40 -16.01 6.28
N VAL C 271 -21.44 -15.40 6.97
CA VAL C 271 -20.04 -15.73 6.79
C VAL C 271 -19.58 -16.76 7.82
N LYS C 272 -20.30 -16.89 8.92
CA LYS C 272 -20.02 -17.87 9.96
C LYS C 272 -21.36 -18.30 10.52
N ASN C 273 -21.55 -19.60 10.71
CA ASN C 273 -22.74 -20.08 11.40
C ASN C 273 -22.40 -21.38 12.11
N ARG C 274 -22.40 -21.33 13.43
CA ARG C 274 -22.07 -22.51 14.23
C ARG C 274 -23.16 -23.57 14.18
N PHE C 275 -24.31 -23.29 13.57
CA PHE C 275 -25.44 -24.20 13.62
C PHE C 275 -26.03 -24.53 12.26
N GLY C 276 -25.38 -24.15 11.17
CA GLY C 276 -25.93 -24.43 9.85
C GLY C 276 -24.96 -24.00 8.77
N SER C 277 -25.28 -24.42 7.55
CA SER C 277 -24.44 -24.08 6.41
C SER C 277 -24.44 -22.59 6.14
N THR C 278 -23.28 -22.05 5.78
CA THR C 278 -23.17 -20.66 5.34
C THR C 278 -23.68 -20.47 3.92
N ASN C 279 -23.97 -21.54 3.19
CA ASN C 279 -24.33 -21.44 1.78
C ASN C 279 -25.73 -20.88 1.57
N GLU C 280 -26.60 -20.94 2.57
CA GLU C 280 -27.94 -20.37 2.45
C GLU C 280 -27.88 -18.86 2.43
N ILE C 281 -28.60 -18.25 1.50
CA ILE C 281 -28.73 -16.80 1.42
C ILE C 281 -30.20 -16.44 1.33
N GLY C 282 -30.63 -15.45 2.11
CA GLY C 282 -31.98 -14.94 2.07
C GLY C 282 -32.04 -13.63 1.30
N ILE C 283 -33.12 -13.45 0.54
CA ILE C 283 -33.36 -12.23 -0.22
C ILE C 283 -34.59 -11.53 0.35
N PHE C 284 -34.44 -10.24 0.67
CA PHE C 284 -35.54 -9.44 1.18
C PHE C 284 -35.71 -8.20 0.33
N GLU C 285 -36.97 -7.76 0.21
CA GLU C 285 -37.30 -6.47 -0.40
C GLU C 285 -37.64 -5.49 0.72
N MET C 286 -36.98 -4.35 0.71
CA MET C 286 -37.32 -3.25 1.61
C MET C 286 -38.38 -2.37 0.96
N GLN C 287 -39.64 -2.57 1.37
CA GLN C 287 -40.68 -1.59 1.13
C GLN C 287 -40.66 -0.53 2.23
N SER C 288 -41.27 0.61 1.93
CA SER C 288 -41.51 1.59 2.99
C SER C 288 -42.39 1.02 4.08
N GLY C 289 -43.26 0.07 3.74
CA GLY C 289 -44.06 -0.65 4.71
C GLY C 289 -43.38 -1.80 5.42
N GLY C 290 -42.10 -2.02 5.19
CA GLY C 290 -41.35 -3.04 5.89
C GLY C 290 -40.63 -3.97 4.96
N LEU C 291 -40.08 -5.04 5.53
CA LEU C 291 -39.31 -6.05 4.81
C LEU C 291 -40.18 -7.28 4.55
N VAL C 292 -40.18 -7.74 3.29
CA VAL C 292 -40.94 -8.91 2.89
C VAL C 292 -40.03 -9.78 2.03
N GLU C 293 -40.28 -11.10 2.07
CA GLU C 293 -39.50 -12.02 1.26
C GLU C 293 -39.70 -11.73 -0.23
N VAL C 294 -38.72 -12.16 -1.02
CA VAL C 294 -38.79 -12.08 -2.47
C VAL C 294 -38.76 -13.50 -3.05
N LEU C 295 -39.84 -13.87 -3.76
CA LEU C 295 -39.98 -15.23 -4.29
C LEU C 295 -39.77 -15.31 -5.80
N ASN C 296 -39.55 -14.18 -6.48
CA ASN C 296 -39.01 -14.16 -7.84
C ASN C 296 -37.65 -13.47 -7.89
N PRO C 297 -36.68 -13.93 -7.10
CA PRO C 297 -35.46 -13.14 -6.88
C PRO C 297 -34.59 -13.02 -8.12
N SER C 298 -33.78 -11.96 -8.12
CA SER C 298 -32.55 -11.87 -8.89
C SER C 298 -32.78 -12.05 -10.39
N GLN C 299 -33.97 -11.71 -10.88
CA GLN C 299 -34.32 -11.88 -12.29
C GLN C 299 -33.66 -10.79 -13.14
N VAL C 300 -32.31 -10.80 -13.12
CA VAL C 300 -31.55 -9.90 -13.99
C VAL C 300 -31.58 -10.37 -15.44
N PHE C 301 -31.82 -11.66 -15.67
CA PHE C 301 -32.38 -12.08 -16.95
C PHE C 301 -33.74 -11.44 -17.15
N LEU C 302 -33.88 -10.70 -18.25
CA LEU C 302 -35.09 -9.96 -18.56
C LEU C 302 -36.17 -10.93 -19.00
N GLU C 303 -37.07 -11.28 -18.07
CA GLU C 303 -38.19 -12.18 -18.34
C GLU C 303 -39.04 -11.74 -19.52
N GLU C 304 -38.87 -10.50 -19.97
CA GLU C 304 -39.57 -9.96 -21.14
C GLU C 304 -38.63 -9.82 -22.33
N ARG C 305 -37.69 -10.76 -22.46
CA ARG C 305 -36.82 -10.82 -23.63
C ARG C 305 -37.65 -10.80 -24.92
N LEU C 306 -37.07 -10.23 -25.97
CA LEU C 306 -37.68 -10.32 -27.28
C LEU C 306 -37.70 -11.75 -27.79
N ASP C 307 -38.61 -12.01 -28.73
CA ASP C 307 -38.73 -13.35 -29.31
C ASP C 307 -37.54 -13.68 -30.20
N GLY C 308 -37.34 -12.88 -31.25
CA GLY C 308 -36.25 -13.07 -32.19
C GLY C 308 -34.88 -12.73 -31.65
N ALA C 309 -34.72 -12.76 -30.33
CA ALA C 309 -33.46 -12.41 -29.67
C ALA C 309 -32.49 -13.57 -29.84
N THR C 310 -31.93 -13.66 -31.05
CA THR C 310 -30.80 -14.53 -31.28
C THR C 310 -29.54 -13.98 -30.61
N GLY C 311 -28.69 -14.88 -30.13
CA GLY C 311 -27.47 -14.48 -29.50
C GLY C 311 -27.53 -14.28 -28.01
N SER C 312 -28.37 -15.04 -27.31
CA SER C 312 -28.39 -15.02 -25.86
C SER C 312 -28.27 -16.44 -25.32
N SER C 313 -27.61 -16.55 -24.17
CA SER C 313 -27.60 -17.77 -23.38
C SER C 313 -27.60 -17.40 -21.91
N ILE C 314 -28.16 -18.28 -21.09
CA ILE C 314 -28.13 -18.10 -19.65
C ILE C 314 -27.09 -19.03 -19.05
N VAL C 315 -26.32 -18.50 -18.11
CA VAL C 315 -25.29 -19.23 -17.40
C VAL C 315 -25.59 -19.09 -15.92
N VAL C 316 -25.32 -20.14 -15.16
CA VAL C 316 -25.38 -20.08 -13.70
C VAL C 316 -23.96 -20.02 -13.15
N THR C 317 -23.68 -18.97 -12.39
CA THR C 317 -22.32 -18.53 -12.10
C THR C 317 -22.26 -18.15 -10.63
N MET C 318 -21.04 -18.04 -10.11
CA MET C 318 -20.83 -17.78 -8.69
C MET C 318 -20.37 -16.34 -8.50
N GLU C 319 -21.13 -15.59 -7.70
CA GLU C 319 -20.65 -14.35 -7.09
C GLU C 319 -19.97 -14.68 -5.77
N GLY C 320 -18.74 -15.16 -5.88
CA GLY C 320 -18.02 -15.64 -4.72
C GLY C 320 -18.65 -16.89 -4.12
N THR C 321 -19.31 -16.74 -2.96
CA THR C 321 -20.08 -17.86 -2.42
C THR C 321 -21.51 -17.91 -2.94
N ARG C 322 -22.08 -16.79 -3.35
CA ARG C 322 -23.47 -16.76 -3.78
C ARG C 322 -23.58 -17.34 -5.19
N PRO C 323 -24.32 -18.43 -5.39
CA PRO C 323 -24.70 -18.81 -6.76
C PRO C 323 -25.70 -17.83 -7.33
N ILE C 324 -25.45 -17.36 -8.55
CA ILE C 324 -26.24 -16.31 -9.17
C ILE C 324 -26.41 -16.62 -10.65
N LEU C 325 -27.44 -16.03 -11.24
CA LEU C 325 -27.80 -16.27 -12.63
C LEU C 325 -27.50 -15.04 -13.47
N ALA C 326 -26.92 -15.26 -14.65
CA ALA C 326 -26.50 -14.19 -15.53
C ALA C 326 -26.81 -14.56 -16.97
N GLU C 327 -26.81 -13.55 -17.85
CA GLU C 327 -27.01 -13.73 -19.27
C GLU C 327 -25.78 -13.23 -20.02
N VAL C 328 -25.26 -14.06 -20.90
CA VAL C 328 -24.27 -13.63 -21.88
C VAL C 328 -24.97 -13.30 -23.19
N GLN C 329 -24.48 -12.26 -23.86
CA GLN C 329 -24.99 -11.86 -25.17
C GLN C 329 -23.84 -11.84 -26.17
N ALA C 330 -24.13 -12.27 -27.40
CA ALA C 330 -23.14 -12.26 -28.46
C ALA C 330 -23.75 -11.65 -29.71
N LEU C 331 -22.92 -10.95 -30.48
CA LEU C 331 -23.29 -10.44 -31.80
C LEU C 331 -22.15 -10.75 -32.76
N VAL C 332 -22.47 -11.47 -33.83
CA VAL C 332 -21.49 -11.89 -34.83
C VAL C 332 -21.86 -11.26 -36.16
N THR C 333 -20.90 -10.62 -36.81
CA THR C 333 -21.13 -9.93 -38.06
C THR C 333 -19.86 -9.94 -38.88
N PRO C 334 -19.96 -9.89 -40.22
CA PRO C 334 -18.76 -10.02 -41.06
C PRO C 334 -17.75 -8.92 -40.82
N THR C 335 -16.47 -9.29 -40.89
CA THR C 335 -15.35 -8.36 -40.84
C THR C 335 -15.24 -7.60 -42.16
N MET C 336 -16.02 -6.53 -42.27
CA MET C 336 -16.02 -5.75 -43.49
C MET C 336 -14.82 -4.82 -43.61
N PHE C 337 -14.10 -4.60 -42.51
CA PHE C 337 -12.88 -3.79 -42.52
C PHE C 337 -11.89 -4.37 -41.53
N GLY C 338 -10.60 -4.20 -41.84
CA GLY C 338 -9.49 -4.63 -41.01
C GLY C 338 -9.41 -6.13 -40.76
N ASN C 339 -8.67 -6.46 -39.69
CA ASN C 339 -8.66 -7.77 -39.09
C ASN C 339 -9.90 -7.97 -38.22
N ALA C 340 -10.16 -9.23 -37.87
CA ALA C 340 -11.37 -9.57 -37.13
C ALA C 340 -11.36 -8.94 -35.75
N LYS C 341 -12.40 -8.15 -35.47
CA LYS C 341 -12.57 -7.51 -34.17
C LYS C 341 -13.15 -8.49 -33.16
N ARG C 342 -12.70 -8.38 -31.91
CA ARG C 342 -13.18 -9.26 -30.84
C ARG C 342 -13.60 -8.47 -29.61
N THR C 343 -14.04 -7.22 -29.82
CA THR C 343 -14.45 -6.33 -28.74
C THR C 343 -15.38 -7.05 -27.75
N THR C 344 -15.10 -6.89 -26.46
CA THR C 344 -15.75 -7.68 -25.44
C THR C 344 -15.92 -6.81 -24.20
N THR C 345 -16.98 -7.07 -23.43
CA THR C 345 -17.17 -6.42 -22.13
C THR C 345 -17.68 -7.43 -21.11
N GLY C 346 -17.12 -7.36 -19.90
CA GLY C 346 -17.47 -8.28 -18.83
C GLY C 346 -16.97 -9.69 -19.01
N LEU C 347 -16.28 -9.99 -20.10
CA LEU C 347 -15.77 -11.31 -20.41
C LEU C 347 -14.30 -11.18 -20.76
N ASP C 348 -13.53 -12.22 -20.47
CA ASP C 348 -12.11 -12.19 -20.81
C ASP C 348 -11.92 -12.29 -22.32
N PHE C 349 -11.18 -11.34 -22.88
CA PHE C 349 -10.91 -11.30 -24.31
C PHE C 349 -10.21 -12.56 -24.80
N ASN C 350 -9.24 -13.05 -24.03
CA ASN C 350 -8.52 -14.27 -24.41
C ASN C 350 -9.43 -15.49 -24.36
N ARG C 351 -10.17 -15.64 -23.26
CA ARG C 351 -11.16 -16.71 -23.15
C ARG C 351 -12.11 -16.74 -24.35
N ALA C 352 -12.67 -15.58 -24.71
CA ALA C 352 -13.53 -15.50 -25.88
C ALA C 352 -12.81 -15.91 -27.16
N SER C 353 -11.55 -15.51 -27.30
CA SER C 353 -10.81 -15.91 -28.50
C SER C 353 -10.60 -17.43 -28.55
N LEU C 354 -10.28 -18.04 -27.42
CA LEU C 354 -10.13 -19.48 -27.36
C LEU C 354 -11.43 -20.18 -27.71
N ILE C 355 -12.55 -19.70 -27.14
CA ILE C 355 -13.85 -20.31 -27.41
C ILE C 355 -14.20 -20.21 -28.89
N MET C 356 -13.87 -19.09 -29.52
CA MET C 356 -14.14 -18.95 -30.94
C MET C 356 -13.23 -19.83 -31.79
N ALA C 357 -11.99 -20.04 -31.34
CA ALA C 357 -11.12 -20.99 -32.01
C ALA C 357 -11.64 -22.42 -31.90
N VAL C 358 -12.11 -22.80 -30.72
CA VAL C 358 -12.67 -24.14 -30.53
C VAL C 358 -13.90 -24.34 -31.39
N LEU C 359 -14.82 -23.38 -31.38
CA LEU C 359 -16.02 -23.51 -32.22
C LEU C 359 -15.68 -23.59 -33.70
N GLU C 360 -14.64 -22.89 -34.15
CA GLU C 360 -14.25 -22.99 -35.55
C GLU C 360 -13.62 -24.34 -35.87
N LYS C 361 -12.60 -24.74 -35.11
CA LYS C 361 -11.93 -26.00 -35.40
C LYS C 361 -12.88 -27.18 -35.27
N ARG C 362 -13.60 -27.28 -34.15
CA ARG C 362 -14.32 -28.48 -33.78
C ARG C 362 -15.74 -28.54 -34.31
N ALA C 363 -16.39 -27.40 -34.55
CA ALA C 363 -17.78 -27.41 -35.00
C ALA C 363 -17.98 -26.83 -36.39
N GLY C 364 -16.98 -26.16 -36.96
CA GLY C 364 -17.02 -25.77 -38.34
C GLY C 364 -17.62 -24.41 -38.60
N LEU C 365 -17.93 -23.65 -37.55
CA LEU C 365 -18.40 -22.28 -37.72
C LEU C 365 -17.27 -21.45 -38.30
N LEU C 366 -17.46 -20.94 -39.51
CA LEU C 366 -16.44 -20.09 -40.14
C LEU C 366 -16.47 -18.74 -39.45
N LEU C 367 -15.57 -18.54 -38.49
CA LEU C 367 -15.60 -17.39 -37.60
C LEU C 367 -14.39 -16.48 -37.71
N GLN C 368 -13.27 -16.97 -38.27
CA GLN C 368 -12.07 -16.14 -38.37
C GLN C 368 -12.29 -14.90 -39.23
N ASN C 369 -13.29 -14.89 -40.10
CA ASN C 369 -13.62 -13.72 -40.91
C ASN C 369 -14.88 -13.02 -40.42
N GLN C 370 -15.36 -13.36 -39.22
CA GLN C 370 -16.47 -12.66 -38.57
C GLN C 370 -15.94 -11.78 -37.44
N ASP C 371 -16.44 -10.56 -37.36
CA ASP C 371 -16.38 -9.81 -36.11
C ASP C 371 -17.35 -10.40 -35.10
N ALA C 372 -16.94 -10.42 -33.84
CA ALA C 372 -17.79 -10.92 -32.77
C ALA C 372 -17.73 -9.98 -31.58
N TYR C 373 -18.89 -9.73 -30.99
CA TYR C 373 -19.05 -8.81 -29.88
C TYR C 373 -19.72 -9.56 -28.74
N LEU C 374 -19.18 -9.44 -27.54
CA LEU C 374 -19.70 -10.15 -26.39
C LEU C 374 -19.87 -9.17 -25.24
N LYS C 375 -21.00 -9.25 -24.54
CA LYS C 375 -21.13 -8.57 -23.26
C LYS C 375 -21.85 -9.48 -22.27
N SER C 376 -21.41 -9.41 -21.02
CA SER C 376 -22.23 -9.86 -19.90
C SER C 376 -23.33 -8.85 -19.62
N ALA C 377 -24.57 -9.27 -19.76
CA ALA C 377 -25.69 -8.36 -19.52
C ALA C 377 -25.82 -8.06 -18.04
N GLY C 378 -26.20 -6.83 -17.73
CA GLY C 378 -26.30 -6.37 -16.36
C GLY C 378 -24.99 -6.01 -15.69
N GLY C 379 -23.90 -5.92 -16.45
CA GLY C 379 -22.64 -5.46 -15.89
C GLY C 379 -21.90 -6.45 -15.02
N VAL C 380 -22.38 -7.69 -14.90
CA VAL C 380 -21.69 -8.67 -14.08
C VAL C 380 -20.34 -9.00 -14.68
N LYS C 381 -19.29 -8.99 -13.86
CA LYS C 381 -17.99 -9.50 -14.27
C LYS C 381 -18.04 -11.02 -14.27
N LEU C 382 -18.13 -11.61 -15.46
CA LEU C 382 -18.09 -13.06 -15.61
C LEU C 382 -16.67 -13.49 -15.94
N ASP C 383 -15.99 -14.10 -14.97
CA ASP C 383 -14.67 -14.67 -15.23
C ASP C 383 -14.53 -15.88 -14.30
N GLU C 384 -14.98 -17.03 -14.80
CA GLU C 384 -14.79 -18.33 -14.19
C GLU C 384 -14.89 -19.36 -15.31
N PRO C 385 -14.26 -20.52 -15.17
CA PRO C 385 -14.29 -21.50 -16.26
C PRO C 385 -15.69 -21.91 -16.71
N ALA C 386 -16.65 -21.92 -15.79
CA ALA C 386 -18.01 -22.42 -16.05
C ALA C 386 -18.78 -21.64 -17.11
N ILE C 387 -18.33 -20.46 -17.53
CA ILE C 387 -19.10 -19.69 -18.51
C ILE C 387 -18.78 -20.03 -19.95
N ASP C 388 -17.71 -20.78 -20.20
CA ASP C 388 -17.26 -21.01 -21.58
C ASP C 388 -18.35 -21.67 -22.42
N LEU C 389 -19.11 -22.59 -21.83
CA LEU C 389 -20.18 -23.25 -22.58
C LEU C 389 -21.28 -22.26 -22.96
N ALA C 390 -21.69 -21.41 -22.04
CA ALA C 390 -22.74 -20.42 -22.34
C ALA C 390 -22.27 -19.41 -23.38
N VAL C 391 -21.00 -18.99 -23.29
CA VAL C 391 -20.44 -18.11 -24.32
C VAL C 391 -20.43 -18.80 -25.68
N ALA C 392 -19.98 -20.06 -25.72
CA ALA C 392 -19.97 -20.81 -26.97
C ALA C 392 -21.38 -20.92 -27.56
N VAL C 393 -22.37 -21.22 -26.72
CA VAL C 393 -23.75 -21.30 -27.20
C VAL C 393 -24.27 -19.95 -27.67
N ALA C 394 -23.86 -18.86 -27.03
CA ALA C 394 -24.30 -17.55 -27.50
C ALA C 394 -23.69 -17.20 -28.85
N ILE C 395 -22.40 -17.47 -29.02
CA ILE C 395 -21.73 -17.24 -30.30
C ILE C 395 -22.39 -18.07 -31.39
N ALA C 396 -22.59 -19.36 -31.13
CA ALA C 396 -23.22 -20.23 -32.12
C ALA C 396 -24.65 -19.79 -32.44
N SER C 397 -25.42 -19.41 -31.43
CA SER C 397 -26.77 -18.89 -31.64
C SER C 397 -26.77 -17.65 -32.52
N SER C 398 -25.80 -16.75 -32.34
CA SER C 398 -25.73 -15.57 -33.19
C SER C 398 -25.26 -15.90 -34.60
N TYR C 399 -24.29 -16.80 -34.74
CA TYR C 399 -23.80 -17.16 -36.07
C TYR C 399 -24.85 -17.90 -36.88
N LYS C 400 -25.45 -18.93 -36.30
CA LYS C 400 -26.57 -19.62 -36.93
C LYS C 400 -27.79 -18.73 -37.07
N ASP C 401 -27.90 -17.70 -36.24
CA ASP C 401 -29.06 -16.81 -36.19
C ASP C 401 -30.33 -17.59 -35.88
N LYS C 402 -30.25 -18.39 -34.81
CA LYS C 402 -31.37 -19.20 -34.33
C LYS C 402 -31.43 -19.05 -32.83
N PRO C 403 -32.61 -18.84 -32.25
CA PRO C 403 -32.66 -18.55 -30.80
C PRO C 403 -32.57 -19.81 -29.96
N THR C 404 -31.80 -19.68 -28.86
CA THR C 404 -31.94 -20.60 -27.74
C THR C 404 -33.26 -20.34 -27.02
N ASN C 405 -33.76 -21.36 -26.34
CA ASN C 405 -34.97 -21.17 -25.56
C ASN C 405 -34.65 -20.45 -24.26
N PRO C 406 -35.39 -19.41 -23.90
CA PRO C 406 -35.12 -18.67 -22.65
C PRO C 406 -35.12 -19.51 -21.38
N GLN C 407 -35.66 -20.72 -21.41
CA GLN C 407 -35.74 -21.55 -20.20
C GLN C 407 -34.51 -22.44 -20.00
N GLU C 408 -33.46 -22.27 -20.80
CA GLU C 408 -32.30 -23.15 -20.76
C GLU C 408 -31.15 -22.44 -20.06
N CYS C 409 -30.64 -23.06 -19.00
CA CYS C 409 -29.35 -22.71 -18.41
C CYS C 409 -28.24 -23.55 -19.04
N PHE C 410 -27.02 -23.03 -19.01
CA PHE C 410 -25.83 -23.78 -19.40
C PHE C 410 -24.76 -23.65 -18.34
N VAL C 411 -24.09 -24.75 -18.04
CA VAL C 411 -22.91 -24.75 -17.17
C VAL C 411 -21.86 -25.68 -17.79
N GLY C 412 -20.64 -25.16 -17.97
CA GLY C 412 -19.52 -26.02 -18.33
C GLY C 412 -18.30 -25.27 -18.85
N GLU C 413 -17.12 -25.77 -18.52
CA GLU C 413 -15.90 -25.32 -19.18
C GLU C 413 -15.77 -25.99 -20.54
N LEU C 414 -15.28 -25.25 -21.52
CA LEU C 414 -15.04 -25.77 -22.86
C LEU C 414 -13.55 -26.06 -23.01
N GLY C 415 -13.22 -27.31 -23.33
CA GLY C 415 -11.85 -27.67 -23.64
C GLY C 415 -11.46 -27.32 -25.06
N LEU C 416 -10.15 -27.20 -25.29
CA LEU C 416 -9.67 -27.00 -26.65
C LEU C 416 -9.85 -28.24 -27.51
N THR C 417 -10.05 -29.41 -26.90
CA THR C 417 -10.51 -30.59 -27.62
C THR C 417 -11.98 -30.48 -28.01
N GLY C 418 -12.68 -29.46 -27.53
CA GLY C 418 -14.13 -29.40 -27.60
C GLY C 418 -14.87 -30.26 -26.60
N GLU C 419 -14.17 -30.87 -25.66
CA GLU C 419 -14.85 -31.53 -24.54
C GLU C 419 -15.54 -30.50 -23.66
N ILE C 420 -16.44 -30.99 -22.81
CA ILE C 420 -16.98 -30.22 -21.69
C ILE C 420 -16.38 -30.78 -20.41
N ARG C 421 -15.89 -29.89 -19.55
CA ARG C 421 -15.19 -30.31 -18.35
C ARG C 421 -15.97 -29.91 -17.11
N ARG C 422 -15.81 -30.68 -16.04
CA ARG C 422 -16.57 -30.48 -14.82
C ARG C 422 -16.25 -29.13 -14.18
N VAL C 423 -17.10 -28.75 -13.22
CA VAL C 423 -17.03 -27.46 -12.55
C VAL C 423 -17.23 -27.68 -11.06
N ASN C 424 -16.74 -26.74 -10.28
CA ASN C 424 -16.99 -26.73 -8.85
C ASN C 424 -18.45 -26.40 -8.54
N ARG C 425 -18.91 -26.89 -7.38
CA ARG C 425 -20.18 -26.47 -6.77
C ARG C 425 -21.38 -26.67 -7.69
N ILE C 426 -21.33 -27.73 -8.50
CA ILE C 426 -22.35 -27.97 -9.53
C ILE C 426 -23.75 -28.04 -8.92
N GLU C 427 -23.89 -28.70 -7.77
CA GLU C 427 -25.21 -28.90 -7.18
C GLU C 427 -25.86 -27.60 -6.75
N GLN C 428 -25.08 -26.65 -6.21
CA GLN C 428 -25.65 -25.35 -5.89
C GLN C 428 -26.16 -24.64 -7.15
N ARG C 429 -25.50 -24.84 -8.28
CA ARG C 429 -25.94 -24.22 -9.53
C ARG C 429 -27.23 -24.86 -10.04
N ILE C 430 -27.31 -26.19 -9.95
CA ILE C 430 -28.55 -26.87 -10.32
C ILE C 430 -29.70 -26.43 -9.42
N ASN C 431 -29.44 -26.31 -8.12
CA ASN C 431 -30.48 -25.84 -7.20
C ASN C 431 -30.92 -24.42 -7.51
N GLU C 432 -29.98 -23.54 -7.84
CA GLU C 432 -30.34 -22.18 -8.28
C GLU C 432 -31.23 -22.21 -9.51
N ALA C 433 -30.84 -22.98 -10.53
CA ALA C 433 -31.64 -23.07 -11.74
C ALA C 433 -33.05 -23.60 -11.44
N ALA C 434 -33.15 -24.55 -10.51
CA ALA C 434 -34.45 -25.06 -10.10
C ALA C 434 -35.30 -23.99 -9.42
N LYS C 435 -34.73 -23.30 -8.43
CA LYS C 435 -35.41 -22.21 -7.75
C LYS C 435 -35.92 -21.15 -8.72
N LEU C 436 -35.07 -20.71 -9.65
CA LEU C 436 -35.47 -19.71 -10.62
C LEU C 436 -36.41 -20.25 -11.69
N GLY C 437 -36.65 -21.56 -11.72
CA GLY C 437 -37.72 -22.10 -12.54
C GLY C 437 -37.37 -22.32 -14.00
N PHE C 438 -36.09 -22.35 -14.34
CA PHE C 438 -35.68 -22.77 -15.67
C PHE C 438 -36.05 -24.24 -15.88
N THR C 439 -36.28 -24.63 -17.14
CA THR C 439 -36.71 -26.00 -17.37
C THR C 439 -35.55 -26.94 -17.61
N LYS C 440 -34.55 -26.52 -18.37
CA LYS C 440 -33.41 -27.37 -18.70
C LYS C 440 -32.12 -26.69 -18.27
N ILE C 441 -31.23 -27.46 -17.66
CA ILE C 441 -29.84 -27.04 -17.43
C ILE C 441 -28.91 -28.11 -17.97
N TYR C 442 -28.02 -27.72 -18.89
CA TYR C 442 -26.97 -28.60 -19.36
C TYR C 442 -25.75 -28.51 -18.47
N VAL C 443 -25.18 -29.67 -18.14
CA VAL C 443 -24.03 -29.74 -17.23
C VAL C 443 -23.07 -30.80 -17.76
N PRO C 444 -21.81 -30.76 -17.32
CA PRO C 444 -20.85 -31.77 -17.76
C PRO C 444 -21.26 -33.16 -17.29
N LYS C 445 -21.29 -34.10 -18.23
CA LYS C 445 -21.80 -35.44 -17.94
C LYS C 445 -21.07 -36.08 -16.77
N ASN C 446 -19.74 -35.93 -16.72
CA ASN C 446 -18.97 -36.51 -15.62
C ASN C 446 -19.36 -35.91 -14.27
N SER C 447 -19.80 -34.66 -14.26
CA SER C 447 -20.09 -33.96 -13.01
C SER C 447 -21.40 -34.39 -12.36
N LEU C 448 -22.19 -35.25 -13.02
CA LEU C 448 -23.37 -35.81 -12.36
C LEU C 448 -23.02 -36.80 -11.26
N THR C 449 -21.81 -37.35 -11.26
CA THR C 449 -21.43 -38.41 -10.32
C THR C 449 -21.66 -38.03 -8.87
N GLY C 450 -22.58 -38.73 -8.21
CA GLY C 450 -22.90 -38.50 -6.81
C GLY C 450 -23.71 -37.25 -6.52
N ILE C 451 -24.29 -36.62 -7.53
CA ILE C 451 -25.16 -35.46 -7.32
C ILE C 451 -26.60 -35.94 -7.29
N THR C 452 -27.35 -35.50 -6.29
CA THR C 452 -28.78 -35.78 -6.21
C THR C 452 -29.54 -34.71 -6.97
N LEU C 453 -30.29 -35.12 -7.98
CA LEU C 453 -31.00 -34.17 -8.83
C LEU C 453 -32.24 -33.66 -8.12
N PRO C 454 -32.50 -32.36 -8.14
CA PRO C 454 -33.87 -31.87 -7.94
C PRO C 454 -34.76 -32.30 -9.11
N LYS C 455 -35.83 -33.02 -8.80
CA LYS C 455 -36.73 -33.52 -9.85
C LYS C 455 -37.52 -32.39 -10.51
N GLU C 456 -37.45 -31.18 -9.97
CA GLU C 456 -38.13 -30.04 -10.57
C GLU C 456 -37.61 -29.71 -11.97
N ILE C 457 -36.38 -30.08 -12.29
CA ILE C 457 -35.77 -29.67 -13.55
C ILE C 457 -35.10 -30.85 -14.23
N GLN C 458 -34.98 -30.78 -15.55
CA GLN C 458 -34.33 -31.80 -16.36
C GLN C 458 -32.84 -31.48 -16.47
N VAL C 459 -32.03 -32.08 -15.61
CA VAL C 459 -30.58 -31.99 -15.73
C VAL C 459 -30.10 -32.88 -16.87
N ILE C 460 -29.40 -32.29 -17.84
CA ILE C 460 -28.94 -33.00 -19.03
C ILE C 460 -27.42 -33.01 -19.02
N GLY C 461 -26.85 -34.22 -19.03
CA GLY C 461 -25.40 -34.37 -19.17
C GLY C 461 -24.97 -34.21 -20.62
N VAL C 462 -23.97 -33.36 -20.85
CA VAL C 462 -23.40 -33.16 -22.16
C VAL C 462 -21.90 -33.36 -22.10
N THR C 463 -21.32 -33.81 -23.23
CA THR C 463 -19.96 -34.32 -23.27
C THR C 463 -19.04 -33.54 -24.19
N THR C 464 -19.54 -33.01 -25.30
CA THR C 464 -18.73 -32.27 -26.26
C THR C 464 -19.52 -31.10 -26.78
N ILE C 465 -18.81 -30.13 -27.36
CA ILE C 465 -19.46 -28.94 -27.92
C ILE C 465 -20.39 -29.30 -29.08
N GLN C 466 -19.97 -30.24 -29.93
CA GLN C 466 -20.81 -30.61 -31.08
C GLN C 466 -22.11 -31.26 -30.62
N GLU C 467 -22.06 -32.06 -29.55
CA GLU C 467 -23.28 -32.60 -28.97
C GLU C 467 -24.22 -31.50 -28.48
N VAL C 468 -23.66 -30.47 -27.83
CA VAL C 468 -24.48 -29.37 -27.35
C VAL C 468 -25.12 -28.62 -28.51
N LEU C 469 -24.33 -28.32 -29.54
CA LEU C 469 -24.88 -27.57 -30.67
C LEU C 469 -25.91 -28.38 -31.45
N LYS C 470 -25.75 -29.71 -31.50
CA LYS C 470 -26.81 -30.58 -32.02
C LYS C 470 -28.07 -30.51 -31.18
N LYS C 471 -27.94 -30.70 -29.86
CA LYS C 471 -29.11 -30.77 -28.99
C LYS C 471 -29.84 -29.44 -28.84
N VAL C 472 -29.13 -28.32 -28.98
CA VAL C 472 -29.78 -27.02 -28.88
C VAL C 472 -30.30 -26.54 -30.24
N PHE C 473 -29.45 -26.53 -31.26
CA PHE C 473 -29.81 -25.94 -32.53
C PHE C 473 -30.11 -27.01 -33.58
N PRO D 77 -35.60 5.52 31.04
CA PRO D 77 -36.87 4.80 31.13
C PRO D 77 -36.72 3.47 31.87
N MET D 78 -37.84 2.88 32.29
CA MET D 78 -37.79 1.70 33.15
C MET D 78 -38.81 0.66 32.71
N LYS D 79 -40.03 1.09 32.39
CA LYS D 79 -41.12 0.20 32.02
C LYS D 79 -41.67 0.66 30.68
N LEU D 80 -41.70 -0.25 29.70
CA LEU D 80 -42.40 0.01 28.46
C LEU D 80 -42.94 -1.30 27.90
N ALA D 81 -44.04 -1.22 27.14
CA ALA D 81 -44.51 -2.35 26.35
C ALA D 81 -45.26 -1.86 25.12
N GLU D 82 -44.62 -0.95 24.37
CA GLU D 82 -45.24 -0.18 23.28
C GLU D 82 -46.38 0.72 23.77
N VAL D 83 -46.02 1.71 24.59
CA VAL D 83 -47.04 2.54 25.25
C VAL D 83 -46.77 4.02 25.00
N THR D 84 -46.00 4.68 25.87
CA THR D 84 -45.95 6.13 25.92
C THR D 84 -45.35 6.72 24.65
N SER D 85 -45.96 7.81 24.16
CA SER D 85 -45.81 8.21 22.76
C SER D 85 -46.03 9.71 22.59
N ILE D 86 -45.00 10.52 22.86
CA ILE D 86 -45.06 11.95 22.58
C ILE D 86 -45.22 12.22 21.09
N ASN D 87 -44.91 11.23 20.26
CA ASN D 87 -44.81 11.35 18.80
C ASN D 87 -43.74 12.34 18.37
N VAL D 88 -43.56 12.46 17.06
CA VAL D 88 -42.65 13.41 16.44
C VAL D 88 -43.23 14.82 16.53
N ASN D 89 -42.61 15.68 17.35
CA ASN D 89 -42.89 17.11 17.35
C ASN D 89 -42.22 17.91 16.24
N ARG D 90 -42.34 17.45 14.99
CA ARG D 90 -41.47 17.89 13.90
C ARG D 90 -41.54 19.39 13.64
N THR D 91 -40.44 20.11 13.89
CA THR D 91 -40.45 21.56 13.97
C THR D 91 -39.82 22.12 12.70
N LYS D 92 -40.57 22.93 11.98
CA LYS D 92 -40.15 23.45 10.69
C LYS D 92 -39.20 24.63 10.82
N THR D 93 -38.34 24.79 9.83
CA THR D 93 -37.72 26.07 9.53
C THR D 93 -38.51 26.77 8.42
N GLU D 94 -38.20 28.05 8.23
CA GLU D 94 -38.89 28.85 7.22
C GLU D 94 -38.53 28.43 5.80
N MET D 95 -37.35 27.85 5.61
CA MET D 95 -37.00 27.21 4.34
C MET D 95 -37.61 25.82 4.29
N GLU D 96 -38.64 25.64 3.46
CA GLU D 96 -39.22 24.32 3.23
C GLU D 96 -38.28 23.39 2.47
N GLU D 97 -37.40 23.94 1.63
CA GLU D 97 -36.40 23.11 0.96
C GLU D 97 -35.33 22.58 1.91
N PHE D 98 -35.28 23.04 3.15
CA PHE D 98 -34.56 22.32 4.18
C PHE D 98 -35.46 21.26 4.82
N ASN D 99 -36.65 21.67 5.26
CA ASN D 99 -37.58 20.75 5.91
C ASN D 99 -37.84 19.52 5.06
N ARG D 100 -37.97 19.69 3.75
CA ARG D 100 -38.25 18.56 2.86
C ARG D 100 -37.14 17.53 2.86
N VAL D 101 -35.90 17.94 3.13
CA VAL D 101 -34.80 16.98 3.12
C VAL D 101 -34.72 16.20 4.42
N LEU D 102 -35.24 16.75 5.50
CA LEU D 102 -35.50 15.99 6.72
C LEU D 102 -36.93 15.44 6.64
N GLY D 103 -37.48 15.04 7.78
CA GLY D 103 -38.84 14.53 7.84
C GLY D 103 -39.92 15.60 7.83
N GLY D 104 -39.71 16.68 7.09
CA GLY D 104 -40.57 17.85 7.21
C GLY D 104 -40.26 18.76 8.37
N GLY D 105 -39.16 18.53 9.08
CA GLY D 105 -38.82 19.35 10.21
C GLY D 105 -37.70 18.72 11.00
N VAL D 106 -37.26 19.45 12.02
CA VAL D 106 -36.22 18.95 12.91
C VAL D 106 -36.87 18.04 13.94
N VAL D 107 -36.06 17.27 14.65
CA VAL D 107 -36.57 16.29 15.62
C VAL D 107 -35.85 16.50 16.94
N PRO D 108 -36.55 16.72 18.05
CA PRO D 108 -35.87 16.77 19.34
C PRO D 108 -35.37 15.40 19.76
N GLY D 109 -34.31 15.39 20.56
CA GLY D 109 -33.68 14.14 20.93
C GLY D 109 -32.89 13.46 19.84
N SER D 110 -32.42 14.22 18.84
CA SER D 110 -31.76 13.62 17.69
C SER D 110 -30.50 14.40 17.34
N LEU D 111 -29.59 13.71 16.66
CA LEU D 111 -28.37 14.29 16.11
C LEU D 111 -28.50 14.34 14.60
N VAL D 112 -28.36 15.54 14.04
CA VAL D 112 -28.22 15.73 12.60
C VAL D 112 -26.78 16.06 12.29
N LEU D 113 -26.21 15.38 11.29
CA LEU D 113 -24.86 15.64 10.82
C LEU D 113 -24.89 16.17 9.41
N ILE D 114 -24.24 17.31 9.18
CA ILE D 114 -24.17 17.92 7.85
C ILE D 114 -22.71 17.92 7.41
N GLY D 115 -22.43 17.28 6.27
CA GLY D 115 -21.18 17.46 5.58
C GLY D 115 -21.38 18.16 4.24
N GLY D 116 -20.26 18.53 3.63
CA GLY D 116 -20.34 19.14 2.32
C GLY D 116 -18.97 19.52 1.81
N ASP D 117 -18.96 20.02 0.57
CA ASP D 117 -17.73 20.52 -0.03
C ASP D 117 -17.23 21.73 0.74
N PRO D 118 -15.92 21.85 0.97
CA PRO D 118 -15.43 22.87 1.89
C PRO D 118 -15.67 24.28 1.37
N GLY D 119 -16.12 25.15 2.27
CA GLY D 119 -16.36 26.54 1.95
C GLY D 119 -17.50 26.80 1.01
N ILE D 120 -18.18 25.77 0.51
CA ILE D 120 -19.15 25.94 -0.57
C ILE D 120 -20.42 26.61 -0.06
N GLY D 121 -20.64 26.65 1.24
CA GLY D 121 -21.88 27.10 1.82
C GLY D 121 -22.25 26.29 3.05
N LYS D 122 -21.38 25.35 3.40
CA LYS D 122 -21.66 24.41 4.49
C LYS D 122 -22.01 25.12 5.79
N SER D 123 -21.15 26.07 6.21
CA SER D 123 -21.44 26.85 7.41
C SER D 123 -22.46 27.95 7.16
N THR D 124 -22.48 28.55 5.97
CA THR D 124 -23.49 29.54 5.65
C THR D 124 -24.90 28.98 5.81
N LEU D 125 -25.13 27.77 5.29
CA LEU D 125 -26.41 27.10 5.44
C LEU D 125 -26.81 27.00 6.92
N LEU D 126 -25.91 26.49 7.75
CA LEU D 126 -26.29 26.20 9.12
C LEU D 126 -26.39 27.45 9.98
N LEU D 127 -25.60 28.48 9.67
CA LEU D 127 -25.80 29.78 10.30
C LEU D 127 -27.14 30.40 9.94
N GLN D 128 -27.52 30.34 8.66
CA GLN D 128 -28.83 30.86 8.27
C GLN D 128 -29.97 30.07 8.91
N VAL D 129 -29.88 28.74 8.88
CA VAL D 129 -30.84 27.90 9.58
C VAL D 129 -30.92 28.26 11.06
N SER D 130 -29.79 28.60 11.68
CA SER D 130 -29.83 29.10 13.05
C SER D 130 -30.59 30.41 13.16
N THR D 131 -30.35 31.35 12.24
CA THR D 131 -31.10 32.60 12.21
C THR D 131 -32.59 32.41 11.96
N GLN D 132 -33.01 31.23 11.51
CA GLN D 132 -34.44 30.99 11.29
C GLN D 132 -35.06 30.17 12.41
N LEU D 133 -34.31 29.22 12.97
CA LEU D 133 -34.74 28.49 14.16
C LEU D 133 -34.77 29.38 15.39
N SER D 134 -33.86 30.35 15.49
CA SER D 134 -33.85 31.29 16.60
C SER D 134 -35.18 32.02 16.77
N GLN D 135 -36.00 32.11 15.72
CA GLN D 135 -37.32 32.70 15.87
C GLN D 135 -38.26 31.78 16.66
N VAL D 136 -38.04 30.47 16.58
CA VAL D 136 -38.98 29.51 17.16
C VAL D 136 -38.48 29.07 18.53
N GLY D 137 -37.16 29.00 18.70
CA GLY D 137 -36.61 28.58 19.98
C GLY D 137 -35.17 29.02 20.13
N THR D 138 -34.64 28.79 21.33
CA THR D 138 -33.29 29.21 21.66
C THR D 138 -32.27 28.30 20.99
N VAL D 139 -31.31 28.91 20.30
CA VAL D 139 -30.27 28.20 19.57
C VAL D 139 -28.90 28.64 20.10
N LEU D 140 -28.09 27.66 20.48
CA LEU D 140 -26.71 27.89 20.90
C LEU D 140 -25.80 27.41 19.77
N TYR D 141 -24.95 28.30 19.28
CA TYR D 141 -24.08 28.03 18.15
C TYR D 141 -22.61 28.04 18.60
N VAL D 142 -21.93 26.91 18.39
CA VAL D 142 -20.58 26.70 18.88
C VAL D 142 -19.68 26.48 17.67
N SER D 143 -18.62 27.27 17.56
CA SER D 143 -17.64 27.09 16.49
C SER D 143 -16.25 26.94 17.09
N GLY D 144 -15.62 25.79 16.86
CA GLY D 144 -14.20 25.65 17.07
C GLY D 144 -13.34 26.16 15.93
N GLU D 145 -13.92 26.29 14.74
CA GLU D 145 -13.17 26.52 13.52
C GLU D 145 -13.25 27.96 13.01
N GLU D 146 -13.98 28.84 13.71
CA GLU D 146 -14.11 30.21 13.24
C GLU D 146 -14.33 31.12 14.44
N SER D 147 -13.94 32.38 14.29
CA SER D 147 -13.99 33.31 15.41
C SER D 147 -15.40 33.90 15.55
N ALA D 148 -15.80 34.15 16.79
CA ALA D 148 -17.08 34.78 17.07
C ALA D 148 -17.25 36.11 16.33
N GLN D 149 -16.17 36.88 16.18
CA GLN D 149 -16.25 38.12 15.42
C GLN D 149 -16.55 37.85 13.96
N GLN D 150 -15.78 36.95 13.34
CA GLN D 150 -16.03 36.64 11.93
C GLN D 150 -17.39 35.97 11.73
N ILE D 151 -17.84 35.20 12.73
CA ILE D 151 -19.18 34.60 12.67
C ILE D 151 -20.23 35.69 12.62
N LYS D 152 -20.18 36.65 13.55
CA LYS D 152 -21.20 37.68 13.59
C LYS D 152 -21.10 38.62 12.40
N LEU D 153 -19.90 38.88 11.90
CA LEU D 153 -19.72 39.67 10.69
C LEU D 153 -20.30 38.98 9.46
N ARG D 154 -20.23 37.64 9.39
CA ARG D 154 -20.94 36.93 8.33
C ARG D 154 -22.44 36.96 8.53
N ALA D 155 -22.91 36.74 9.76
CA ALA D 155 -24.35 36.78 10.04
C ALA D 155 -24.95 38.13 9.70
N GLU D 156 -24.18 39.21 9.92
CA GLU D 156 -24.65 40.54 9.54
C GLU D 156 -24.91 40.66 8.05
N ARG D 157 -24.24 39.86 7.22
CA ARG D 157 -24.58 39.82 5.81
C ARG D 157 -25.96 39.24 5.56
N LEU D 158 -26.49 38.43 6.47
CA LEU D 158 -27.89 38.04 6.39
C LEU D 158 -28.83 39.17 6.77
N GLY D 159 -28.30 40.27 7.30
CA GLY D 159 -29.02 41.51 7.46
C GLY D 159 -29.91 41.61 8.67
N ASP D 160 -30.16 40.51 9.39
CA ASP D 160 -31.11 40.55 10.49
C ASP D 160 -30.71 39.54 11.55
N ILE D 161 -31.12 39.81 12.79
CA ILE D 161 -30.99 38.86 13.89
C ILE D 161 -32.32 38.81 14.64
N ASP D 162 -32.60 39.88 15.39
CA ASP D 162 -33.88 40.09 16.07
C ASP D 162 -34.41 38.87 16.82
N SER D 163 -33.54 38.09 17.44
CA SER D 163 -33.95 36.78 17.93
C SER D 163 -33.01 36.32 19.03
N GLU D 164 -33.46 35.30 19.77
CA GLU D 164 -32.67 34.63 20.79
C GLU D 164 -31.65 33.72 20.13
N PHE D 165 -30.40 34.19 20.06
CA PHE D 165 -29.35 33.48 19.32
C PHE D 165 -28.02 33.78 19.99
N TYR D 166 -27.39 32.73 20.52
CA TYR D 166 -26.13 32.85 21.27
C TYR D 166 -24.97 32.37 20.40
N LEU D 167 -23.89 33.14 20.40
CA LEU D 167 -22.66 32.76 19.72
C LEU D 167 -21.65 32.31 20.77
N TYR D 168 -20.88 31.28 20.42
CA TYR D 168 -19.86 30.78 21.34
C TYR D 168 -18.73 30.15 20.53
N ALA D 169 -17.54 30.11 21.13
CA ALA D 169 -16.33 29.73 20.40
C ALA D 169 -15.46 28.75 21.18
N GLU D 170 -16.03 28.06 22.17
CA GLU D 170 -15.26 27.15 23.00
C GLU D 170 -14.85 25.91 22.20
N THR D 171 -14.00 25.09 22.82
CA THR D 171 -13.56 23.83 22.25
C THR D 171 -13.45 22.70 23.27
N ASN D 172 -13.27 23.00 24.55
CA ASN D 172 -13.36 21.99 25.60
C ASN D 172 -14.81 21.59 25.85
N MET D 173 -15.11 20.32 25.63
CA MET D 173 -16.49 19.82 25.76
C MET D 173 -17.04 19.97 27.17
N GLN D 174 -16.17 20.00 28.18
CA GLN D 174 -16.66 20.23 29.54
C GLN D 174 -17.18 21.65 29.71
N SER D 175 -16.51 22.64 29.12
CA SER D 175 -17.01 24.01 29.16
C SER D 175 -18.02 24.33 28.05
N VAL D 176 -18.23 23.42 27.11
CA VAL D 176 -19.48 23.41 26.33
C VAL D 176 -20.65 22.97 27.20
N ARG D 177 -20.48 21.85 27.92
CA ARG D 177 -21.52 21.40 28.84
C ARG D 177 -21.84 22.43 29.91
N ALA D 178 -20.82 23.13 30.40
CA ALA D 178 -21.05 24.17 31.39
C ALA D 178 -21.97 25.27 30.87
N GLU D 179 -21.91 25.56 29.57
CA GLU D 179 -22.90 26.46 28.97
C GLU D 179 -24.25 25.77 28.82
N VAL D 180 -24.26 24.58 28.22
CA VAL D 180 -25.51 23.90 27.87
C VAL D 180 -26.39 23.70 29.10
N GLU D 181 -25.78 23.40 30.24
CA GLU D 181 -26.53 23.16 31.46
C GLU D 181 -27.20 24.41 32.02
N ARG D 182 -26.70 25.60 31.67
CA ARG D 182 -27.40 26.83 32.03
C ARG D 182 -28.40 27.25 30.96
N ILE D 183 -27.97 27.30 29.70
CA ILE D 183 -28.82 27.85 28.65
C ILE D 183 -29.96 26.90 28.32
N GLN D 184 -29.73 25.60 28.48
CA GLN D 184 -30.73 24.57 28.20
C GLN D 184 -31.40 24.76 26.83
N PRO D 185 -30.63 24.76 25.74
CA PRO D 185 -31.18 25.16 24.45
C PRO D 185 -32.22 24.16 23.96
N ASP D 186 -33.06 24.64 23.04
CA ASP D 186 -33.80 23.72 22.19
C ASP D 186 -32.92 23.16 21.08
N PHE D 187 -32.01 23.97 20.54
CA PHE D 187 -31.16 23.58 19.43
C PHE D 187 -29.71 23.88 19.79
N LEU D 188 -28.81 22.95 19.47
CA LEU D 188 -27.38 23.13 19.62
C LEU D 188 -26.69 22.88 18.28
N ILE D 189 -25.79 23.78 17.91
CA ILE D 189 -25.05 23.68 16.65
C ILE D 189 -23.56 23.67 16.96
N ILE D 190 -22.84 22.75 16.32
CA ILE D 190 -21.39 22.64 16.45
C ILE D 190 -20.79 22.71 15.05
N ASP D 191 -20.04 23.77 14.78
CA ASP D 191 -19.56 24.03 13.42
C ASP D 191 -18.39 23.14 13.00
N SER D 192 -17.79 22.38 13.92
CA SER D 192 -16.83 21.36 13.53
C SER D 192 -16.54 20.40 14.67
N ILE D 193 -16.95 19.14 14.52
CA ILE D 193 -16.60 18.12 15.49
C ILE D 193 -15.10 17.80 15.46
N GLN D 194 -14.43 18.06 14.34
CA GLN D 194 -12.98 17.93 14.25
C GLN D 194 -12.23 18.95 15.09
N THR D 195 -12.84 20.09 15.40
CA THR D 195 -12.18 21.11 16.20
C THR D 195 -12.52 21.06 17.68
N ILE D 196 -13.76 20.73 18.03
CA ILE D 196 -14.11 20.51 19.43
C ILE D 196 -13.36 19.28 19.94
N MET D 197 -12.89 19.33 21.18
CA MET D 197 -12.09 18.25 21.72
C MET D 197 -12.45 18.01 23.18
N SER D 198 -12.19 16.77 23.65
CA SER D 198 -12.23 16.41 25.07
C SER D 198 -10.83 16.38 25.67
N PRO D 199 -10.58 17.10 26.76
CA PRO D 199 -9.25 17.10 27.38
C PRO D 199 -8.92 15.82 28.14
N GLU D 200 -9.92 15.00 28.49
CA GLU D 200 -9.68 13.82 29.32
C GLU D 200 -9.35 12.58 28.52
N ILE D 201 -8.82 12.72 27.31
CA ILE D 201 -8.39 11.59 26.51
C ILE D 201 -7.14 12.00 25.73
N SER D 202 -6.25 11.04 25.54
CA SER D 202 -4.90 11.33 25.07
C SER D 202 -4.84 11.57 23.56
N GLY D 203 -5.93 11.34 22.84
CA GLY D 203 -5.88 11.41 21.40
C GLY D 203 -5.67 12.82 20.89
N VAL D 204 -5.05 12.90 19.71
CA VAL D 204 -4.97 14.16 18.99
C VAL D 204 -6.37 14.70 18.73
N GLN D 205 -6.49 16.03 18.75
CA GLN D 205 -7.78 16.73 18.65
C GLN D 205 -8.70 16.15 17.57
N GLY D 206 -8.15 15.94 16.37
CA GLY D 206 -8.88 15.43 15.23
C GLY D 206 -8.99 13.92 15.13
N SER D 207 -8.53 13.17 16.13
CA SER D 207 -8.42 11.73 16.01
C SER D 207 -9.80 11.06 16.01
N VAL D 208 -9.84 9.86 15.43
CA VAL D 208 -10.97 8.96 15.59
C VAL D 208 -11.39 8.82 17.05
N SER D 209 -10.42 8.67 17.95
CA SER D 209 -10.74 8.41 19.34
C SER D 209 -11.32 9.64 20.03
N GLN D 210 -10.80 10.82 19.70
CA GLN D 210 -11.36 12.05 20.22
C GLN D 210 -12.79 12.23 19.73
N VAL D 211 -13.02 12.00 18.43
CA VAL D 211 -14.35 12.15 17.86
C VAL D 211 -15.32 11.19 18.55
N ARG D 212 -14.88 9.98 18.85
CA ARG D 212 -15.70 9.05 19.62
C ARG D 212 -16.03 9.60 21.00
N GLU D 213 -15.08 10.29 21.62
CA GLU D 213 -15.30 10.80 22.96
C GLU D 213 -16.32 11.94 22.95
N VAL D 214 -16.15 12.88 22.03
CA VAL D 214 -17.08 14.00 21.96
C VAL D 214 -18.49 13.51 21.57
N THR D 215 -18.58 12.60 20.59
CA THR D 215 -19.89 12.17 20.11
C THR D 215 -20.67 11.39 21.16
N ALA D 216 -20.00 10.57 21.97
CA ALA D 216 -20.71 9.89 23.05
C ALA D 216 -21.37 10.88 24.02
N GLU D 217 -20.69 12.00 24.27
CA GLU D 217 -21.25 13.04 25.14
C GLU D 217 -22.35 13.82 24.44
N LEU D 218 -22.15 14.14 23.17
CA LEU D 218 -23.19 14.79 22.39
C LEU D 218 -24.49 14.00 22.45
N MET D 219 -24.42 12.68 22.21
CA MET D 219 -25.65 11.88 22.26
C MET D 219 -26.20 11.74 23.68
N GLN D 220 -25.33 11.80 24.70
CA GLN D 220 -25.87 11.82 26.06
C GLN D 220 -26.64 13.10 26.34
N LEU D 221 -26.12 14.25 25.89
CA LEU D 221 -26.85 15.51 26.04
C LEU D 221 -28.14 15.50 25.25
N ALA D 222 -28.08 15.02 24.00
CA ALA D 222 -29.27 14.96 23.15
C ALA D 222 -30.38 14.14 23.79
N LYS D 223 -30.05 12.95 24.30
CA LYS D 223 -31.09 12.12 24.93
C LYS D 223 -31.56 12.72 26.25
N THR D 224 -30.63 13.15 27.10
CA THR D 224 -31.02 13.58 28.45
C THR D 224 -31.75 14.92 28.43
N ASN D 225 -31.33 15.86 27.58
CA ASN D 225 -31.94 17.18 27.55
C ASN D 225 -32.94 17.38 26.41
N ASN D 226 -33.15 16.36 25.57
CA ASN D 226 -34.09 16.44 24.45
C ASN D 226 -33.70 17.51 23.43
N ILE D 227 -32.40 17.78 23.30
CA ILE D 227 -31.92 18.80 22.39
C ILE D 227 -31.91 18.25 20.96
N ALA D 228 -32.12 19.12 19.98
CA ALA D 228 -31.74 18.85 18.60
C ALA D 228 -30.32 19.37 18.36
N ILE D 229 -29.40 18.47 18.04
CA ILE D 229 -27.99 18.79 17.83
C ILE D 229 -27.68 18.70 16.35
N PHE D 230 -27.04 19.74 15.82
CA PHE D 230 -26.51 19.73 14.46
C PHE D 230 -24.98 19.72 14.51
N ILE D 231 -24.37 18.77 13.80
CA ILE D 231 -22.92 18.64 13.73
C ILE D 231 -22.49 18.89 12.29
N VAL D 232 -21.43 19.67 12.12
CA VAL D 232 -20.77 19.83 10.83
C VAL D 232 -19.52 18.96 10.84
N GLY D 233 -19.33 18.20 9.77
CA GLY D 233 -18.23 17.25 9.68
C GLY D 233 -17.33 17.53 8.50
N HIS D 234 -16.05 17.21 8.67
CA HIS D 234 -15.10 17.28 7.57
C HIS D 234 -15.36 16.16 6.56
N VAL D 235 -14.92 16.40 5.33
CA VAL D 235 -15.16 15.48 4.22
C VAL D 235 -13.82 15.01 3.67
N THR D 236 -13.83 13.79 3.10
CA THR D 236 -12.65 13.24 2.44
C THR D 236 -12.38 13.87 1.08
N LYS D 237 -13.26 14.77 0.59
CA LYS D 237 -13.33 15.32 -0.76
C LYS D 237 -13.67 14.26 -1.81
N GLU D 238 -14.00 13.04 -1.39
CA GLU D 238 -14.61 12.03 -2.25
C GLU D 238 -16.07 11.82 -1.88
N GLY D 239 -16.78 12.92 -1.59
CA GLY D 239 -18.20 12.84 -1.24
C GLY D 239 -18.48 11.98 -0.05
N THR D 240 -17.50 11.81 0.84
CA THR D 240 -17.52 10.86 1.93
C THR D 240 -17.02 11.58 3.17
N LEU D 241 -17.55 11.19 4.33
CA LEU D 241 -17.18 11.88 5.56
C LEU D 241 -15.80 11.40 6.03
N ALA D 242 -15.01 12.34 6.52
CA ALA D 242 -13.72 12.02 7.11
C ALA D 242 -13.92 11.38 8.48
N GLY D 243 -12.81 11.19 9.19
CA GLY D 243 -12.81 10.49 10.45
C GLY D 243 -13.30 9.08 10.29
N PRO D 244 -13.83 8.50 11.36
CA PRO D 244 -14.43 7.16 11.25
C PRO D 244 -15.85 7.22 10.72
N ARG D 245 -16.16 6.31 9.80
CA ARG D 245 -17.54 6.14 9.35
C ARG D 245 -18.48 5.65 10.45
N MET D 246 -17.96 5.25 11.61
CA MET D 246 -18.79 5.09 12.80
C MET D 246 -19.71 6.29 13.05
N LEU D 247 -19.25 7.51 12.74
CA LEU D 247 -20.12 8.68 12.85
C LEU D 247 -21.44 8.49 12.11
N GLU D 248 -21.36 8.04 10.85
CA GLU D 248 -22.59 7.84 10.08
C GLU D 248 -23.53 6.85 10.75
N HIS D 249 -22.98 5.86 11.47
CA HIS D 249 -23.80 4.96 12.25
C HIS D 249 -24.40 5.65 13.47
N MET D 250 -23.57 6.38 14.22
CA MET D 250 -23.95 6.92 15.51
C MET D 250 -25.00 8.02 15.40
N VAL D 251 -24.81 8.97 14.46
CA VAL D 251 -25.81 10.02 14.28
C VAL D 251 -27.10 9.45 13.73
N ASP D 252 -28.19 10.19 13.94
CA ASP D 252 -29.50 9.79 13.45
C ASP D 252 -29.65 10.11 11.98
N THR D 253 -29.24 11.30 11.58
CA THR D 253 -29.46 11.81 10.23
C THR D 253 -28.17 12.45 9.77
N VAL D 254 -27.79 12.18 8.52
CA VAL D 254 -26.55 12.70 7.96
C VAL D 254 -26.81 13.21 6.55
N LEU D 255 -26.33 14.40 6.25
CA LEU D 255 -26.62 15.12 5.03
C LEU D 255 -25.33 15.47 4.31
N TYR D 256 -25.42 15.60 2.99
CA TYR D 256 -24.33 16.13 2.18
C TYR D 256 -24.82 17.39 1.49
N PHE D 257 -24.04 18.45 1.57
CA PHE D 257 -24.35 19.70 0.89
C PHE D 257 -23.47 19.77 -0.35
N GLU D 258 -24.05 19.41 -1.50
CA GLU D 258 -23.33 19.48 -2.76
C GLU D 258 -23.26 20.91 -3.26
N GLY D 259 -22.10 21.29 -3.77
CA GLY D 259 -21.97 22.51 -4.53
C GLY D 259 -20.97 22.35 -5.64
N GLU D 260 -20.92 21.13 -6.19
CA GLU D 260 -19.88 20.73 -7.11
C GLU D 260 -19.91 21.59 -8.37
N ARG D 261 -18.84 21.49 -9.16
CA ARG D 261 -18.80 22.13 -10.47
C ARG D 261 -19.95 21.65 -11.35
N HIS D 262 -20.64 20.58 -10.94
CA HIS D 262 -21.89 20.17 -11.58
C HIS D 262 -22.85 21.35 -11.78
N HIS D 263 -22.88 22.29 -10.84
CA HIS D 263 -23.94 23.30 -10.84
C HIS D 263 -23.43 24.57 -10.18
N THR D 264 -24.07 25.69 -10.56
CA THR D 264 -23.92 26.94 -9.83
C THR D 264 -24.82 26.98 -8.60
N PHE D 265 -25.93 26.26 -8.65
CA PHE D 265 -26.82 26.06 -7.52
C PHE D 265 -26.14 25.22 -6.44
N ARG D 266 -26.90 24.83 -5.44
CA ARG D 266 -26.50 23.80 -4.48
C ARG D 266 -27.62 22.77 -4.37
N ILE D 267 -27.25 21.57 -3.97
CA ILE D 267 -28.20 20.51 -3.65
C ILE D 267 -27.86 19.96 -2.27
N LEU D 268 -28.87 19.80 -1.43
CA LEU D 268 -28.72 19.18 -0.13
C LEU D 268 -29.27 17.76 -0.19
N ARG D 269 -28.40 16.78 -0.03
CA ARG D 269 -28.72 15.38 -0.25
C ARG D 269 -28.76 14.66 1.09
N ALA D 270 -29.90 14.07 1.41
CA ALA D 270 -29.99 13.17 2.55
C ALA D 270 -29.39 11.82 2.18
N VAL D 271 -28.32 11.42 2.86
CA VAL D 271 -27.68 10.15 2.58
C VAL D 271 -28.02 9.10 3.63
N LYS D 272 -28.52 9.50 4.79
CA LYS D 272 -29.24 8.61 5.69
C LYS D 272 -30.18 9.47 6.52
N ASN D 273 -31.32 8.90 6.88
CA ASN D 273 -32.23 9.55 7.83
C ASN D 273 -32.96 8.47 8.62
N ARG D 274 -32.71 8.43 9.93
CA ARG D 274 -33.33 7.43 10.79
C ARG D 274 -34.81 7.68 11.02
N PHE D 275 -35.34 8.85 10.67
CA PHE D 275 -36.71 9.21 11.04
C PHE D 275 -37.50 9.79 9.86
N GLY D 276 -36.98 9.66 8.64
CA GLY D 276 -37.73 10.07 7.47
C GLY D 276 -37.07 9.54 6.21
N SER D 277 -37.82 9.61 5.12
CA SER D 277 -37.37 8.99 3.87
C SER D 277 -36.15 9.69 3.31
N THR D 278 -35.34 8.93 2.58
CA THR D 278 -34.02 9.36 2.13
C THR D 278 -34.02 9.80 0.66
N ASN D 279 -35.20 9.93 0.05
CA ASN D 279 -35.30 10.20 -1.37
C ASN D 279 -35.38 11.68 -1.71
N GLU D 280 -35.84 12.53 -0.80
CA GLU D 280 -36.05 13.93 -1.13
C GLU D 280 -34.73 14.68 -1.22
N ILE D 281 -34.77 15.83 -1.90
CA ILE D 281 -33.63 16.74 -2.00
C ILE D 281 -34.15 18.18 -1.93
N GLY D 282 -33.25 19.08 -1.59
CA GLY D 282 -33.49 20.51 -1.73
C GLY D 282 -32.48 21.15 -2.66
N ILE D 283 -32.94 22.15 -3.41
CA ILE D 283 -32.11 22.90 -4.34
C ILE D 283 -32.04 24.35 -3.88
N PHE D 284 -30.83 24.89 -3.77
CA PHE D 284 -30.58 26.22 -3.24
C PHE D 284 -29.70 26.99 -4.20
N GLU D 285 -29.72 28.32 -4.08
CA GLU D 285 -28.74 29.19 -4.70
C GLU D 285 -27.99 29.94 -3.61
N MET D 286 -26.67 29.94 -3.69
CA MET D 286 -25.83 30.71 -2.77
C MET D 286 -25.64 32.13 -3.27
N GLN D 287 -25.81 33.10 -2.37
CA GLN D 287 -25.88 34.51 -2.74
C GLN D 287 -25.32 35.33 -1.59
N SER D 288 -25.08 36.62 -1.85
CA SER D 288 -24.61 37.52 -0.80
C SER D 288 -25.56 37.50 0.40
N GLY D 289 -26.86 37.43 0.14
CA GLY D 289 -27.86 37.26 1.17
C GLY D 289 -27.95 35.88 1.75
N GLY D 290 -26.97 35.01 1.50
CA GLY D 290 -27.03 33.63 1.89
C GLY D 290 -27.70 32.73 0.86
N LEU D 291 -28.34 31.66 1.32
CA LEU D 291 -28.99 30.73 0.42
C LEU D 291 -30.40 31.19 0.07
N VAL D 292 -30.75 31.04 -1.21
CA VAL D 292 -32.08 31.33 -1.70
C VAL D 292 -32.69 30.05 -2.22
N GLU D 293 -33.87 29.70 -1.71
CA GLU D 293 -34.60 28.55 -2.22
C GLU D 293 -34.95 28.75 -3.69
N VAL D 294 -34.70 27.71 -4.49
CA VAL D 294 -35.07 27.71 -5.91
C VAL D 294 -36.39 26.96 -6.08
N LEU D 295 -37.51 27.61 -5.73
CA LEU D 295 -38.80 26.94 -5.87
C LEU D 295 -39.18 26.74 -7.34
N ASN D 296 -38.80 27.68 -8.20
CA ASN D 296 -38.91 27.45 -9.64
C ASN D 296 -38.10 26.23 -10.07
N PRO D 297 -38.39 25.69 -11.25
CA PRO D 297 -37.49 24.69 -11.85
C PRO D 297 -36.11 25.27 -12.10
N SER D 298 -35.10 24.41 -11.95
CA SER D 298 -33.76 24.75 -12.38
C SER D 298 -33.73 25.07 -13.87
N GLN D 299 -32.70 25.83 -14.28
CA GLN D 299 -32.28 25.87 -15.68
C GLN D 299 -31.57 24.59 -16.08
N VAL D 300 -32.21 23.44 -15.82
CA VAL D 300 -31.63 22.11 -15.96
C VAL D 300 -30.26 22.07 -15.31
N PHE D 301 -29.20 22.18 -16.12
CA PHE D 301 -27.92 22.67 -15.65
C PHE D 301 -27.24 23.52 -16.73
N LEU D 302 -27.41 23.11 -17.99
CA LEU D 302 -27.37 24.00 -19.12
C LEU D 302 -28.60 23.76 -19.99
N GLU D 303 -29.13 24.85 -20.54
CA GLU D 303 -30.20 24.78 -21.51
C GLU D 303 -29.77 25.32 -22.87
N GLU D 304 -28.57 25.89 -22.97
CA GLU D 304 -28.20 26.70 -24.11
C GLU D 304 -28.12 25.87 -25.38
N ARG D 305 -27.31 24.81 -25.36
CA ARG D 305 -27.09 23.92 -26.50
C ARG D 305 -26.99 24.73 -27.79
N LEU D 306 -26.02 25.63 -27.78
CA LEU D 306 -26.01 26.83 -28.63
C LEU D 306 -26.30 26.50 -30.09
N ASP D 307 -27.20 27.30 -30.67
CA ASP D 307 -27.57 27.21 -32.09
C ASP D 307 -28.07 25.83 -32.49
N GLY D 308 -28.70 25.10 -31.57
CA GLY D 308 -29.16 23.77 -31.92
C GLY D 308 -28.05 22.75 -32.05
N ALA D 309 -27.06 22.80 -31.18
CA ALA D 309 -25.93 21.89 -31.24
C ALA D 309 -26.39 20.44 -31.26
N THR D 310 -25.81 19.66 -32.17
CA THR D 310 -26.17 18.26 -32.35
C THR D 310 -25.15 17.36 -31.65
N GLY D 311 -25.50 16.07 -31.57
CA GLY D 311 -24.58 15.10 -31.02
C GLY D 311 -24.39 15.21 -29.52
N SER D 312 -25.45 15.53 -28.79
CA SER D 312 -25.37 15.63 -27.34
C SER D 312 -26.62 15.05 -26.71
N SER D 313 -26.46 14.51 -25.51
CA SER D 313 -27.51 13.76 -24.83
C SER D 313 -27.22 13.81 -23.35
N ILE D 314 -28.27 13.59 -22.55
CA ILE D 314 -28.17 13.67 -21.11
C ILE D 314 -28.69 12.36 -20.51
N VAL D 315 -28.03 11.92 -19.45
CA VAL D 315 -28.47 10.76 -18.67
C VAL D 315 -28.36 11.12 -17.20
N VAL D 316 -29.34 10.72 -16.41
CA VAL D 316 -29.16 10.70 -14.96
C VAL D 316 -28.46 9.41 -14.56
N THR D 317 -27.13 9.49 -14.43
CA THR D 317 -26.33 8.43 -13.86
C THR D 317 -26.42 8.47 -12.34
N MET D 318 -25.88 7.44 -11.71
CA MET D 318 -25.59 7.48 -10.28
C MET D 318 -24.09 7.56 -10.08
N GLU D 319 -23.65 8.52 -9.26
CA GLU D 319 -22.31 8.53 -8.69
C GLU D 319 -22.40 7.88 -7.31
N GLY D 320 -22.19 6.58 -7.27
CA GLY D 320 -22.46 5.83 -6.06
C GLY D 320 -23.93 5.89 -5.68
N THR D 321 -24.21 6.32 -4.44
CA THR D 321 -25.59 6.38 -3.97
C THR D 321 -26.36 7.56 -4.58
N ARG D 322 -25.66 8.61 -4.98
CA ARG D 322 -26.43 9.80 -5.34
C ARG D 322 -26.59 9.91 -6.84
N PRO D 323 -27.80 10.14 -7.34
CA PRO D 323 -27.95 10.47 -8.76
C PRO D 323 -27.28 11.79 -9.09
N ILE D 324 -26.59 11.83 -10.23
CA ILE D 324 -26.05 13.06 -10.79
C ILE D 324 -26.32 13.07 -12.29
N LEU D 325 -26.71 14.24 -12.79
CA LEU D 325 -26.89 14.42 -14.22
C LEU D 325 -25.54 14.47 -14.92
N ALA D 326 -25.36 13.63 -15.94
CA ALA D 326 -24.22 13.70 -16.83
C ALA D 326 -24.71 13.95 -18.24
N GLU D 327 -24.08 14.90 -18.93
CA GLU D 327 -24.18 14.98 -20.37
C GLU D 327 -23.16 14.06 -21.05
N VAL D 328 -23.57 13.43 -22.13
CA VAL D 328 -22.69 12.65 -22.98
C VAL D 328 -22.71 13.26 -24.37
N GLN D 329 -21.54 13.32 -25.00
CA GLN D 329 -21.39 13.93 -26.31
C GLN D 329 -20.73 12.94 -27.26
N ALA D 330 -21.04 13.07 -28.55
CA ALA D 330 -20.37 12.26 -29.55
C ALA D 330 -20.18 13.06 -30.82
N LEU D 331 -18.99 12.93 -31.40
CA LEU D 331 -18.65 13.53 -32.69
C LEU D 331 -18.35 12.39 -33.65
N VAL D 332 -19.19 12.20 -34.65
CA VAL D 332 -19.05 11.10 -35.61
C VAL D 332 -18.70 11.68 -36.96
N THR D 333 -17.58 11.22 -37.52
CA THR D 333 -16.89 11.85 -38.63
C THR D 333 -16.41 10.76 -39.58
N PRO D 334 -16.37 11.05 -40.89
CA PRO D 334 -15.80 10.07 -41.82
C PRO D 334 -14.34 9.77 -41.49
N THR D 335 -13.96 8.49 -41.65
CA THR D 335 -12.59 8.06 -41.46
C THR D 335 -11.79 8.41 -42.71
N MET D 336 -11.08 9.53 -42.66
CA MET D 336 -10.36 10.01 -43.83
C MET D 336 -8.94 9.46 -43.90
N PHE D 337 -8.37 9.05 -42.78
CA PHE D 337 -7.02 8.47 -42.77
C PHE D 337 -7.00 7.26 -41.84
N GLY D 338 -6.41 6.18 -42.32
CA GLY D 338 -6.26 4.97 -41.53
C GLY D 338 -7.56 4.21 -41.26
N ASN D 339 -7.48 3.34 -40.25
CA ASN D 339 -8.63 2.60 -39.75
C ASN D 339 -9.48 3.46 -38.82
N ALA D 340 -10.77 3.12 -38.75
CA ALA D 340 -11.74 3.93 -38.03
C ALA D 340 -11.44 3.96 -36.54
N LYS D 341 -11.34 5.17 -35.98
CA LYS D 341 -10.90 5.40 -34.62
C LYS D 341 -12.07 5.40 -33.65
N ARG D 342 -11.77 5.15 -32.38
CA ARG D 342 -12.78 5.02 -31.34
C ARG D 342 -12.32 5.71 -30.05
N THR D 343 -11.86 6.96 -30.18
CA THR D 343 -11.37 7.69 -29.01
C THR D 343 -12.50 7.95 -28.02
N THR D 344 -12.20 7.78 -26.74
CA THR D 344 -13.21 7.94 -25.71
C THR D 344 -12.56 8.40 -24.41
N THR D 345 -13.17 9.38 -23.75
CA THR D 345 -12.77 9.83 -22.44
C THR D 345 -13.95 9.79 -21.47
N GLY D 346 -13.68 9.36 -20.25
CA GLY D 346 -14.70 9.22 -19.23
C GLY D 346 -15.61 8.01 -19.37
N LEU D 347 -15.87 7.55 -20.59
CA LEU D 347 -16.52 6.26 -20.78
C LEU D 347 -15.46 5.16 -20.88
N ASP D 348 -15.89 3.96 -21.23
CA ASP D 348 -15.00 2.87 -21.63
C ASP D 348 -15.19 2.63 -23.12
N PHE D 349 -14.09 2.68 -23.88
CA PHE D 349 -14.20 2.61 -25.34
C PHE D 349 -14.71 1.25 -25.82
N ASN D 350 -14.56 0.19 -25.02
CA ASN D 350 -15.13 -1.10 -25.41
C ASN D 350 -16.65 -1.03 -25.42
N ARG D 351 -17.22 -0.45 -24.36
CA ARG D 351 -18.67 -0.26 -24.27
C ARG D 351 -19.18 0.57 -25.44
N ALA D 352 -18.49 1.65 -25.79
CA ALA D 352 -18.86 2.44 -26.96
C ALA D 352 -18.79 1.62 -28.24
N SER D 353 -17.76 0.79 -28.39
CA SER D 353 -17.65 0.01 -29.62
C SER D 353 -18.77 -1.02 -29.72
N LEU D 354 -19.16 -1.60 -28.59
CA LEU D 354 -20.37 -2.42 -28.55
C LEU D 354 -21.59 -1.64 -29.00
N ILE D 355 -21.81 -0.46 -28.42
CA ILE D 355 -23.02 0.30 -28.71
C ILE D 355 -23.08 0.66 -30.18
N MET D 356 -21.95 1.05 -30.77
CA MET D 356 -21.93 1.35 -32.20
C MET D 356 -22.17 0.11 -33.07
N ALA D 357 -21.67 -1.05 -32.64
CA ALA D 357 -22.00 -2.28 -33.37
C ALA D 357 -23.48 -2.59 -33.29
N VAL D 358 -24.09 -2.42 -32.12
CA VAL D 358 -25.53 -2.61 -31.97
C VAL D 358 -26.30 -1.67 -32.88
N LEU D 359 -25.95 -0.38 -32.86
CA LEU D 359 -26.61 0.57 -33.74
C LEU D 359 -26.47 0.20 -35.21
N GLU D 360 -25.31 -0.32 -35.60
CA GLU D 360 -25.09 -0.68 -37.00
C GLU D 360 -25.89 -1.91 -37.40
N LYS D 361 -25.96 -2.91 -36.52
CA LYS D 361 -26.67 -4.13 -36.90
C LYS D 361 -28.18 -3.98 -36.77
N ARG D 362 -28.67 -3.44 -35.65
CA ARG D 362 -30.08 -3.35 -35.37
C ARG D 362 -30.77 -2.12 -35.98
N ALA D 363 -30.05 -1.06 -36.33
CA ALA D 363 -30.70 0.14 -36.82
C ALA D 363 -30.15 0.67 -38.14
N GLY D 364 -29.07 0.10 -38.67
CA GLY D 364 -28.65 0.38 -40.03
C GLY D 364 -27.77 1.60 -40.19
N LEU D 365 -27.32 2.22 -39.11
CA LEU D 365 -26.40 3.35 -39.20
C LEU D 365 -25.04 2.83 -39.64
N LEU D 366 -24.53 3.35 -40.75
CA LEU D 366 -23.27 2.86 -41.32
C LEU D 366 -22.07 3.48 -40.60
N LEU D 367 -21.98 3.17 -39.31
CA LEU D 367 -20.95 3.71 -38.42
C LEU D 367 -19.59 3.04 -38.57
N GLN D 368 -19.50 1.91 -39.28
CA GLN D 368 -18.27 1.14 -39.28
C GLN D 368 -17.13 1.83 -40.04
N ASN D 369 -17.46 2.65 -41.04
CA ASN D 369 -16.46 3.49 -41.70
C ASN D 369 -16.32 4.86 -41.05
N GLN D 370 -16.92 5.08 -39.90
CA GLN D 370 -16.94 6.40 -39.26
C GLN D 370 -16.08 6.40 -38.01
N ASP D 371 -15.29 7.46 -37.85
CA ASP D 371 -14.72 7.79 -36.56
C ASP D 371 -15.80 8.23 -35.59
N ALA D 372 -15.64 7.86 -34.32
CA ALA D 372 -16.48 8.38 -33.26
C ALA D 372 -15.64 8.83 -32.07
N TYR D 373 -15.92 10.04 -31.59
CA TYR D 373 -15.25 10.61 -30.43
C TYR D 373 -16.30 10.86 -29.34
N LEU D 374 -16.08 10.32 -28.15
CA LEU D 374 -17.05 10.44 -27.07
C LEU D 374 -16.39 10.96 -25.81
N LYS D 375 -17.11 11.79 -25.05
CA LYS D 375 -16.73 12.09 -23.68
C LYS D 375 -17.98 12.38 -22.87
N SER D 376 -17.89 12.19 -21.56
CA SER D 376 -18.77 12.86 -20.63
C SER D 376 -18.34 14.30 -20.43
N ALA D 377 -19.31 15.18 -20.24
CA ALA D 377 -19.01 16.54 -19.83
C ALA D 377 -18.59 16.58 -18.36
N GLY D 378 -17.67 17.49 -18.05
CA GLY D 378 -17.24 17.71 -16.68
C GLY D 378 -16.36 16.63 -16.09
N GLY D 379 -15.90 15.67 -16.89
CA GLY D 379 -14.93 14.71 -16.42
C GLY D 379 -15.46 13.67 -15.44
N VAL D 380 -16.77 13.60 -15.24
CA VAL D 380 -17.34 12.56 -14.40
C VAL D 380 -17.20 11.20 -15.06
N LYS D 381 -16.80 10.19 -14.28
CA LYS D 381 -16.63 8.84 -14.80
C LYS D 381 -18.00 8.18 -14.91
N LEU D 382 -18.32 7.69 -16.11
CA LEU D 382 -19.58 7.00 -16.37
C LEU D 382 -19.31 5.51 -16.51
N ASP D 383 -19.52 4.77 -15.42
CA ASP D 383 -19.06 3.38 -15.30
C ASP D 383 -20.19 2.48 -14.81
N GLU D 384 -21.37 2.65 -15.39
CA GLU D 384 -22.52 1.80 -15.09
C GLU D 384 -23.29 1.56 -16.37
N PRO D 385 -24.02 0.44 -16.46
CA PRO D 385 -24.64 0.09 -17.75
C PRO D 385 -25.81 1.00 -18.16
N ALA D 386 -26.37 1.78 -17.24
CA ALA D 386 -27.51 2.64 -17.56
C ALA D 386 -27.19 3.74 -18.58
N ILE D 387 -25.93 4.00 -18.90
CA ILE D 387 -25.60 5.09 -19.83
C ILE D 387 -25.71 4.70 -21.29
N ASP D 388 -25.89 3.42 -21.60
CA ASP D 388 -25.80 2.95 -22.99
C ASP D 388 -26.86 3.59 -23.89
N LEU D 389 -28.09 3.78 -23.38
CA LEU D 389 -29.11 4.43 -24.20
C LEU D 389 -28.74 5.87 -24.51
N ALA D 390 -28.20 6.60 -23.54
CA ALA D 390 -27.80 7.98 -23.77
C ALA D 390 -26.63 8.06 -24.74
N VAL D 391 -25.68 7.14 -24.62
CA VAL D 391 -24.56 7.09 -25.55
C VAL D 391 -25.03 6.79 -26.97
N ALA D 392 -25.92 5.80 -27.11
CA ALA D 392 -26.49 5.48 -28.40
C ALA D 392 -27.23 6.65 -29.03
N VAL D 393 -27.99 7.40 -28.23
CA VAL D 393 -28.71 8.56 -28.76
C VAL D 393 -27.75 9.69 -29.12
N ALA D 394 -26.69 9.89 -28.32
CA ALA D 394 -25.67 10.86 -28.70
C ALA D 394 -25.01 10.51 -30.03
N ILE D 395 -24.66 9.24 -30.23
CA ILE D 395 -24.08 8.80 -31.49
C ILE D 395 -25.06 9.01 -32.64
N ALA D 396 -26.31 8.57 -32.46
CA ALA D 396 -27.28 8.66 -33.54
C ALA D 396 -27.55 10.12 -33.91
N SER D 397 -27.73 10.98 -32.91
CA SER D 397 -27.93 12.40 -33.16
C SER D 397 -26.72 13.04 -33.83
N SER D 398 -25.52 12.53 -33.56
CA SER D 398 -24.35 13.02 -34.27
C SER D 398 -24.37 12.58 -35.73
N TYR D 399 -24.62 11.30 -35.97
CA TYR D 399 -24.64 10.76 -37.33
C TYR D 399 -25.77 11.34 -38.16
N LYS D 400 -26.95 11.52 -37.56
CA LYS D 400 -28.09 12.00 -38.32
C LYS D 400 -28.12 13.52 -38.44
N ASP D 401 -27.24 14.23 -37.71
CA ASP D 401 -27.19 15.69 -37.71
C ASP D 401 -28.55 16.31 -37.37
N LYS D 402 -29.12 15.84 -36.26
CA LYS D 402 -30.38 16.40 -35.78
C LYS D 402 -30.33 16.51 -34.25
N PRO D 403 -30.64 17.68 -33.71
CA PRO D 403 -30.52 17.89 -32.27
C PRO D 403 -31.40 16.96 -31.45
N THR D 404 -31.06 16.86 -30.17
CA THR D 404 -31.87 16.20 -29.15
C THR D 404 -32.26 17.23 -28.12
N ASN D 405 -33.54 17.26 -27.74
CA ASN D 405 -34.05 18.35 -26.93
C ASN D 405 -33.40 18.35 -25.56
N PRO D 406 -32.83 19.47 -25.11
CA PRO D 406 -32.11 19.47 -23.82
C PRO D 406 -32.99 19.17 -22.63
N GLN D 407 -34.31 19.20 -22.79
CA GLN D 407 -35.25 18.81 -21.75
C GLN D 407 -35.52 17.32 -21.71
N GLU D 408 -34.89 16.54 -22.57
CA GLU D 408 -35.07 15.09 -22.59
C GLU D 408 -33.89 14.37 -21.94
N CYS D 409 -34.20 13.36 -21.16
CA CYS D 409 -33.22 12.56 -20.44
C CYS D 409 -33.44 11.10 -20.77
N PHE D 410 -32.35 10.32 -20.80
CA PHE D 410 -32.42 8.93 -21.21
C PHE D 410 -31.79 8.04 -20.14
N VAL D 411 -32.46 6.94 -19.83
CA VAL D 411 -31.93 5.90 -18.96
C VAL D 411 -32.18 4.55 -19.61
N GLY D 412 -31.16 3.70 -19.64
CA GLY D 412 -31.35 2.33 -20.07
C GLY D 412 -30.04 1.65 -20.44
N GLU D 413 -29.89 0.39 -20.01
CA GLU D 413 -28.87 -0.46 -20.58
C GLU D 413 -29.28 -0.89 -21.98
N LEU D 414 -28.31 -1.00 -22.88
CA LEU D 414 -28.56 -1.47 -24.23
C LEU D 414 -28.03 -2.88 -24.41
N GLY D 415 -28.90 -3.79 -24.84
CA GLY D 415 -28.51 -5.13 -25.19
C GLY D 415 -28.09 -5.24 -26.64
N LEU D 416 -27.30 -6.27 -26.95
CA LEU D 416 -26.81 -6.43 -28.31
C LEU D 416 -27.93 -6.77 -29.29
N THR D 417 -29.04 -7.32 -28.82
CA THR D 417 -30.23 -7.50 -29.63
C THR D 417 -31.02 -6.22 -29.83
N GLY D 418 -30.51 -5.08 -29.38
CA GLY D 418 -31.22 -3.81 -29.48
C GLY D 418 -32.25 -3.57 -28.40
N GLU D 419 -32.45 -4.50 -27.48
CA GLU D 419 -33.39 -4.30 -26.39
C GLU D 419 -32.87 -3.27 -25.39
N ILE D 420 -33.80 -2.60 -24.72
CA ILE D 420 -33.51 -1.82 -23.53
C ILE D 420 -33.78 -2.69 -22.30
N ARG D 421 -32.86 -2.67 -21.34
CA ARG D 421 -32.92 -3.55 -20.18
C ARG D 421 -33.15 -2.74 -18.91
N ARG D 422 -33.72 -3.43 -17.91
CA ARG D 422 -34.03 -2.84 -16.61
C ARG D 422 -32.79 -2.28 -15.94
N VAL D 423 -32.98 -1.28 -15.09
CA VAL D 423 -31.91 -0.51 -14.50
C VAL D 423 -32.08 -0.45 -12.98
N ASN D 424 -30.95 -0.23 -12.30
CA ASN D 424 -30.80 -0.63 -10.90
C ASN D 424 -31.66 0.17 -9.93
N ARG D 425 -32.00 1.41 -10.24
CA ARG D 425 -32.53 2.31 -9.20
C ARG D 425 -33.49 3.34 -9.79
N ILE D 426 -34.39 2.89 -10.68
CA ILE D 426 -35.11 3.80 -11.57
C ILE D 426 -35.81 4.92 -10.82
N GLU D 427 -36.34 4.64 -9.62
CA GLU D 427 -37.07 5.66 -8.88
C GLU D 427 -36.22 6.87 -8.54
N GLN D 428 -34.98 6.65 -8.07
CA GLN D 428 -34.13 7.79 -7.74
C GLN D 428 -33.80 8.62 -8.97
N ARG D 429 -33.62 7.96 -10.12
CA ARG D 429 -33.34 8.68 -11.36
C ARG D 429 -34.54 9.48 -11.83
N ILE D 430 -35.73 8.89 -11.80
CA ILE D 430 -36.95 9.59 -12.19
C ILE D 430 -37.21 10.78 -11.27
N ASN D 431 -37.09 10.57 -9.95
CA ASN D 431 -37.28 11.67 -9.02
C ASN D 431 -36.27 12.79 -9.24
N GLU D 432 -35.00 12.44 -9.49
CA GLU D 432 -34.00 13.46 -9.78
C GLU D 432 -34.34 14.24 -11.05
N ALA D 433 -34.77 13.54 -12.10
CA ALA D 433 -35.15 14.23 -13.33
C ALA D 433 -36.34 15.15 -13.10
N ALA D 434 -37.28 14.72 -12.26
CA ALA D 434 -38.43 15.57 -11.92
C ALA D 434 -37.98 16.83 -11.18
N LYS D 435 -37.13 16.66 -10.15
CA LYS D 435 -36.76 17.80 -9.32
C LYS D 435 -35.88 18.80 -10.07
N LEU D 436 -34.98 18.30 -10.91
CA LEU D 436 -34.20 19.22 -11.74
C LEU D 436 -34.96 19.74 -12.96
N GLY D 437 -36.19 19.26 -13.18
CA GLY D 437 -37.08 19.94 -14.10
C GLY D 437 -36.93 19.60 -15.57
N PHE D 438 -36.61 18.35 -15.89
CA PHE D 438 -36.74 17.88 -17.26
C PHE D 438 -38.21 17.81 -17.66
N THR D 439 -38.45 17.70 -18.96
CA THR D 439 -39.79 17.42 -19.46
C THR D 439 -40.07 15.94 -19.67
N LYS D 440 -39.18 15.22 -20.34
CA LYS D 440 -39.32 13.78 -20.54
C LYS D 440 -38.13 13.03 -19.98
N ILE D 441 -38.39 11.82 -19.48
CA ILE D 441 -37.37 10.81 -19.27
C ILE D 441 -37.78 9.55 -20.02
N TYR D 442 -36.87 9.02 -20.84
CA TYR D 442 -37.05 7.72 -21.47
C TYR D 442 -36.45 6.64 -20.59
N VAL D 443 -37.19 5.55 -20.38
CA VAL D 443 -36.82 4.51 -19.43
C VAL D 443 -37.23 3.16 -19.98
N PRO D 444 -36.67 2.05 -19.48
CA PRO D 444 -37.08 0.72 -19.95
C PRO D 444 -38.52 0.42 -19.55
N LYS D 445 -39.34 0.12 -20.55
CA LYS D 445 -40.76 -0.15 -20.31
C LYS D 445 -40.97 -1.21 -19.23
N ASN D 446 -40.23 -2.33 -19.33
CA ASN D 446 -40.34 -3.39 -18.34
C ASN D 446 -39.92 -2.99 -16.93
N SER D 447 -39.34 -1.80 -16.75
CA SER D 447 -39.00 -1.33 -15.41
C SER D 447 -40.15 -0.62 -14.73
N LEU D 448 -41.28 -0.42 -15.40
CA LEU D 448 -42.35 0.44 -14.91
C LEU D 448 -43.50 -0.32 -14.25
N THR D 449 -43.42 -1.65 -14.16
CA THR D 449 -44.48 -2.42 -13.52
C THR D 449 -44.55 -2.09 -12.03
N GLY D 450 -45.67 -1.49 -11.62
CA GLY D 450 -45.82 -1.02 -10.26
C GLY D 450 -45.21 0.33 -9.98
N ILE D 451 -44.78 1.05 -11.00
CA ILE D 451 -44.13 2.34 -10.87
C ILE D 451 -45.16 3.43 -11.20
N THR D 452 -45.13 4.52 -10.44
CA THR D 452 -46.00 5.67 -10.71
C THR D 452 -45.14 6.92 -10.90
N LEU D 453 -45.35 7.61 -12.01
CA LEU D 453 -44.53 8.75 -12.36
C LEU D 453 -44.87 9.96 -11.49
N PRO D 454 -43.88 10.72 -11.03
CA PRO D 454 -44.11 12.11 -10.63
C PRO D 454 -44.65 12.94 -11.79
N LYS D 455 -45.84 13.51 -11.59
CA LYS D 455 -46.54 14.24 -12.65
C LYS D 455 -45.74 15.40 -13.21
N GLU D 456 -44.74 15.91 -12.48
CA GLU D 456 -43.86 16.94 -13.03
C GLU D 456 -43.19 16.52 -14.33
N ILE D 457 -42.95 15.22 -14.53
CA ILE D 457 -42.26 14.73 -15.71
C ILE D 457 -43.11 13.69 -16.41
N GLN D 458 -43.06 13.69 -17.74
CA GLN D 458 -43.53 12.56 -18.54
C GLN D 458 -42.52 11.43 -18.52
N VAL D 459 -42.97 10.23 -18.18
CA VAL D 459 -42.15 9.03 -18.23
C VAL D 459 -42.55 8.24 -19.47
N ILE D 460 -41.58 7.98 -20.34
CA ILE D 460 -41.81 7.23 -21.58
C ILE D 460 -41.12 5.89 -21.49
N GLY D 461 -41.91 4.81 -21.47
CA GLY D 461 -41.36 3.47 -21.53
C GLY D 461 -40.97 3.10 -22.95
N VAL D 462 -39.72 2.66 -23.13
CA VAL D 462 -39.23 2.25 -24.44
C VAL D 462 -38.74 0.82 -24.37
N THR D 463 -38.78 0.14 -25.51
CA THR D 463 -38.49 -1.29 -25.58
C THR D 463 -37.34 -1.65 -26.50
N THR D 464 -37.09 -0.88 -27.57
CA THR D 464 -36.02 -1.19 -28.51
C THR D 464 -35.37 0.11 -28.97
N ILE D 465 -34.13 -0.02 -29.44
CA ILE D 465 -33.40 1.13 -29.96
C ILE D 465 -34.03 1.69 -31.22
N GLN D 466 -34.63 0.84 -32.06
CA GLN D 466 -35.32 1.35 -33.25
C GLN D 466 -36.54 2.19 -32.87
N GLU D 467 -37.26 1.79 -31.83
CA GLU D 467 -38.34 2.60 -31.29
C GLU D 467 -37.86 3.97 -30.83
N VAL D 468 -36.78 4.00 -30.05
CA VAL D 468 -36.25 5.27 -29.55
C VAL D 468 -35.77 6.15 -30.70
N LEU D 469 -35.03 5.58 -31.64
CA LEU D 469 -34.54 6.38 -32.78
C LEU D 469 -35.63 6.80 -33.75
N LYS D 470 -36.78 6.12 -33.76
CA LYS D 470 -37.95 6.69 -34.43
C LYS D 470 -38.56 7.83 -33.64
N LYS D 471 -38.88 7.60 -32.37
CA LYS D 471 -39.61 8.60 -31.58
C LYS D 471 -38.81 9.87 -31.34
N VAL D 472 -37.48 9.77 -31.18
CA VAL D 472 -36.67 10.96 -30.92
C VAL D 472 -36.34 11.70 -32.21
N PHE D 473 -36.31 11.00 -33.34
CA PHE D 473 -35.96 11.63 -34.61
C PHE D 473 -37.04 11.36 -35.65
N ASN E 87 -12.31 45.39 17.57
CA ASN E 87 -11.16 44.77 18.24
C ASN E 87 -10.07 45.79 18.53
N VAL E 88 -9.14 45.42 19.40
CA VAL E 88 -7.93 46.23 19.58
C VAL E 88 -7.08 46.18 18.32
N ASN E 89 -6.18 47.16 18.20
CA ASN E 89 -5.41 47.33 16.98
C ASN E 89 -4.36 46.22 16.86
N ARG E 90 -3.87 46.03 15.64
CA ARG E 90 -2.85 45.05 15.34
C ARG E 90 -1.64 45.73 14.73
N THR E 91 -0.46 45.44 15.27
CA THR E 91 0.79 45.70 14.57
C THR E 91 1.01 44.62 13.52
N LYS E 92 1.59 45.01 12.39
CA LYS E 92 1.98 44.08 11.34
C LYS E 92 3.49 43.99 11.24
N THR E 93 4.01 42.77 11.20
CA THR E 93 5.35 42.54 10.72
C THR E 93 5.42 42.73 9.20
N GLU E 94 6.64 42.75 8.67
CA GLU E 94 6.82 42.92 7.24
C GLU E 94 6.52 41.65 6.46
N MET E 95 6.70 40.48 7.07
CA MET E 95 6.23 39.22 6.48
C MET E 95 4.70 39.19 6.56
N GLU E 96 4.05 39.49 5.44
CA GLU E 96 2.60 39.43 5.40
C GLU E 96 2.07 38.02 5.57
N GLU E 97 2.84 37.01 5.15
CA GLU E 97 2.53 35.63 5.49
C GLU E 97 2.43 35.42 6.99
N PHE E 98 3.32 36.05 7.75
CA PHE E 98 3.27 35.92 9.20
C PHE E 98 2.07 36.64 9.81
N ASN E 99 1.76 37.84 9.33
CA ASN E 99 0.56 38.53 9.77
C ASN E 99 -0.71 37.71 9.54
N ARG E 100 -0.88 37.15 8.34
CA ARG E 100 -2.14 36.50 8.00
C ARG E 100 -2.41 35.27 8.85
N VAL E 101 -1.38 34.51 9.20
CA VAL E 101 -1.57 33.41 10.13
C VAL E 101 -1.83 33.92 11.54
N LEU E 102 -1.13 34.99 11.95
CA LEU E 102 -1.33 35.56 13.27
C LEU E 102 -2.50 36.55 13.27
N GLY E 103 -3.66 36.03 12.87
CA GLY E 103 -4.90 36.77 12.99
C GLY E 103 -4.94 38.09 12.23
N GLY E 104 -4.08 38.28 11.23
CA GLY E 104 -3.99 39.54 10.54
C GLY E 104 -3.00 40.52 11.13
N GLY E 105 -2.36 40.17 12.24
CA GLY E 105 -1.39 41.02 12.88
C GLY E 105 -1.35 40.74 14.38
N VAL E 106 -0.21 41.03 14.98
CA VAL E 106 0.00 40.73 16.40
C VAL E 106 -0.77 41.76 17.24
N VAL E 107 -1.74 41.28 18.00
CA VAL E 107 -2.40 42.16 18.99
C VAL E 107 -1.44 42.41 20.14
N PRO E 108 -1.44 43.60 20.73
CA PRO E 108 -0.59 43.86 21.90
C PRO E 108 -1.11 43.15 23.14
N GLY E 109 -0.25 43.09 24.15
CA GLY E 109 -0.66 42.67 25.47
C GLY E 109 -1.17 41.26 25.57
N SER E 110 -0.73 40.36 24.70
CA SER E 110 -1.17 38.98 24.74
C SER E 110 -0.02 38.07 24.35
N LEU E 111 -0.13 36.80 24.75
CA LEU E 111 0.93 35.84 24.55
C LEU E 111 0.75 35.09 23.23
N VAL E 112 1.87 34.67 22.64
CA VAL E 112 1.89 33.73 21.54
C VAL E 112 2.95 32.69 21.84
N LEU E 113 2.63 31.42 21.62
CA LEU E 113 3.59 30.33 21.77
C LEU E 113 3.77 29.62 20.44
N ILE E 114 4.99 29.61 19.93
CA ILE E 114 5.35 28.88 18.72
C ILE E 114 6.16 27.66 19.14
N GLY E 115 5.59 26.47 18.94
CA GLY E 115 6.29 25.23 19.11
C GLY E 115 6.74 24.63 17.78
N GLY E 116 7.63 23.66 17.88
CA GLY E 116 8.06 22.93 16.71
C GLY E 116 9.30 22.11 16.98
N ASP E 117 9.58 21.21 16.06
CA ASP E 117 10.73 20.33 16.18
C ASP E 117 12.02 21.14 16.25
N PRO E 118 13.01 20.68 17.01
CA PRO E 118 14.31 21.35 17.00
C PRO E 118 14.90 21.39 15.60
N GLY E 119 15.52 22.53 15.28
CA GLY E 119 16.06 22.74 13.95
C GLY E 119 15.08 23.24 12.91
N ILE E 120 13.80 23.33 13.24
CA ILE E 120 12.81 23.66 12.22
C ILE E 120 12.96 25.11 11.75
N GLY E 121 13.41 26.02 12.62
CA GLY E 121 13.59 27.40 12.21
C GLY E 121 12.91 28.43 13.10
N LYS E 122 12.47 28.01 14.29
CA LYS E 122 11.80 28.93 15.21
C LYS E 122 12.64 30.16 15.52
N SER E 123 13.90 29.98 15.90
CA SER E 123 14.73 31.12 16.28
C SER E 123 15.00 32.05 15.10
N THR E 124 15.19 31.49 13.90
CA THR E 124 15.35 32.34 12.72
C THR E 124 14.09 33.17 12.48
N LEU E 125 12.93 32.50 12.49
CA LEU E 125 11.67 33.19 12.27
C LEU E 125 11.49 34.33 13.26
N LEU E 126 11.68 34.04 14.55
CA LEU E 126 11.49 35.05 15.57
C LEU E 126 12.55 36.14 15.54
N LEU E 127 13.75 35.86 15.01
CA LEU E 127 14.71 36.95 14.85
C LEU E 127 14.32 37.87 13.70
N GLN E 128 13.78 37.32 12.63
CA GLN E 128 13.25 38.16 11.56
C GLN E 128 12.06 38.98 12.04
N VAL E 129 11.12 38.33 12.71
CA VAL E 129 9.94 39.01 13.24
C VAL E 129 10.35 40.14 14.18
N SER E 130 11.19 39.84 15.17
CA SER E 130 11.66 40.85 16.10
C SER E 130 12.40 41.99 15.40
N THR E 131 13.18 41.70 14.36
CA THR E 131 13.85 42.77 13.64
C THR E 131 12.87 43.66 12.89
N GLN E 132 11.83 43.07 12.29
CA GLN E 132 10.81 43.87 11.62
C GLN E 132 9.99 44.70 12.60
N LEU E 133 9.67 44.13 13.76
CA LEU E 133 9.01 44.88 14.83
C LEU E 133 9.89 45.97 15.42
N SER E 134 11.21 45.78 15.39
CA SER E 134 12.14 46.83 15.81
C SER E 134 11.92 48.13 15.06
N GLN E 135 11.37 48.08 13.85
CA GLN E 135 11.03 49.31 13.14
C GLN E 135 9.87 50.04 13.79
N VAL E 136 9.02 49.32 14.52
CA VAL E 136 7.87 49.95 15.18
C VAL E 136 8.21 50.42 16.59
N GLY E 137 8.97 49.63 17.34
CA GLY E 137 9.29 50.00 18.70
C GLY E 137 10.43 49.16 19.24
N THR E 138 10.68 49.35 20.54
CA THR E 138 11.70 48.56 21.21
C THR E 138 11.30 47.09 21.28
N VAL E 139 12.30 46.22 21.12
CA VAL E 139 12.11 44.77 21.20
C VAL E 139 13.22 44.20 22.07
N LEU E 140 12.88 43.21 22.89
CA LEU E 140 13.85 42.46 23.67
C LEU E 140 13.76 40.99 23.28
N TYR E 141 14.92 40.38 23.03
CA TYR E 141 15.03 38.95 22.78
C TYR E 141 15.86 38.34 23.90
N VAL E 142 15.24 37.50 24.73
CA VAL E 142 15.93 36.83 25.84
C VAL E 142 16.17 35.37 25.47
N SER E 143 17.38 34.89 25.78
CA SER E 143 17.77 33.54 25.43
C SER E 143 18.62 32.95 26.55
N GLY E 144 18.24 31.77 27.02
CA GLY E 144 19.16 30.90 27.71
C GLY E 144 19.83 29.91 26.77
N GLU E 145 19.04 29.39 25.82
CA GLU E 145 19.47 28.30 24.95
C GLU E 145 20.48 28.76 23.89
N GLU E 146 20.74 30.05 23.78
CA GLU E 146 21.66 30.56 22.76
C GLU E 146 22.34 31.81 23.30
N SER E 147 23.65 31.76 23.44
CA SER E 147 24.40 32.91 23.89
C SER E 147 24.38 34.02 22.84
N ALA E 148 24.58 35.25 23.33
CA ALA E 148 24.38 36.45 22.51
C ALA E 148 25.24 36.44 21.26
N GLN E 149 26.48 35.96 21.37
CA GLN E 149 27.38 35.92 20.21
C GLN E 149 26.82 35.10 19.05
N GLN E 150 26.26 33.92 19.35
CA GLN E 150 25.67 33.10 18.30
C GLN E 150 24.48 33.77 17.64
N ILE E 151 23.63 34.42 18.42
CA ILE E 151 22.49 35.13 17.86
C ILE E 151 22.93 36.31 17.01
N LYS E 152 23.93 37.06 17.48
CA LYS E 152 24.46 38.17 16.69
C LYS E 152 25.06 37.66 15.38
N LEU E 153 25.77 36.54 15.42
CA LEU E 153 26.28 35.93 14.19
C LEU E 153 25.15 35.57 13.23
N ARG E 154 24.06 35.00 13.73
CA ARG E 154 22.91 34.74 12.87
C ARG E 154 22.32 36.03 12.31
N ALA E 155 22.23 37.08 13.13
CA ALA E 155 21.69 38.36 12.66
C ALA E 155 22.55 38.96 11.56
N GLU E 156 23.87 38.91 11.74
CA GLU E 156 24.79 39.39 10.72
C GLU E 156 24.81 38.50 9.49
N ARG E 157 24.40 37.24 9.63
CA ARG E 157 24.16 36.42 8.44
C ARG E 157 22.93 36.93 7.69
N LEU E 158 21.84 37.17 8.41
CA LEU E 158 20.64 37.69 7.76
C LEU E 158 20.82 39.13 7.33
N GLY E 159 21.58 39.92 8.10
CA GLY E 159 21.99 41.24 7.70
C GLY E 159 21.05 42.37 8.08
N ASP E 160 19.81 42.04 8.45
CA ASP E 160 18.79 43.06 8.68
C ASP E 160 19.24 44.07 9.73
N ILE E 161 18.95 45.35 9.47
CA ILE E 161 19.28 46.41 10.41
C ILE E 161 18.40 46.31 11.65
N ASP E 162 18.99 46.58 12.81
CA ASP E 162 18.50 46.13 14.11
C ASP E 162 18.32 47.29 15.07
N SER E 163 17.74 48.38 14.57
CA SER E 163 17.51 49.60 15.35
C SER E 163 16.78 49.32 16.66
N GLU E 164 17.43 49.64 17.77
CA GLU E 164 16.88 49.40 19.12
C GLU E 164 16.46 47.95 19.32
N PHE E 165 17.17 47.03 18.67
CA PHE E 165 17.04 45.62 18.96
C PHE E 165 17.90 45.31 20.18
N TYR E 166 17.28 44.74 21.22
CA TYR E 166 18.00 44.30 22.40
C TYR E 166 18.18 42.79 22.38
N LEU E 167 19.40 42.34 22.65
CA LEU E 167 19.68 40.96 23.00
C LEU E 167 19.92 40.85 24.50
N TYR E 168 19.43 39.76 25.10
CA TYR E 168 19.75 39.47 26.50
C TYR E 168 19.92 37.97 26.68
N ALA E 169 21.17 37.53 26.86
CA ALA E 169 21.47 36.17 27.30
C ALA E 169 21.20 36.05 28.79
N GLU E 170 20.13 35.37 29.17
CA GLU E 170 19.78 35.31 30.58
C GLU E 170 18.94 34.07 30.85
N THR E 171 18.97 33.62 32.11
CA THR E 171 18.11 32.57 32.62
C THR E 171 17.43 32.89 33.93
N ASN E 172 17.97 33.81 34.73
CA ASN E 172 17.34 34.24 35.97
C ASN E 172 16.08 35.04 35.66
N MET E 173 14.92 34.43 35.90
CA MET E 173 13.65 35.05 35.51
C MET E 173 13.42 36.36 36.24
N GLN E 174 13.81 36.44 37.52
CA GLN E 174 13.66 37.70 38.24
C GLN E 174 14.50 38.81 37.63
N SER E 175 15.68 38.47 37.12
CA SER E 175 16.51 39.45 36.44
C SER E 175 15.90 39.85 35.09
N VAL E 176 15.30 38.91 34.39
CA VAL E 176 14.52 39.24 33.20
C VAL E 176 13.42 40.24 33.55
N ARG E 177 12.62 39.93 34.58
CA ARG E 177 11.54 40.81 35.00
C ARG E 177 12.05 42.21 35.33
N ALA E 178 13.25 42.30 35.93
CA ALA E 178 13.75 43.63 36.26
C ALA E 178 14.25 44.36 35.02
N GLU E 179 14.84 43.62 34.08
CA GLU E 179 15.25 44.28 32.84
C GLU E 179 14.02 44.80 32.09
N VAL E 180 12.87 44.14 32.30
CA VAL E 180 11.64 44.60 31.64
C VAL E 180 11.35 46.01 32.12
N GLU E 181 11.68 46.30 33.39
CA GLU E 181 11.38 47.60 33.95
C GLU E 181 12.54 48.54 33.74
N ARG E 182 13.64 48.02 33.18
CA ARG E 182 14.78 48.87 32.83
C ARG E 182 14.78 49.14 31.33
N ILE E 183 13.70 48.76 30.62
CA ILE E 183 13.57 49.00 29.20
C ILE E 183 12.13 49.37 28.85
N GLN E 184 11.17 48.80 29.56
CA GLN E 184 9.76 48.95 29.27
C GLN E 184 9.52 48.61 27.80
N PRO E 185 9.72 47.34 27.41
CA PRO E 185 9.61 46.96 25.99
C PRO E 185 8.25 47.19 25.37
N ASP E 186 8.14 46.76 24.12
CA ASP E 186 6.90 46.83 23.36
C ASP E 186 6.63 45.53 22.62
N PHE E 187 7.63 44.67 22.49
CA PHE E 187 7.49 43.35 21.87
C PHE E 187 8.55 42.46 22.48
N LEU E 188 8.15 41.50 23.30
CA LEU E 188 9.09 40.66 24.03
C LEU E 188 9.11 39.25 23.44
N ILE E 189 10.30 38.66 23.42
CA ILE E 189 10.51 37.29 22.97
C ILE E 189 11.23 36.51 24.06
N ILE E 190 10.73 35.33 24.38
CA ILE E 190 11.47 34.37 25.18
C ILE E 190 11.84 33.18 24.29
N ASP E 191 13.14 32.92 24.17
CA ASP E 191 13.65 32.01 23.15
C ASP E 191 13.48 30.55 23.53
N SER E 192 13.21 30.27 24.81
CA SER E 192 12.51 29.04 25.19
C SER E 192 12.04 29.11 26.63
N ILE E 193 10.76 28.80 26.85
CA ILE E 193 10.23 28.71 28.22
C ILE E 193 10.92 27.61 29.01
N GLN E 194 11.25 26.48 28.36
CA GLN E 194 12.04 25.42 29.01
C GLN E 194 13.50 25.78 29.21
N THR E 195 13.95 27.03 29.12
CA THR E 195 15.34 27.33 29.46
C THR E 195 15.43 28.63 30.27
N ILE E 196 14.34 29.01 30.92
CA ILE E 196 14.33 30.13 31.85
C ILE E 196 13.78 29.62 33.17
N MET E 197 14.38 30.03 34.28
CA MET E 197 13.98 29.53 35.58
C MET E 197 13.95 30.65 36.60
N SER E 198 12.87 30.69 37.38
CA SER E 198 12.82 31.49 38.60
C SER E 198 13.37 30.66 39.76
N PRO E 199 14.61 30.88 40.18
CA PRO E 199 15.32 29.81 40.91
C PRO E 199 14.75 29.53 42.29
N GLU E 200 13.97 30.46 42.85
CA GLU E 200 13.39 30.26 44.17
C GLU E 200 12.26 29.23 44.19
N ILE E 201 11.50 29.09 43.11
CA ILE E 201 10.13 28.59 43.24
C ILE E 201 10.11 27.06 43.36
N SER E 202 10.65 26.36 42.36
CA SER E 202 10.34 24.94 42.24
C SER E 202 11.22 24.30 41.17
N GLY E 203 11.38 22.98 41.30
CA GLY E 203 11.70 22.10 40.19
C GLY E 203 13.02 22.31 39.46
N VAL E 204 13.22 21.52 38.42
CA VAL E 204 14.30 21.71 37.48
C VAL E 204 13.75 22.49 36.28
N GLN E 205 14.65 22.93 35.40
CA GLN E 205 14.26 23.72 34.24
C GLN E 205 13.18 23.04 33.41
N GLY E 206 13.15 21.71 33.41
CA GLY E 206 12.09 20.99 32.73
C GLY E 206 10.80 20.84 33.51
N SER E 207 10.79 21.22 34.79
CA SER E 207 9.66 20.92 35.65
C SER E 207 8.41 21.69 35.23
N VAL E 208 7.31 20.96 35.07
CA VAL E 208 6.05 21.56 34.63
C VAL E 208 5.62 22.68 35.58
N SER E 209 5.76 22.47 36.89
CA SER E 209 5.48 23.52 37.86
C SER E 209 6.33 24.77 37.63
N GLN E 210 7.64 24.57 37.46
CA GLN E 210 8.54 25.72 37.30
C GLN E 210 8.20 26.54 36.07
N VAL E 211 7.90 25.88 34.96
CA VAL E 211 7.57 26.61 33.73
C VAL E 211 6.18 27.24 33.82
N ARG E 212 5.21 26.51 34.39
CA ARG E 212 3.89 27.10 34.63
C ARG E 212 3.97 28.34 35.49
N GLU E 213 4.75 28.29 36.57
CA GLU E 213 4.86 29.45 37.46
C GLU E 213 5.59 30.61 36.81
N VAL E 214 6.66 30.32 36.06
CA VAL E 214 7.29 31.37 35.26
C VAL E 214 6.28 31.99 34.29
N THR E 215 5.47 31.15 33.64
CA THR E 215 4.45 31.65 32.73
C THR E 215 3.44 32.54 33.45
N ALA E 216 3.05 32.16 34.67
CA ALA E 216 2.15 32.97 35.48
C ALA E 216 2.76 34.31 35.86
N GLU E 217 4.07 34.37 36.05
CA GLU E 217 4.74 35.65 36.26
C GLU E 217 4.75 36.47 34.96
N LEU E 218 5.08 35.81 33.85
CA LEU E 218 5.08 36.50 32.57
C LEU E 218 3.70 37.06 32.25
N MET E 219 2.64 36.32 32.58
CA MET E 219 1.29 36.84 32.38
C MET E 219 1.10 38.18 33.08
N GLN E 220 1.66 38.32 34.28
CA GLN E 220 1.52 39.59 34.99
C GLN E 220 2.32 40.68 34.29
N LEU E 221 3.47 40.30 33.72
CA LEU E 221 4.30 41.31 33.06
C LEU E 221 3.66 41.77 31.75
N ALA E 222 3.04 40.84 31.03
CA ALA E 222 2.23 41.16 29.86
C ALA E 222 1.06 42.08 30.22
N LYS E 223 0.29 41.69 31.25
CA LYS E 223 -0.86 42.47 31.68
C LYS E 223 -0.47 43.88 32.11
N THR E 224 0.70 44.03 32.72
CA THR E 224 1.08 45.34 33.26
C THR E 224 1.45 46.33 32.16
N ASN E 225 2.24 45.90 31.18
CA ASN E 225 2.85 46.86 30.25
C ASN E 225 2.31 46.75 28.82
N ASN E 226 1.27 45.96 28.59
CA ASN E 226 0.71 45.72 27.25
C ASN E 226 1.72 45.11 26.29
N ILE E 227 2.78 44.47 26.79
CA ILE E 227 3.74 43.80 25.93
C ILE E 227 3.09 42.57 25.31
N ALA E 228 3.16 42.49 23.97
CA ALA E 228 2.93 41.22 23.31
C ALA E 228 4.18 40.36 23.40
N ILE E 229 4.01 39.14 23.91
CA ILE E 229 5.12 38.24 24.22
C ILE E 229 5.04 37.02 23.30
N PHE E 230 6.08 36.81 22.50
CA PHE E 230 6.21 35.57 21.73
C PHE E 230 6.97 34.55 22.56
N ILE E 231 6.42 33.35 22.66
CA ILE E 231 7.01 32.23 23.38
C ILE E 231 7.43 31.17 22.37
N VAL E 232 8.68 30.71 22.46
CA VAL E 232 9.06 29.48 21.80
C VAL E 232 8.77 28.32 22.75
N GLY E 233 8.04 27.32 22.26
CA GLY E 233 7.86 26.07 22.97
C GLY E 233 8.77 24.98 22.44
N HIS E 234 9.38 24.26 23.36
CA HIS E 234 9.84 22.90 23.08
C HIS E 234 8.64 22.03 22.71
N VAL E 235 8.91 20.90 22.08
CA VAL E 235 7.88 19.90 21.88
C VAL E 235 8.25 18.60 22.57
N THR E 236 7.21 17.93 23.08
CA THR E 236 7.25 16.51 23.39
C THR E 236 7.79 15.73 22.20
N LYS E 237 8.39 14.55 22.49
CA LYS E 237 8.75 13.63 21.42
C LYS E 237 7.59 13.45 20.44
N GLU E 238 6.36 13.44 20.97
CA GLU E 238 5.17 13.30 20.13
C GLU E 238 4.81 14.62 19.45
N GLY E 239 5.25 15.75 19.99
CA GLY E 239 4.83 17.06 19.55
C GLY E 239 3.96 17.84 20.51
N THR E 240 3.51 17.25 21.60
CA THR E 240 2.50 17.89 22.45
C THR E 240 3.08 18.94 23.40
N LEU E 241 3.95 19.81 22.90
CA LEU E 241 4.33 21.07 23.55
C LEU E 241 4.86 20.92 24.96
N ALA E 242 5.29 19.70 25.35
CA ALA E 242 6.03 19.48 26.59
C ALA E 242 5.27 19.99 27.81
N GLY E 243 4.12 19.37 28.06
CA GLY E 243 3.18 19.87 29.05
C GLY E 243 2.20 20.88 28.48
N PRO E 244 1.27 20.40 27.66
CA PRO E 244 0.45 21.33 26.86
C PRO E 244 -0.69 21.99 27.63
N ARG E 245 -1.42 21.19 28.41
CA ARG E 245 -2.72 21.63 28.93
C ARG E 245 -2.60 22.87 29.82
N MET E 246 -1.68 22.83 30.79
CA MET E 246 -1.57 23.94 31.73
C MET E 246 -0.99 25.19 31.08
N LEU E 247 -0.05 25.03 30.16
CA LEU E 247 0.42 26.16 29.36
C LEU E 247 -0.68 26.68 28.44
N GLU E 248 -1.21 25.82 27.58
CA GLU E 248 -2.10 26.24 26.50
C GLU E 248 -3.27 27.08 26.99
N HIS E 249 -3.83 26.77 28.16
CA HIS E 249 -4.94 27.57 28.66
C HIS E 249 -4.49 28.95 29.12
N MET E 250 -3.24 29.10 29.58
CA MET E 250 -2.69 30.42 29.81
C MET E 250 -2.20 31.09 28.53
N VAL E 251 -1.92 30.33 27.47
CA VAL E 251 -1.05 30.81 26.40
C VAL E 251 -1.78 31.72 25.41
N ASP E 252 -3.12 31.73 25.43
CA ASP E 252 -3.94 32.28 24.36
C ASP E 252 -3.68 31.55 23.04
N THR E 253 -2.62 31.91 22.31
CA THR E 253 -2.47 31.50 20.93
C THR E 253 -1.34 30.49 20.80
N VAL E 254 -1.61 29.39 20.10
CA VAL E 254 -0.59 28.38 19.84
C VAL E 254 -0.61 28.05 18.34
N LEU E 255 0.58 27.92 17.78
CA LEU E 255 0.79 27.60 16.38
C LEU E 255 2.04 26.73 16.25
N TYR E 256 2.05 25.85 15.26
CA TYR E 256 3.05 24.80 15.14
C TYR E 256 3.90 25.00 13.90
N PHE E 257 5.22 24.94 14.07
CA PHE E 257 6.19 25.12 12.99
C PHE E 257 6.81 23.77 12.69
N GLU E 258 6.69 23.30 11.45
CA GLU E 258 6.99 21.91 11.14
C GLU E 258 7.34 21.77 9.66
N GLY E 259 7.90 20.61 9.33
CA GLY E 259 8.21 20.28 7.94
C GLY E 259 8.92 18.95 7.89
N GLU E 260 8.86 18.33 6.71
CA GLU E 260 9.32 16.96 6.55
C GLU E 260 10.80 16.90 6.15
N ARG E 261 11.34 15.67 6.23
CA ARG E 261 12.78 15.45 6.09
C ARG E 261 13.34 16.01 4.80
N HIS E 262 12.54 16.03 3.73
CA HIS E 262 13.02 16.48 2.43
C HIS E 262 12.51 17.86 2.03
N HIS E 263 11.54 18.41 2.75
CA HIS E 263 10.91 19.65 2.32
C HIS E 263 11.86 20.83 2.50
N THR E 264 12.07 21.57 1.41
CA THR E 264 12.63 22.91 1.52
C THR E 264 11.66 23.88 2.20
N PHE E 265 10.36 23.58 2.16
CA PHE E 265 9.35 24.39 2.80
C PHE E 265 9.13 23.96 4.25
N ARG E 266 8.80 24.94 5.09
CA ARG E 266 8.33 24.69 6.44
C ARG E 266 6.96 25.34 6.63
N ILE E 267 6.05 24.59 7.25
CA ILE E 267 4.67 25.02 7.41
C ILE E 267 4.46 25.45 8.86
N LEU E 268 3.95 26.66 9.04
CA LEU E 268 3.60 27.21 10.34
C LEU E 268 2.08 27.20 10.47
N ARG E 269 1.53 26.17 11.09
CA ARG E 269 0.09 26.00 11.18
C ARG E 269 -0.44 26.57 12.49
N ALA E 270 -1.31 27.57 12.39
CA ALA E 270 -2.08 28.00 13.55
C ALA E 270 -3.12 26.95 13.91
N VAL E 271 -3.25 26.65 15.20
CA VAL E 271 -4.17 25.60 15.62
C VAL E 271 -5.18 26.13 16.62
N LYS E 272 -4.80 27.10 17.45
CA LYS E 272 -5.76 27.80 18.28
C LYS E 272 -5.37 29.27 18.38
N ASN E 273 -6.36 30.14 18.40
CA ASN E 273 -6.12 31.58 18.25
C ASN E 273 -7.35 32.33 18.73
N ARG E 274 -7.19 33.17 19.74
CA ARG E 274 -8.27 34.01 20.24
C ARG E 274 -8.60 35.21 19.35
N PHE E 275 -7.72 35.60 18.41
CA PHE E 275 -7.84 36.88 17.74
C PHE E 275 -7.74 36.76 16.22
N GLY E 276 -8.18 35.63 15.67
CA GLY E 276 -8.17 35.47 14.24
C GLY E 276 -8.72 34.12 13.84
N SER E 277 -8.56 33.79 12.56
CA SER E 277 -8.96 32.48 12.07
C SER E 277 -8.25 31.38 12.85
N THR E 278 -9.04 30.55 13.53
CA THR E 278 -8.48 29.56 14.44
C THR E 278 -7.67 28.50 13.71
N ASN E 279 -7.99 28.23 12.45
CA ASN E 279 -7.12 27.45 11.58
C ASN E 279 -6.53 28.36 10.52
N GLU E 280 -5.22 28.24 10.32
CA GLU E 280 -4.52 28.78 9.15
C GLU E 280 -3.18 28.08 9.04
N ILE E 281 -2.56 28.21 7.87
CA ILE E 281 -1.22 27.69 7.64
C ILE E 281 -0.38 28.76 6.94
N GLY E 282 0.63 29.26 7.64
CA GLY E 282 1.73 29.95 6.99
C GLY E 282 2.79 28.97 6.51
N ILE E 283 3.41 29.30 5.38
CA ILE E 283 4.47 28.47 4.80
C ILE E 283 5.65 29.35 4.46
N PHE E 284 6.85 28.85 4.76
CA PHE E 284 8.10 29.53 4.44
C PHE E 284 9.04 28.56 3.76
N GLU E 285 9.95 29.10 2.97
CA GLU E 285 11.13 28.36 2.52
C GLU E 285 12.33 28.75 3.37
N MET E 286 13.13 27.76 3.75
CA MET E 286 14.37 28.03 4.46
C MET E 286 15.51 28.23 3.47
N GLN E 287 16.34 29.24 3.73
CA GLN E 287 17.46 29.58 2.87
C GLN E 287 18.61 30.07 3.75
N SER E 288 19.80 30.12 3.14
CA SER E 288 20.95 30.64 3.87
C SER E 288 20.82 32.12 4.19
N GLY E 289 20.00 32.86 3.44
CA GLY E 289 19.64 34.22 3.78
C GLY E 289 18.54 34.33 4.83
N GLY E 290 18.14 33.24 5.45
CA GLY E 290 17.03 33.20 6.37
C GLY E 290 15.78 32.63 5.74
N LEU E 291 14.72 32.56 6.55
CA LEU E 291 13.42 32.15 6.05
C LEU E 291 12.84 33.19 5.10
N VAL E 292 12.20 32.72 4.04
CA VAL E 292 11.56 33.59 3.06
C VAL E 292 10.14 33.12 2.84
N GLU E 293 9.21 34.07 2.74
CA GLU E 293 7.81 33.74 2.57
C GLU E 293 7.60 32.93 1.29
N VAL E 294 6.62 32.04 1.32
CA VAL E 294 5.95 31.59 0.10
C VAL E 294 4.70 32.43 -0.13
N LEU E 295 4.91 33.68 -0.58
CA LEU E 295 3.83 34.48 -1.14
C LEU E 295 3.61 34.11 -2.60
N ASN E 296 2.33 34.06 -3.00
CA ASN E 296 1.83 33.31 -4.15
C ASN E 296 2.02 31.80 -3.93
N PRO E 297 1.50 30.94 -4.82
CA PRO E 297 1.60 29.50 -4.58
C PRO E 297 3.04 29.01 -4.57
N SER E 298 3.23 27.88 -3.88
CA SER E 298 4.53 27.23 -3.80
C SER E 298 5.11 26.88 -5.16
N GLN E 299 4.28 26.51 -6.13
CA GLN E 299 4.75 25.75 -7.28
C GLN E 299 4.62 26.44 -8.63
N VAL E 300 4.14 27.69 -8.68
CA VAL E 300 4.16 28.44 -9.92
C VAL E 300 5.60 28.73 -10.33
N PHE E 301 5.90 28.50 -11.61
CA PHE E 301 7.22 28.82 -12.16
C PHE E 301 7.06 29.04 -13.65
N LEU E 302 7.25 30.28 -14.10
CA LEU E 302 6.60 30.76 -15.31
C LEU E 302 7.41 31.92 -15.89
N GLU E 303 6.90 32.49 -16.98
CA GLU E 303 7.33 33.75 -17.58
C GLU E 303 8.68 33.67 -18.26
N GLU E 304 9.22 32.48 -18.48
CA GLU E 304 10.47 32.35 -19.21
C GLU E 304 10.21 32.38 -20.71
N ARG E 305 9.18 33.12 -21.12
CA ARG E 305 8.76 33.13 -22.52
C ARG E 305 9.83 33.77 -23.39
N LEU E 306 10.04 33.18 -24.57
CA LEU E 306 10.97 33.71 -25.57
C LEU E 306 10.20 34.64 -26.50
N ASP E 307 10.70 34.88 -27.71
CA ASP E 307 10.02 35.71 -28.69
C ASP E 307 9.40 34.85 -29.78
N GLY E 308 8.26 35.28 -30.29
CA GLY E 308 7.56 34.56 -31.34
C GLY E 308 7.34 33.09 -31.04
N ALA E 309 7.29 32.75 -29.76
CA ALA E 309 7.02 31.39 -29.30
C ALA E 309 5.58 31.02 -29.65
N THR E 310 5.39 30.59 -30.89
CA THR E 310 4.10 30.06 -31.30
C THR E 310 3.86 28.71 -30.65
N GLY E 311 2.58 28.36 -30.49
CA GLY E 311 2.24 27.15 -29.77
C GLY E 311 2.42 27.19 -28.27
N SER E 312 2.15 28.33 -27.65
CA SER E 312 2.19 28.42 -26.19
C SER E 312 0.97 29.17 -25.68
N SER E 313 0.45 28.73 -24.55
CA SER E 313 -0.68 29.38 -23.91
C SER E 313 -0.66 29.09 -22.41
N ILE E 314 -1.34 29.93 -21.64
CA ILE E 314 -1.32 29.88 -20.20
C ILE E 314 -2.74 29.60 -19.70
N VAL E 315 -2.84 28.79 -18.65
CA VAL E 315 -4.11 28.32 -18.13
C VAL E 315 -4.06 28.36 -16.60
N VAL E 316 -5.18 28.73 -15.97
CA VAL E 316 -5.31 28.63 -14.52
C VAL E 316 -5.91 27.29 -14.16
N THR E 317 -5.24 26.56 -13.27
CA THR E 317 -5.63 25.22 -12.88
C THR E 317 -5.47 25.10 -11.38
N MET E 318 -6.11 24.11 -10.79
CA MET E 318 -6.13 23.95 -9.35
C MET E 318 -5.14 22.87 -8.94
N GLU E 319 -4.34 23.17 -7.93
CA GLU E 319 -3.58 22.16 -7.19
C GLU E 319 -4.38 21.77 -5.94
N GLY E 320 -5.50 21.12 -6.18
CA GLY E 320 -6.50 20.94 -5.14
C GLY E 320 -7.28 22.22 -4.90
N THR E 321 -6.99 22.93 -3.81
CA THR E 321 -7.64 24.21 -3.56
C THR E 321 -6.85 25.42 -4.02
N ARG E 322 -5.53 25.33 -4.02
CA ARG E 322 -4.70 26.41 -4.55
C ARG E 322 -4.88 26.49 -6.06
N PRO E 323 -5.21 27.66 -6.61
CA PRO E 323 -4.98 27.87 -8.04
C PRO E 323 -3.52 28.12 -8.33
N ILE E 324 -3.05 27.54 -9.43
CA ILE E 324 -1.70 27.80 -9.94
C ILE E 324 -1.82 28.16 -11.41
N LEU E 325 -0.85 28.91 -11.90
CA LEU E 325 -0.87 29.40 -13.28
C LEU E 325 0.24 28.67 -14.04
N ALA E 326 -0.13 28.00 -15.13
CA ALA E 326 0.74 27.04 -15.80
C ALA E 326 0.66 27.24 -17.31
N GLU E 327 1.68 26.77 -18.01
CA GLU E 327 1.82 26.99 -19.45
C GLU E 327 1.74 25.67 -20.20
N VAL E 328 0.96 25.68 -21.28
CA VAL E 328 0.86 24.56 -22.21
C VAL E 328 1.61 24.92 -23.48
N GLN E 329 2.41 23.98 -24.00
CA GLN E 329 3.09 24.15 -25.27
C GLN E 329 2.69 23.06 -26.25
N ALA E 330 2.62 23.42 -27.54
CA ALA E 330 2.26 22.48 -28.59
C ALA E 330 3.15 22.69 -29.81
N LEU E 331 3.58 21.59 -30.42
CA LEU E 331 4.31 21.59 -31.67
C LEU E 331 3.53 20.78 -32.70
N VAL E 332 3.08 21.45 -33.76
CA VAL E 332 2.31 20.82 -34.83
C VAL E 332 3.15 20.85 -36.11
N THR E 333 3.35 19.69 -36.72
CA THR E 333 4.25 19.57 -37.87
C THR E 333 3.72 18.49 -38.80
N PRO E 334 3.91 18.66 -40.11
CA PRO E 334 3.44 17.65 -41.08
C PRO E 334 4.08 16.29 -40.89
N THR E 335 3.28 15.24 -41.12
CA THR E 335 3.73 13.85 -41.02
C THR E 335 4.59 13.50 -42.23
N MET E 336 5.84 13.97 -42.21
CA MET E 336 6.73 13.72 -43.35
C MET E 336 7.00 12.24 -43.54
N PHE E 337 7.04 11.46 -42.46
CA PHE E 337 7.27 10.02 -42.54
C PHE E 337 6.31 9.31 -41.61
N GLY E 338 6.05 8.04 -41.92
CA GLY E 338 5.12 7.26 -41.11
C GLY E 338 3.71 7.82 -41.12
N ASN E 339 3.11 7.87 -39.94
CA ASN E 339 1.74 8.34 -39.77
C ASN E 339 1.66 9.20 -38.52
N ALA E 340 0.58 9.98 -38.42
CA ALA E 340 0.43 11.01 -37.41
C ALA E 340 0.63 10.47 -36.00
N LYS E 341 1.62 11.03 -35.32
CA LYS E 341 1.86 10.77 -33.90
C LYS E 341 1.07 11.73 -33.02
N ARG E 342 0.76 11.27 -31.81
CA ARG E 342 0.06 12.07 -30.82
C ARG E 342 0.81 12.12 -29.50
N THR E 343 2.12 11.95 -29.55
CA THR E 343 2.96 11.90 -28.35
C THR E 343 2.73 13.11 -27.46
N THR E 344 2.37 12.85 -26.21
CA THR E 344 1.90 13.88 -25.29
C THR E 344 2.48 13.59 -23.91
N THR E 345 2.86 14.64 -23.18
CA THR E 345 3.34 14.50 -21.82
C THR E 345 2.69 15.55 -20.93
N GLY E 346 2.33 15.15 -19.72
CA GLY E 346 1.57 16.00 -18.83
C GLY E 346 0.08 15.91 -19.04
N LEU E 347 -0.37 16.21 -20.25
CA LEU E 347 -1.78 16.07 -20.60
C LEU E 347 -2.15 14.61 -20.77
N ASP E 348 -3.41 14.37 -21.12
CA ASP E 348 -3.89 13.07 -21.56
C ASP E 348 -3.99 13.10 -23.07
N PHE E 349 -3.42 12.09 -23.74
CA PHE E 349 -3.49 12.07 -25.20
C PHE E 349 -4.89 11.77 -25.72
N ASN E 350 -5.74 11.12 -24.93
CA ASN E 350 -7.14 10.97 -25.33
C ASN E 350 -7.85 12.32 -25.35
N ARG E 351 -7.74 13.09 -24.26
CA ARG E 351 -8.25 14.45 -24.22
C ARG E 351 -7.73 15.30 -25.36
N ALA E 352 -6.42 15.25 -25.61
CA ALA E 352 -5.85 15.99 -26.74
C ALA E 352 -6.39 15.50 -28.08
N SER E 353 -6.61 14.20 -28.24
CA SER E 353 -7.19 13.69 -29.48
C SER E 353 -8.59 14.24 -29.69
N LEU E 354 -9.40 14.24 -28.62
CA LEU E 354 -10.70 14.89 -28.69
C LEU E 354 -10.58 16.35 -29.09
N ILE E 355 -9.62 17.08 -28.49
CA ILE E 355 -9.45 18.49 -28.82
C ILE E 355 -9.07 18.70 -30.29
N MET E 356 -8.20 17.86 -30.85
CA MET E 356 -7.91 18.06 -32.28
C MET E 356 -9.07 17.63 -33.16
N ALA E 357 -9.85 16.63 -32.77
CA ALA E 357 -11.06 16.31 -33.53
C ALA E 357 -12.05 17.47 -33.50
N VAL E 358 -12.23 18.10 -32.34
CA VAL E 358 -13.11 19.26 -32.22
C VAL E 358 -12.63 20.41 -33.09
N LEU E 359 -11.32 20.69 -33.05
CA LEU E 359 -10.80 21.74 -33.92
C LEU E 359 -10.98 21.40 -35.40
N GLU E 360 -10.80 20.13 -35.75
CA GLU E 360 -10.96 19.69 -37.13
C GLU E 360 -12.39 19.90 -37.62
N LYS E 361 -13.37 19.53 -36.80
CA LYS E 361 -14.75 19.61 -37.26
C LYS E 361 -15.28 21.03 -37.16
N ARG E 362 -15.09 21.69 -36.03
CA ARG E 362 -15.75 22.96 -35.74
C ARG E 362 -14.96 24.15 -36.25
N ALA E 363 -13.64 24.17 -36.02
CA ALA E 363 -12.81 25.27 -36.49
C ALA E 363 -12.27 25.03 -37.90
N GLY E 364 -12.19 23.78 -38.34
CA GLY E 364 -11.72 23.50 -39.68
C GLY E 364 -10.23 23.48 -39.84
N LEU E 365 -9.49 23.21 -38.77
CA LEU E 365 -8.05 23.04 -38.85
C LEU E 365 -7.73 21.63 -39.38
N LEU E 366 -6.90 21.57 -40.43
CA LEU E 366 -6.59 20.31 -41.09
C LEU E 366 -5.51 19.54 -40.33
N LEU E 367 -5.85 19.15 -39.11
CA LEU E 367 -4.87 18.57 -38.21
C LEU E 367 -4.68 17.07 -38.40
N GLN E 368 -5.58 16.40 -39.12
CA GLN E 368 -5.50 14.94 -39.23
C GLN E 368 -4.24 14.48 -39.95
N ASN E 369 -3.71 15.28 -40.87
CA ASN E 369 -2.43 15.00 -41.50
C ASN E 369 -1.24 15.63 -40.78
N GLN E 370 -1.41 16.09 -39.55
CA GLN E 370 -0.33 16.68 -38.78
C GLN E 370 0.04 15.81 -37.59
N ASP E 371 1.34 15.72 -37.29
CA ASP E 371 1.75 15.38 -35.94
C ASP E 371 1.47 16.55 -35.01
N ALA E 372 1.10 16.25 -33.78
CA ALA E 372 1.00 17.28 -32.76
C ALA E 372 1.60 16.76 -31.47
N TYR E 373 2.58 17.50 -30.95
CA TYR E 373 3.29 17.15 -29.72
C TYR E 373 2.90 18.16 -28.66
N LEU E 374 2.53 17.68 -27.48
CA LEU E 374 2.00 18.56 -26.44
C LEU E 374 2.70 18.30 -25.12
N LYS E 375 2.98 19.37 -24.40
CA LYS E 375 3.63 19.31 -23.10
C LYS E 375 3.09 20.41 -22.21
N SER E 376 2.89 20.10 -20.94
CA SER E 376 2.88 21.11 -19.90
C SER E 376 4.30 21.46 -19.49
N ALA E 377 4.57 22.74 -19.29
CA ALA E 377 5.88 23.17 -18.83
C ALA E 377 6.11 22.71 -17.39
N GLY E 378 7.37 22.43 -17.07
CA GLY E 378 7.75 22.16 -15.70
C GLY E 378 7.25 20.86 -15.14
N GLY E 379 6.74 19.96 -15.97
CA GLY E 379 6.31 18.65 -15.53
C GLY E 379 5.09 18.64 -14.64
N VAL E 380 4.34 19.75 -14.57
CA VAL E 380 3.12 19.78 -13.77
C VAL E 380 2.10 18.82 -14.37
N LYS E 381 1.44 18.04 -13.51
CA LYS E 381 0.47 17.05 -13.95
C LYS E 381 -0.84 17.74 -14.29
N LEU E 382 -0.77 18.73 -15.19
CA LEU E 382 -1.88 19.58 -15.56
C LEU E 382 -2.95 18.81 -16.32
N ASP E 383 -3.89 18.19 -15.60
CA ASP E 383 -4.93 17.39 -16.25
C ASP E 383 -6.20 17.53 -15.40
N GLU E 384 -6.99 18.53 -15.74
CA GLU E 384 -8.31 18.79 -15.19
C GLU E 384 -9.14 19.36 -16.33
N PRO E 385 -10.48 19.30 -16.23
CA PRO E 385 -11.31 19.64 -17.39
C PRO E 385 -11.16 21.08 -17.87
N ALA E 386 -10.70 21.99 -17.01
CA ALA E 386 -10.65 23.41 -17.36
C ALA E 386 -9.52 23.76 -18.33
N ILE E 387 -8.63 22.83 -18.67
CA ILE E 387 -7.47 23.17 -19.49
C ILE E 387 -7.78 23.15 -20.99
N ASP E 388 -8.87 22.51 -21.41
CA ASP E 388 -9.05 22.18 -22.82
C ASP E 388 -9.05 23.41 -23.72
N LEU E 389 -9.49 24.56 -23.22
CA LEU E 389 -9.44 25.76 -24.06
C LEU E 389 -8.01 26.23 -24.29
N ALA E 390 -7.17 26.18 -23.25
CA ALA E 390 -5.77 26.56 -23.42
C ALA E 390 -5.04 25.58 -24.32
N VAL E 391 -5.32 24.29 -24.16
CA VAL E 391 -4.73 23.28 -25.05
C VAL E 391 -5.15 23.51 -26.49
N ALA E 392 -6.43 23.79 -26.72
CA ALA E 392 -6.90 24.11 -28.07
C ALA E 392 -6.22 25.35 -28.63
N VAL E 393 -6.02 26.38 -27.80
CA VAL E 393 -5.40 27.60 -28.31
C VAL E 393 -3.92 27.41 -28.57
N ALA E 394 -3.23 26.58 -27.78
CA ALA E 394 -1.85 26.24 -28.09
C ALA E 394 -1.73 25.47 -29.40
N ILE E 395 -2.60 24.47 -29.60
CA ILE E 395 -2.58 23.71 -30.85
C ILE E 395 -2.86 24.63 -32.05
N ALA E 396 -3.91 25.45 -31.94
CA ALA E 396 -4.23 26.39 -33.02
C ALA E 396 -3.11 27.38 -33.29
N SER E 397 -2.49 27.92 -32.24
CA SER E 397 -1.35 28.82 -32.42
C SER E 397 -0.19 28.13 -33.13
N SER E 398 0.06 26.86 -32.81
CA SER E 398 1.14 26.14 -33.46
C SER E 398 0.82 25.85 -34.92
N TYR E 399 -0.40 25.43 -35.22
CA TYR E 399 -0.81 25.17 -36.60
C TYR E 399 -0.80 26.45 -37.44
N LYS E 400 -1.40 27.52 -36.93
CA LYS E 400 -1.37 28.81 -37.61
C LYS E 400 0.02 29.43 -37.62
N ASP E 401 0.90 29.02 -36.71
CA ASP E 401 2.22 29.61 -36.53
C ASP E 401 2.13 31.12 -36.26
N LYS E 402 1.16 31.51 -35.44
CA LYS E 402 1.01 32.86 -34.97
C LYS E 402 1.08 32.90 -33.45
N PRO E 403 1.78 33.87 -32.87
CA PRO E 403 2.01 33.84 -31.42
C PRO E 403 0.79 34.29 -30.63
N THR E 404 0.57 33.62 -29.50
CA THR E 404 -0.34 34.10 -28.48
C THR E 404 0.35 35.14 -27.62
N ASN E 405 -0.39 36.19 -27.27
CA ASN E 405 0.20 37.23 -26.44
C ASN E 405 0.60 36.65 -25.09
N PRO E 406 1.77 37.02 -24.54
CA PRO E 406 2.24 36.40 -23.30
C PRO E 406 1.46 36.77 -22.06
N GLN E 407 0.54 37.73 -22.13
CA GLN E 407 -0.25 38.13 -20.98
C GLN E 407 -1.74 37.80 -21.15
N GLU E 408 -2.06 36.88 -22.07
CA GLU E 408 -3.41 36.35 -22.19
C GLU E 408 -3.47 34.99 -21.51
N CYS E 409 -4.48 34.80 -20.68
CA CYS E 409 -4.72 33.53 -20.00
C CYS E 409 -6.07 32.97 -20.42
N PHE E 410 -6.19 31.64 -20.43
CA PHE E 410 -7.40 30.97 -20.88
C PHE E 410 -7.88 30.00 -19.81
N VAL E 411 -9.19 29.96 -19.61
CA VAL E 411 -9.85 28.93 -18.82
C VAL E 411 -11.11 28.50 -19.56
N GLY E 412 -11.34 27.19 -19.66
CA GLY E 412 -12.53 26.68 -20.30
C GLY E 412 -12.47 25.21 -20.62
N GLU E 413 -13.52 24.47 -20.25
CA GLU E 413 -13.78 23.16 -20.84
C GLU E 413 -14.25 23.31 -22.27
N LEU E 414 -13.79 22.42 -23.14
CA LEU E 414 -14.21 22.40 -24.54
C LEU E 414 -15.15 21.22 -24.76
N GLY E 415 -16.31 21.49 -25.34
CA GLY E 415 -17.25 20.46 -25.72
C GLY E 415 -17.12 20.03 -27.17
N LEU E 416 -17.61 18.82 -27.46
CA LEU E 416 -17.42 18.26 -28.79
C LEU E 416 -18.21 19.01 -29.85
N THR E 417 -19.22 19.80 -29.45
CA THR E 417 -19.89 20.71 -30.36
C THR E 417 -19.19 22.06 -30.46
N GLY E 418 -18.07 22.24 -29.79
CA GLY E 418 -17.37 23.52 -29.80
C GLY E 418 -17.88 24.51 -28.78
N GLU E 419 -18.81 24.11 -27.92
CA GLU E 419 -19.21 24.96 -26.81
C GLU E 419 -18.12 25.01 -25.75
N ILE E 420 -18.02 26.14 -25.07
CA ILE E 420 -17.12 26.30 -23.93
C ILE E 420 -17.95 26.30 -22.67
N ARG E 421 -17.64 25.40 -21.74
CA ARG E 421 -18.50 25.09 -20.63
C ARG E 421 -17.98 25.74 -19.34
N ARG E 422 -18.86 25.76 -18.34
CA ARG E 422 -18.53 26.33 -17.04
C ARG E 422 -17.35 25.61 -16.39
N VAL E 423 -16.78 26.26 -15.38
CA VAL E 423 -15.60 25.74 -14.69
C VAL E 423 -15.79 25.93 -13.18
N ASN E 424 -15.02 25.16 -12.42
CA ASN E 424 -15.33 24.92 -11.01
C ASN E 424 -15.29 26.20 -10.17
N ARG E 425 -14.18 26.94 -10.24
CA ARG E 425 -13.88 28.01 -9.28
C ARG E 425 -13.39 29.25 -10.02
N ILE E 426 -14.22 29.75 -10.93
CA ILE E 426 -13.79 30.80 -11.87
C ILE E 426 -13.32 32.05 -11.14
N GLU E 427 -13.97 32.41 -10.03
CA GLU E 427 -13.59 33.62 -9.32
C GLU E 427 -12.14 33.56 -8.85
N GLN E 428 -11.75 32.46 -8.22
CA GLN E 428 -10.38 32.32 -7.73
C GLN E 428 -9.38 32.34 -8.89
N ARG E 429 -9.74 31.73 -10.02
CA ARG E 429 -8.87 31.76 -11.18
C ARG E 429 -8.67 33.18 -11.71
N ILE E 430 -9.75 33.95 -11.81
CA ILE E 430 -9.64 35.33 -12.28
C ILE E 430 -8.82 36.17 -11.31
N ASN E 431 -8.99 35.94 -10.01
CA ASN E 431 -8.22 36.69 -9.03
C ASN E 431 -6.74 36.34 -9.05
N GLU E 432 -6.41 35.06 -9.24
CA GLU E 432 -5.01 34.68 -9.44
C GLU E 432 -4.43 35.28 -10.71
N ALA E 433 -5.17 35.22 -11.81
CA ALA E 433 -4.74 35.84 -13.06
C ALA E 433 -4.46 37.33 -12.88
N ALA E 434 -5.31 38.02 -12.12
CA ALA E 434 -5.06 39.43 -11.81
C ALA E 434 -3.82 39.61 -10.95
N LYS E 435 -3.65 38.77 -9.93
CA LYS E 435 -2.48 38.90 -9.05
C LYS E 435 -1.18 38.75 -9.83
N LEU E 436 -1.12 37.79 -10.76
CA LEU E 436 0.05 37.63 -11.61
C LEU E 436 0.14 38.68 -12.71
N GLY E 437 -0.78 39.64 -12.77
CA GLY E 437 -0.63 40.75 -13.69
C GLY E 437 -0.91 40.42 -15.14
N PHE E 438 -1.80 39.47 -15.39
CA PHE E 438 -2.26 39.20 -16.75
C PHE E 438 -3.27 40.24 -17.19
N THR E 439 -3.13 40.69 -18.44
CA THR E 439 -4.00 41.73 -18.98
C THR E 439 -5.38 41.20 -19.34
N LYS E 440 -5.47 39.99 -19.87
CA LYS E 440 -6.75 39.36 -20.18
C LYS E 440 -6.81 37.97 -19.57
N ILE E 441 -8.02 37.56 -19.20
CA ILE E 441 -8.37 36.16 -19.05
C ILE E 441 -9.61 35.87 -19.87
N TYR E 442 -9.54 34.88 -20.75
CA TYR E 442 -10.71 34.37 -21.45
C TYR E 442 -11.40 33.33 -20.59
N VAL E 443 -12.73 33.41 -20.51
CA VAL E 443 -13.51 32.53 -19.65
C VAL E 443 -14.78 32.12 -20.37
N PRO E 444 -15.36 30.99 -19.96
CA PRO E 444 -16.73 30.68 -20.40
C PRO E 444 -17.71 31.78 -20.06
N LYS E 445 -18.40 32.29 -21.08
CA LYS E 445 -19.69 32.90 -20.84
C LYS E 445 -20.64 31.86 -20.25
N ASN E 446 -21.70 32.33 -19.59
CA ASN E 446 -22.55 31.57 -18.67
C ASN E 446 -21.84 31.25 -17.36
N SER E 447 -20.63 31.76 -17.15
CA SER E 447 -19.97 31.65 -15.85
C SER E 447 -19.61 33.01 -15.27
N LEU E 448 -19.95 34.10 -15.94
CA LEU E 448 -19.74 35.44 -15.43
C LEU E 448 -20.86 35.91 -14.50
N THR E 449 -21.95 35.16 -14.41
CA THR E 449 -23.12 35.59 -13.65
C THR E 449 -22.81 35.57 -12.16
N GLY E 450 -22.93 36.73 -11.52
CA GLY E 450 -22.79 36.80 -10.07
C GLY E 450 -21.37 36.70 -9.55
N ILE E 451 -20.39 37.10 -10.33
CA ILE E 451 -19.01 37.24 -9.85
C ILE E 451 -18.57 38.67 -10.07
N THR E 452 -17.77 39.18 -9.13
CA THR E 452 -17.28 40.56 -9.16
C THR E 452 -15.96 40.60 -9.93
N LEU E 453 -16.02 40.99 -11.19
CA LEU E 453 -14.82 41.03 -12.02
C LEU E 453 -13.88 42.12 -11.52
N PRO E 454 -12.64 41.81 -11.16
CA PRO E 454 -11.71 42.86 -10.74
C PRO E 454 -11.38 43.81 -11.87
N LYS E 455 -11.19 45.08 -11.52
CA LYS E 455 -11.09 46.12 -12.53
C LYS E 455 -9.76 46.09 -13.28
N GLU E 456 -8.72 45.49 -12.71
CA GLU E 456 -7.40 45.53 -13.30
C GLU E 456 -7.23 44.56 -14.46
N ILE E 457 -8.13 43.60 -14.62
CA ILE E 457 -8.00 42.55 -15.62
C ILE E 457 -9.23 42.56 -16.51
N GLN E 458 -9.01 42.51 -17.83
CA GLN E 458 -10.08 42.43 -18.82
C GLN E 458 -10.58 41.00 -18.95
N VAL E 459 -11.58 40.64 -18.14
CA VAL E 459 -12.22 39.33 -18.27
C VAL E 459 -13.10 39.33 -19.50
N ILE E 460 -12.87 38.36 -20.39
CA ILE E 460 -13.60 38.25 -21.65
C ILE E 460 -14.42 36.96 -21.64
N GLY E 461 -15.73 37.10 -21.79
CA GLY E 461 -16.58 35.96 -22.02
C GLY E 461 -16.52 35.50 -23.47
N VAL E 462 -16.33 34.20 -23.67
CA VAL E 462 -16.37 33.61 -25.01
C VAL E 462 -17.34 32.44 -25.01
N THR E 463 -18.05 32.28 -26.13
CA THR E 463 -19.09 31.26 -26.29
C THR E 463 -18.55 29.96 -26.89
N THR E 464 -17.70 30.06 -27.92
CA THR E 464 -17.43 28.97 -28.83
C THR E 464 -15.98 29.06 -29.30
N ILE E 465 -15.43 27.92 -29.71
CA ILE E 465 -14.03 27.86 -30.11
C ILE E 465 -13.78 28.72 -31.34
N GLN E 466 -14.74 28.78 -32.26
CA GLN E 466 -14.56 29.65 -33.44
C GLN E 466 -14.45 31.11 -33.02
N GLU E 467 -15.21 31.52 -32.01
CA GLU E 467 -15.09 32.87 -31.49
C GLU E 467 -13.73 33.12 -30.87
N VAL E 468 -13.27 32.20 -30.02
CA VAL E 468 -11.95 32.33 -29.42
C VAL E 468 -10.87 32.48 -30.49
N LEU E 469 -10.90 31.61 -31.50
CA LEU E 469 -9.86 31.65 -32.53
C LEU E 469 -9.95 32.90 -33.40
N LYS E 470 -11.15 33.43 -33.61
CA LYS E 470 -11.26 34.73 -34.26
C LYS E 470 -10.68 35.86 -33.42
N LYS E 471 -11.01 35.88 -32.13
CA LYS E 471 -10.51 36.93 -31.24
C LYS E 471 -9.00 36.90 -31.07
N VAL E 472 -8.41 35.71 -30.94
CA VAL E 472 -6.98 35.60 -30.68
C VAL E 472 -6.18 35.71 -31.97
N PHE E 473 -6.50 34.89 -32.96
CA PHE E 473 -5.69 34.80 -34.16
C PHE E 473 -6.35 35.46 -35.36
N PRO F 77 22.30 43.22 31.45
CA PRO F 77 23.34 43.88 30.65
C PRO F 77 22.86 44.33 29.27
N MET F 78 21.77 43.75 28.76
CA MET F 78 21.22 43.99 27.44
C MET F 78 22.09 44.81 26.51
N LYS F 79 23.23 44.26 26.10
CA LYS F 79 24.24 44.96 25.31
C LYS F 79 23.76 45.30 23.90
N LEU F 80 22.44 45.41 23.71
CA LEU F 80 21.81 45.80 22.45
C LEU F 80 22.53 45.20 21.25
N ALA F 81 22.70 45.98 20.18
CA ALA F 81 23.38 45.46 19.01
C ALA F 81 24.76 46.10 18.90
N GLU F 82 25.59 45.90 19.92
CA GLU F 82 26.95 46.39 19.93
C GLU F 82 27.98 45.31 20.20
N VAL F 83 27.55 44.08 20.52
CA VAL F 83 28.47 43.00 20.82
C VAL F 83 29.29 42.68 19.57
N THR F 84 30.53 42.25 19.78
CA THR F 84 31.46 42.01 18.68
C THR F 84 31.54 40.51 18.41
N SER F 85 31.47 40.13 17.14
CA SER F 85 31.41 38.74 16.71
C SER F 85 32.60 38.43 15.81
N ILE F 86 33.23 37.28 16.06
CA ILE F 86 34.37 36.81 15.29
C ILE F 86 33.98 35.51 14.59
N ASN F 87 34.38 35.37 13.33
CA ASN F 87 34.04 34.20 12.54
C ASN F 87 34.51 32.92 13.21
N VAL F 88 33.66 31.89 13.18
CA VAL F 88 34.00 30.58 13.71
C VAL F 88 35.17 29.99 12.94
N ASN F 89 36.14 29.43 13.69
CA ASN F 89 37.36 28.87 13.10
C ASN F 89 37.04 27.40 12.77
N ARG F 90 36.29 27.23 11.69
CA ARG F 90 35.90 25.91 11.18
C ARG F 90 37.13 25.16 10.68
N THR F 91 37.66 24.26 11.50
CA THR F 91 38.65 23.30 11.04
C THR F 91 38.01 22.24 10.14
N LYS F 92 38.85 21.57 9.36
CA LYS F 92 38.39 20.58 8.39
C LYS F 92 39.10 19.24 8.62
N THR F 93 38.35 18.16 8.50
CA THR F 93 38.92 16.84 8.26
C THR F 93 39.33 16.69 6.79
N GLU F 94 40.02 15.58 6.50
CA GLU F 94 40.25 15.18 5.11
C GLU F 94 39.01 14.58 4.45
N MET F 95 38.11 14.00 5.23
CA MET F 95 36.82 13.53 4.71
C MET F 95 35.90 14.69 4.40
N GLU F 96 36.03 15.25 3.19
CA GLU F 96 35.12 16.29 2.75
C GLU F 96 33.66 15.85 2.78
N GLU F 97 33.40 14.57 2.52
CA GLU F 97 32.04 14.04 2.65
C GLU F 97 31.55 13.98 4.09
N PHE F 98 32.44 14.09 5.07
CA PHE F 98 32.04 14.38 6.44
C PHE F 98 31.89 15.88 6.70
N ASN F 99 32.86 16.66 6.26
CA ASN F 99 32.84 18.11 6.47
C ASN F 99 31.57 18.75 5.92
N ARG F 100 31.12 18.30 4.74
CA ARG F 100 29.90 18.84 4.14
C ARG F 100 28.68 18.68 5.05
N VAL F 101 28.61 17.59 5.83
CA VAL F 101 27.45 17.37 6.68
C VAL F 101 27.43 18.36 7.83
N LEU F 102 28.59 18.65 8.41
CA LEU F 102 28.68 19.70 9.41
C LEU F 102 28.55 21.10 8.82
N GLY F 103 28.35 21.22 7.51
CA GLY F 103 28.20 22.51 6.89
C GLY F 103 29.50 23.22 6.59
N GLY F 104 30.60 22.49 6.48
CA GLY F 104 31.86 23.06 6.04
C GLY F 104 33.04 22.63 6.88
N GLY F 105 32.80 22.28 8.14
CA GLY F 105 33.90 21.86 8.99
C GLY F 105 33.48 21.78 10.44
N VAL F 106 34.43 21.36 11.26
CA VAL F 106 34.23 21.21 12.69
C VAL F 106 34.37 22.57 13.35
N VAL F 107 33.28 23.07 13.94
CA VAL F 107 33.34 24.26 14.77
C VAL F 107 33.83 23.90 16.17
N PRO F 108 34.59 24.77 16.83
CA PRO F 108 34.94 24.54 18.23
C PRO F 108 33.77 24.86 19.14
N GLY F 109 33.96 24.57 20.43
CA GLY F 109 33.01 24.98 21.44
C GLY F 109 31.60 24.44 21.25
N SER F 110 31.48 23.22 20.76
CA SER F 110 30.24 22.75 20.14
C SER F 110 30.01 21.29 20.52
N LEU F 111 28.74 20.91 20.55
CA LEU F 111 28.36 19.51 20.71
C LEU F 111 27.81 18.97 19.40
N VAL F 112 28.35 17.85 18.95
CA VAL F 112 27.82 17.08 17.84
C VAL F 112 27.27 15.76 18.38
N LEU F 113 26.03 15.45 18.03
CA LEU F 113 25.42 14.17 18.38
C LEU F 113 25.35 13.30 17.15
N ILE F 114 25.86 12.07 17.25
CA ILE F 114 25.74 11.07 16.20
C ILE F 114 24.79 9.99 16.69
N GLY F 115 23.68 9.79 15.97
CA GLY F 115 22.80 8.67 16.18
C GLY F 115 22.83 7.71 15.00
N GLY F 116 22.30 6.53 15.24
CA GLY F 116 22.19 5.55 14.18
C GLY F 116 21.99 4.15 14.74
N ASP F 117 21.56 3.26 13.85
CA ASP F 117 21.35 1.87 14.22
C ASP F 117 22.66 1.24 14.71
N PRO F 118 22.59 0.28 15.61
CA PRO F 118 23.81 -0.45 16.01
C PRO F 118 24.49 -1.06 14.80
N GLY F 119 25.82 -1.07 14.82
CA GLY F 119 26.58 -1.62 13.74
C GLY F 119 26.73 -0.76 12.51
N ILE F 120 26.08 0.42 12.48
CA ILE F 120 26.06 1.21 11.25
C ILE F 120 27.46 1.68 10.89
N GLY F 121 28.26 2.08 11.88
CA GLY F 121 29.60 2.56 11.60
C GLY F 121 30.02 3.81 12.35
N LYS F 122 29.25 4.21 13.36
CA LYS F 122 29.51 5.46 14.07
C LYS F 122 30.90 5.49 14.70
N SER F 123 31.29 4.40 15.36
CA SER F 123 32.63 4.35 15.95
C SER F 123 33.74 4.34 14.91
N THR F 124 33.59 3.58 13.83
CA THR F 124 34.55 3.65 12.73
C THR F 124 34.68 5.08 12.20
N LEU F 125 33.55 5.73 11.94
CA LEU F 125 33.55 7.11 11.46
C LEU F 125 34.29 8.04 12.40
N LEU F 126 33.98 7.96 13.70
CA LEU F 126 34.61 8.88 14.64
C LEU F 126 36.05 8.50 14.96
N LEU F 127 36.44 7.24 14.75
CA LEU F 127 37.85 6.88 14.78
C LEU F 127 38.60 7.56 13.63
N GLN F 128 38.06 7.48 12.42
CA GLN F 128 38.70 8.13 11.28
C GLN F 128 38.76 9.65 11.46
N VAL F 129 37.68 10.24 12.00
CA VAL F 129 37.70 11.66 12.33
C VAL F 129 38.77 11.97 13.37
N SER F 130 38.84 11.16 14.43
CA SER F 130 39.87 11.36 15.44
C SER F 130 41.26 11.35 14.83
N THR F 131 41.57 10.31 14.06
CA THR F 131 42.90 10.18 13.47
C THR F 131 43.23 11.33 12.52
N GLN F 132 42.24 11.85 11.79
CA GLN F 132 42.51 12.99 10.93
C GLN F 132 42.68 14.29 11.70
N LEU F 133 41.77 14.57 12.64
CA LEU F 133 41.86 15.79 13.45
C LEU F 133 43.09 15.83 14.34
N SER F 134 43.60 14.67 14.75
CA SER F 134 44.87 14.61 15.48
C SER F 134 46.01 15.28 14.73
N GLN F 135 45.92 15.41 13.41
CA GLN F 135 46.94 16.16 12.68
C GLN F 135 46.85 17.66 12.93
N VAL F 136 45.71 18.15 13.40
CA VAL F 136 45.48 19.58 13.58
C VAL F 136 45.47 19.97 15.05
N GLY F 137 44.95 19.11 15.92
CA GLY F 137 44.90 19.40 17.34
C GLY F 137 44.78 18.12 18.14
N THR F 138 44.88 18.27 19.46
CA THR F 138 44.84 17.11 20.34
C THR F 138 43.43 16.53 20.42
N VAL F 139 43.34 15.21 20.31
CA VAL F 139 42.08 14.48 20.38
C VAL F 139 42.14 13.54 21.58
N LEU F 140 41.04 13.48 22.34
CA LEU F 140 40.87 12.47 23.38
C LEU F 140 39.66 11.62 23.04
N TYR F 141 39.85 10.31 22.94
CA TYR F 141 38.79 9.35 22.68
C TYR F 141 38.48 8.58 23.96
N VAL F 142 37.21 8.58 24.37
CA VAL F 142 36.77 7.89 25.57
C VAL F 142 35.58 7.01 25.18
N SER F 143 35.43 5.88 25.89
CA SER F 143 34.54 4.82 25.43
C SER F 143 34.25 3.91 26.61
N GLY F 144 33.03 4.02 27.14
CA GLY F 144 32.59 3.12 28.20
C GLY F 144 32.15 1.74 27.74
N GLU F 145 32.05 1.51 26.44
CA GLU F 145 31.52 0.25 25.93
C GLU F 145 32.57 -0.64 25.28
N GLU F 146 33.80 -0.15 25.10
CA GLU F 146 34.81 -0.86 24.33
C GLU F 146 36.16 -0.67 24.99
N SER F 147 36.91 -1.76 25.11
CA SER F 147 38.25 -1.71 25.68
C SER F 147 39.24 -1.12 24.68
N ALA F 148 40.29 -0.51 25.23
CA ALA F 148 41.33 0.11 24.42
C ALA F 148 41.97 -0.86 23.44
N GLN F 149 42.07 -2.14 23.80
CA GLN F 149 42.59 -3.13 22.86
C GLN F 149 41.71 -3.29 21.63
N GLN F 150 40.39 -3.33 21.81
CA GLN F 150 39.49 -3.43 20.66
C GLN F 150 39.58 -2.19 19.76
N ILE F 151 39.68 -1.02 20.38
CA ILE F 151 39.78 0.22 19.61
C ILE F 151 41.09 0.28 18.84
N LYS F 152 42.20 -0.12 19.48
CA LYS F 152 43.47 -0.16 18.77
C LYS F 152 43.47 -1.20 17.66
N LEU F 153 42.85 -2.36 17.88
CA LEU F 153 42.73 -3.35 16.83
C LEU F 153 41.94 -2.83 15.63
N ARG F 154 40.88 -2.06 15.89
CA ARG F 154 40.16 -1.41 14.81
C ARG F 154 41.01 -0.36 14.11
N ALA F 155 41.71 0.49 14.87
CA ALA F 155 42.58 1.48 14.25
C ALA F 155 43.68 0.84 13.40
N GLU F 156 44.21 -0.30 13.84
CA GLU F 156 45.19 -1.04 13.06
C GLU F 156 44.58 -1.61 11.78
N ARG F 157 43.32 -2.05 11.85
CA ARG F 157 42.63 -2.44 10.62
C ARG F 157 42.45 -1.25 9.68
N LEU F 158 42.03 -0.11 10.22
CA LEU F 158 41.71 1.05 9.40
C LEU F 158 42.97 1.69 8.81
N GLY F 159 44.11 1.54 9.48
CA GLY F 159 45.30 2.28 9.08
C GLY F 159 46.45 2.11 10.06
N ASP F 160 47.04 3.21 10.49
CA ASP F 160 48.12 3.16 11.46
C ASP F 160 48.09 4.41 12.32
N ILE F 161 48.74 4.32 13.48
CA ILE F 161 48.70 5.36 14.51
C ILE F 161 49.72 6.45 14.22
N ASP F 162 49.93 6.76 12.94
CA ASP F 162 50.85 7.83 12.55
C ASP F 162 50.38 9.18 13.06
N SER F 163 49.09 9.32 13.35
CA SER F 163 48.54 10.54 13.94
C SER F 163 47.99 10.24 15.33
N GLU F 164 48.86 9.80 16.23
CA GLU F 164 48.46 9.19 17.48
C GLU F 164 47.71 10.18 18.37
N PHE F 165 46.67 9.68 19.05
CA PHE F 165 45.75 10.48 19.85
C PHE F 165 45.49 9.77 21.16
N TYR F 166 44.89 10.50 22.10
CA TYR F 166 44.68 9.99 23.45
C TYR F 166 43.41 9.15 23.54
N LEU F 167 43.52 8.01 24.23
CA LEU F 167 42.47 7.01 24.33
C LEU F 167 42.30 6.61 25.78
N TYR F 168 41.11 6.83 26.33
CA TYR F 168 40.91 6.76 27.77
C TYR F 168 40.00 5.63 28.24
N ALA F 169 39.00 5.24 27.44
CA ALA F 169 38.12 4.11 27.79
C ALA F 169 37.52 4.25 29.19
N GLU F 170 37.35 5.49 29.64
CA GLU F 170 36.81 5.79 30.96
C GLU F 170 35.29 5.71 30.99
N THR F 171 34.76 5.46 32.19
CA THR F 171 33.33 5.51 32.46
C THR F 171 32.91 6.58 33.47
N ASN F 172 33.81 7.01 34.35
CA ASN F 172 33.48 8.01 35.38
C ASN F 172 33.57 9.41 34.79
N MET F 173 32.43 10.09 34.72
CA MET F 173 32.38 11.47 34.22
C MET F 173 33.33 12.39 34.98
N GLN F 174 33.46 12.18 36.29
CA GLN F 174 34.38 13.01 37.08
C GLN F 174 35.82 12.83 36.62
N SER F 175 36.21 11.58 36.33
CA SER F 175 37.57 11.30 35.87
C SER F 175 37.84 11.93 34.51
N VAL F 176 36.95 11.76 33.54
CA VAL F 176 37.17 12.40 32.25
C VAL F 176 37.13 13.92 32.35
N ARG F 177 36.32 14.48 33.26
CA ARG F 177 36.38 15.92 33.48
C ARG F 177 37.76 16.37 33.97
N ALA F 178 38.32 15.64 34.94
CA ALA F 178 39.67 15.96 35.41
C ALA F 178 40.71 15.80 34.31
N GLU F 179 40.62 14.70 33.56
CA GLU F 179 41.59 14.45 32.50
C GLU F 179 41.50 15.47 31.37
N VAL F 180 40.28 15.89 31.02
CA VAL F 180 40.09 16.96 30.04
C VAL F 180 40.67 18.27 30.54
N GLU F 181 40.53 18.57 31.84
CA GLU F 181 41.14 19.79 32.35
C GLU F 181 42.66 19.71 32.39
N ARG F 182 43.21 18.53 32.65
CA ARG F 182 44.66 18.34 32.57
C ARG F 182 45.17 18.51 31.13
N ILE F 183 44.59 17.78 30.19
CA ILE F 183 45.15 17.65 28.85
C ILE F 183 44.75 18.84 27.96
N GLN F 184 43.64 19.49 28.26
CA GLN F 184 43.10 20.56 27.42
C GLN F 184 42.97 20.16 25.95
N PRO F 185 42.28 19.04 25.66
CA PRO F 185 42.17 18.60 24.26
C PRO F 185 41.41 19.63 23.44
N ASP F 186 41.77 19.74 22.17
CA ASP F 186 40.99 20.55 21.24
C ASP F 186 39.68 19.87 20.85
N PHE F 187 39.66 18.54 20.78
CA PHE F 187 38.47 17.79 20.43
C PHE F 187 38.28 16.62 21.40
N LEU F 188 37.05 16.44 21.86
CA LEU F 188 36.67 15.33 22.72
C LEU F 188 35.61 14.49 22.01
N ILE F 189 35.76 13.17 22.04
CA ILE F 189 34.82 12.25 21.43
C ILE F 189 34.36 11.25 22.48
N ILE F 190 33.05 11.13 22.65
CA ILE F 190 32.44 10.24 23.62
C ILE F 190 31.63 9.18 22.88
N ASP F 191 32.09 7.94 22.92
CA ASP F 191 31.50 6.90 22.08
C ASP F 191 30.23 6.30 22.65
N SER F 192 29.81 6.67 23.86
CA SER F 192 28.47 6.32 24.35
C SER F 192 28.14 7.19 25.56
N ILE F 193 27.30 8.21 25.34
CA ILE F 193 26.79 8.98 26.47
C ILE F 193 25.88 8.13 27.35
N GLN F 194 25.26 7.09 26.77
CA GLN F 194 24.57 6.04 27.50
C GLN F 194 25.47 5.16 28.36
N THR F 195 26.75 5.48 28.50
CA THR F 195 27.58 4.79 29.48
C THR F 195 28.45 5.68 30.36
N ILE F 196 28.58 6.97 30.06
CA ILE F 196 29.10 7.91 31.05
C ILE F 196 28.10 8.10 32.17
N MET F 197 28.60 8.17 33.41
CA MET F 197 27.76 8.41 34.57
C MET F 197 28.59 9.16 35.60
N SER F 198 27.90 9.85 36.50
CA SER F 198 28.54 10.52 37.61
C SER F 198 28.00 9.98 38.92
N PRO F 199 28.83 9.88 39.96
CA PRO F 199 28.40 9.20 41.19
C PRO F 199 27.40 10.01 42.01
N GLU F 200 27.18 11.28 41.70
CA GLU F 200 26.24 12.09 42.48
C GLU F 200 24.83 11.52 42.47
N ILE F 201 24.51 10.70 41.48
CA ILE F 201 23.27 9.90 41.45
C ILE F 201 23.65 8.52 40.95
N SER F 202 22.73 7.56 41.13
CA SER F 202 22.99 6.22 40.65
C SER F 202 21.69 5.57 40.21
N GLY F 203 21.81 4.63 39.29
CA GLY F 203 20.66 4.04 38.65
C GLY F 203 21.09 3.27 37.41
N VAL F 204 20.09 2.92 36.59
CA VAL F 204 20.37 2.27 35.32
C VAL F 204 21.26 3.16 34.47
N GLN F 205 22.24 2.55 33.80
CA GLN F 205 23.36 3.28 33.21
C GLN F 205 22.89 4.34 32.23
N GLY F 206 21.84 4.05 31.47
CA GLY F 206 21.23 4.96 30.53
C GLY F 206 20.13 5.85 31.07
N SER F 207 19.98 5.96 32.39
CA SER F 207 18.88 6.71 32.96
C SER F 207 18.90 8.17 32.51
N VAL F 208 17.70 8.71 32.27
CA VAL F 208 17.52 10.06 31.75
C VAL F 208 18.24 11.10 32.61
N SER F 209 18.17 10.95 33.93
CA SER F 209 18.87 11.87 34.81
C SER F 209 20.38 11.82 34.63
N GLN F 210 20.95 10.62 34.48
CA GLN F 210 22.40 10.51 34.28
C GLN F 210 22.85 11.14 32.98
N VAL F 211 22.18 10.82 31.87
CA VAL F 211 22.55 11.42 30.59
C VAL F 211 22.34 12.92 30.61
N ARG F 212 21.28 13.39 31.27
CA ARG F 212 21.01 14.83 31.32
C ARG F 212 22.09 15.59 32.09
N GLU F 213 22.47 15.07 33.27
CA GLU F 213 23.54 15.75 34.00
C GLU F 213 24.87 15.65 33.27
N VAL F 214 25.18 14.49 32.67
CA VAL F 214 26.44 14.35 31.95
C VAL F 214 26.52 15.32 30.78
N THR F 215 25.45 15.40 29.98
CA THR F 215 25.42 16.37 28.90
C THR F 215 25.41 17.82 29.37
N ALA F 216 24.93 18.09 30.59
CA ALA F 216 25.11 19.45 31.12
C ALA F 216 26.57 19.71 31.45
N GLU F 217 27.24 18.73 32.05
CA GLU F 217 28.69 18.85 32.28
C GLU F 217 29.43 19.09 30.96
N LEU F 218 29.05 18.37 29.90
CA LEU F 218 29.67 18.57 28.60
C LEU F 218 29.37 19.95 28.02
N MET F 219 28.17 20.48 28.23
CA MET F 219 27.91 21.86 27.82
C MET F 219 28.76 22.85 28.60
N GLN F 220 29.04 22.57 29.87
CA GLN F 220 30.00 23.39 30.60
C GLN F 220 31.39 23.31 29.97
N LEU F 221 31.90 22.09 29.77
CA LEU F 221 33.26 21.91 29.27
C LEU F 221 33.42 22.52 27.88
N ALA F 222 32.42 22.38 27.02
CA ALA F 222 32.45 23.00 25.70
C ALA F 222 32.60 24.52 25.81
N LYS F 223 31.84 25.15 26.68
CA LYS F 223 31.92 26.61 26.83
C LYS F 223 33.19 27.02 27.55
N THR F 224 33.57 26.29 28.60
CA THR F 224 34.70 26.71 29.42
C THR F 224 36.04 26.56 28.70
N ASN F 225 36.18 25.54 27.86
CA ASN F 225 37.45 25.25 27.21
C ASN F 225 37.42 25.40 25.69
N ASN F 226 36.31 25.85 25.12
CA ASN F 226 36.13 25.97 23.66
C ASN F 226 36.26 24.62 22.95
N ILE F 227 35.94 23.53 23.63
CA ILE F 227 36.17 22.20 23.08
C ILE F 227 35.04 21.85 22.14
N ALA F 228 35.37 21.25 21.00
CA ALA F 228 34.38 20.55 20.18
C ALA F 228 34.21 19.13 20.69
N ILE F 229 32.98 18.77 21.04
CA ILE F 229 32.66 17.45 21.58
C ILE F 229 31.79 16.70 20.56
N PHE F 230 32.22 15.49 20.20
CA PHE F 230 31.41 14.56 19.43
C PHE F 230 30.86 13.49 20.36
N ILE F 231 29.53 13.39 20.42
CA ILE F 231 28.85 12.42 21.28
C ILE F 231 28.18 11.39 20.39
N VAL F 232 28.45 10.11 20.65
CA VAL F 232 27.66 9.02 20.10
C VAL F 232 26.46 8.77 21.00
N GLY F 233 25.27 8.95 20.46
CA GLY F 233 24.04 8.59 21.16
C GLY F 233 23.44 7.31 20.59
N HIS F 234 22.84 6.51 21.48
CA HIS F 234 22.05 5.37 21.06
C HIS F 234 20.75 5.82 20.40
N VAL F 235 20.11 4.90 19.71
CA VAL F 235 18.84 5.14 19.03
C VAL F 235 17.84 4.09 19.49
N THR F 236 16.57 4.46 19.52
CA THR F 236 15.47 3.55 19.81
C THR F 236 15.31 2.53 18.69
N LYS F 237 14.32 1.65 18.83
CA LYS F 237 14.04 0.68 17.77
C LYS F 237 13.33 1.30 16.57
N GLU F 238 12.80 2.50 16.69
CA GLU F 238 12.62 3.36 15.53
C GLU F 238 13.80 4.32 15.44
N GLY F 239 14.00 4.87 14.26
CA GLY F 239 15.18 5.68 14.00
C GLY F 239 15.15 7.06 14.64
N THR F 240 15.12 7.11 15.96
CA THR F 240 15.13 8.38 16.69
C THR F 240 16.02 8.24 17.92
N LEU F 241 16.60 9.37 18.33
CA LEU F 241 17.53 9.39 19.46
C LEU F 241 16.83 8.95 20.74
N ALA F 242 17.51 8.09 21.50
CA ALA F 242 17.06 7.74 22.84
C ALA F 242 17.38 8.86 23.83
N GLY F 243 17.00 8.64 25.08
CA GLY F 243 17.16 9.62 26.12
C GLY F 243 16.21 10.80 25.98
N PRO F 244 16.32 11.76 26.91
CA PRO F 244 15.36 12.87 26.94
C PRO F 244 15.41 13.70 25.67
N ARG F 245 14.23 14.11 25.21
CA ARG F 245 14.15 15.01 24.06
C ARG F 245 14.91 16.30 24.30
N MET F 246 15.06 16.70 25.57
CA MET F 246 15.90 17.82 25.95
C MET F 246 17.30 17.74 25.35
N LEU F 247 17.83 16.52 25.15
CA LEU F 247 19.15 16.33 24.56
C LEU F 247 19.26 17.01 23.20
N GLU F 248 18.30 16.80 22.32
CA GLU F 248 18.38 17.38 20.98
C GLU F 248 18.31 18.89 21.02
N HIS F 249 17.83 19.46 22.12
CA HIS F 249 17.90 20.89 22.35
C HIS F 249 19.27 21.34 22.84
N MET F 250 19.86 20.64 23.81
CA MET F 250 21.15 21.10 24.34
C MET F 250 22.23 21.07 23.27
N VAL F 251 22.33 19.97 22.52
CA VAL F 251 23.42 19.85 21.55
C VAL F 251 23.23 20.81 20.40
N ASP F 252 24.34 21.11 19.74
CA ASP F 252 24.45 22.07 18.65
C ASP F 252 24.20 21.44 17.28
N THR F 253 24.67 20.21 17.05
CA THR F 253 24.41 19.48 15.82
C THR F 253 23.92 18.07 16.13
N VAL F 254 22.98 17.60 15.31
CA VAL F 254 22.46 16.23 15.43
C VAL F 254 22.58 15.57 14.07
N LEU F 255 23.29 14.44 14.03
CA LEU F 255 23.47 13.65 12.81
C LEU F 255 22.84 12.28 13.01
N TYR F 256 22.19 11.77 11.97
CA TYR F 256 21.84 10.36 11.90
C TYR F 256 22.74 9.66 10.88
N PHE F 257 23.30 8.52 11.28
CA PHE F 257 24.07 7.65 10.40
C PHE F 257 23.22 6.42 10.08
N GLU F 258 22.96 6.19 8.79
CA GLU F 258 21.87 5.33 8.38
C GLU F 258 22.26 4.55 7.13
N GLY F 259 21.56 3.44 6.93
CA GLY F 259 21.82 2.59 5.78
C GLY F 259 20.76 1.52 5.66
N GLU F 260 20.90 0.71 4.61
CA GLU F 260 19.88 -0.29 4.26
C GLU F 260 20.54 -1.60 3.90
N ARG F 261 19.95 -2.71 4.36
CA ARG F 261 20.59 -4.01 4.22
C ARG F 261 20.69 -4.46 2.77
N HIS F 262 19.75 -4.05 1.93
CA HIS F 262 19.83 -4.33 0.50
C HIS F 262 20.95 -3.56 -0.19
N HIS F 263 21.57 -2.61 0.49
CA HIS F 263 22.61 -1.77 -0.09
C HIS F 263 23.87 -1.90 0.76
N THR F 264 24.87 -1.09 0.44
CA THR F 264 26.07 -0.98 1.25
C THR F 264 26.59 0.44 1.35
N PHE F 265 25.93 1.41 0.72
CA PHE F 265 26.18 2.81 1.03
C PHE F 265 25.63 3.15 2.40
N ARG F 266 26.36 3.98 3.13
CA ARG F 266 25.86 4.66 4.31
C ARG F 266 25.60 6.11 3.95
N ILE F 267 24.47 6.64 4.39
CA ILE F 267 24.20 8.07 4.33
C ILE F 267 24.32 8.66 5.72
N LEU F 268 25.05 9.77 5.82
CA LEU F 268 25.08 10.59 7.03
C LEU F 268 24.31 11.87 6.74
N ARG F 269 23.25 12.10 7.52
CA ARG F 269 22.36 13.22 7.26
C ARG F 269 22.09 13.97 8.56
N ALA F 270 22.07 15.29 8.46
CA ALA F 270 21.73 16.14 9.60
C ALA F 270 20.22 16.31 9.70
N VAL F 271 19.73 16.35 10.93
CA VAL F 271 18.37 16.80 11.21
C VAL F 271 18.37 18.17 11.88
N LYS F 272 19.46 18.54 12.53
CA LYS F 272 19.64 19.87 13.08
C LYS F 272 21.09 20.25 12.83
N ASN F 273 21.31 21.47 12.37
CA ASN F 273 22.64 22.09 12.42
C ASN F 273 22.46 23.60 12.26
N ARG F 274 22.62 24.32 13.36
CA ARG F 274 22.46 25.77 13.33
C ARG F 274 23.68 26.51 12.79
N PHE F 275 24.82 25.84 12.66
CA PHE F 275 26.01 26.41 12.05
C PHE F 275 26.13 26.20 10.55
N GLY F 276 25.13 25.62 9.90
CA GLY F 276 25.22 25.45 8.46
C GLY F 276 24.08 24.61 7.92
N SER F 277 24.00 24.58 6.60
CA SER F 277 22.86 23.98 5.92
C SER F 277 22.67 22.52 6.32
N THR F 278 21.41 22.11 6.41
CA THR F 278 21.04 20.73 6.63
C THR F 278 20.46 20.10 5.36
N ASN F 279 20.64 20.76 4.23
CA ASN F 279 20.25 20.23 2.92
C ASN F 279 21.39 19.45 2.27
N GLU F 280 22.40 19.05 3.03
CA GLU F 280 23.54 18.32 2.51
C GLU F 280 23.68 17.00 3.28
N ILE F 281 23.98 15.93 2.54
CA ILE F 281 24.23 14.63 3.13
C ILE F 281 25.58 14.11 2.64
N GLY F 282 26.26 13.38 3.52
CA GLY F 282 27.48 12.68 3.18
C GLY F 282 27.18 11.21 2.94
N ILE F 283 27.83 10.64 1.93
CA ILE F 283 27.69 9.24 1.58
C ILE F 283 29.01 8.52 1.75
N PHE F 284 28.97 7.34 2.36
CA PHE F 284 30.15 6.54 2.62
C PHE F 284 29.88 5.12 2.13
N GLU F 285 30.96 4.35 1.98
CA GLU F 285 30.87 2.91 1.75
C GLU F 285 31.67 2.19 2.82
N MET F 286 31.02 1.24 3.50
CA MET F 286 31.72 0.46 4.51
C MET F 286 32.62 -0.57 3.83
N GLN F 287 33.91 -0.56 4.19
CA GLN F 287 34.88 -1.44 3.58
C GLN F 287 35.84 -1.94 4.65
N SER F 288 36.66 -2.92 4.27
CA SER F 288 37.65 -3.48 5.18
C SER F 288 38.60 -2.41 5.69
N GLY F 289 39.01 -1.48 4.83
CA GLY F 289 39.84 -0.36 5.23
C GLY F 289 39.09 0.83 5.78
N GLY F 290 37.90 0.60 6.33
CA GLY F 290 37.12 1.63 6.96
C GLY F 290 35.99 2.14 6.09
N LEU F 291 35.38 3.22 6.59
CA LEU F 291 34.40 3.97 5.81
C LEU F 291 35.12 4.81 4.77
N VAL F 292 35.13 4.34 3.52
CA VAL F 292 35.60 5.16 2.42
C VAL F 292 34.52 6.17 2.07
N GLU F 293 34.93 7.43 1.88
CA GLU F 293 34.00 8.43 1.37
C GLU F 293 33.70 8.16 -0.10
N VAL F 294 32.41 8.15 -0.44
CA VAL F 294 31.98 7.97 -1.84
C VAL F 294 31.82 9.37 -2.41
N LEU F 295 32.95 9.94 -2.86
CA LEU F 295 32.92 11.29 -3.42
C LEU F 295 31.97 11.39 -4.60
N ASN F 296 31.89 10.35 -5.42
CA ASN F 296 31.07 10.33 -6.62
C ASN F 296 30.21 9.07 -6.61
N PRO F 297 28.95 9.17 -6.15
CA PRO F 297 28.11 7.97 -6.02
C PRO F 297 27.71 7.35 -7.34
N SER F 298 27.88 8.05 -8.45
CA SER F 298 27.57 7.49 -9.76
C SER F 298 28.77 6.76 -10.33
N GLN F 299 28.48 5.70 -11.08
CA GLN F 299 29.49 5.03 -11.89
C GLN F 299 29.82 5.86 -13.14
N VAL F 300 30.26 7.11 -12.93
CA VAL F 300 30.42 8.09 -14.00
C VAL F 300 31.73 8.81 -13.75
N PHE F 301 32.71 8.59 -14.62
CA PHE F 301 34.03 9.17 -14.44
C PHE F 301 34.51 9.74 -15.76
N LEU F 302 35.20 10.88 -15.68
CA LEU F 302 35.81 11.50 -16.86
C LEU F 302 36.88 10.62 -17.49
N GLU F 303 37.45 9.69 -16.72
CA GLU F 303 38.56 8.87 -17.18
C GLU F 303 38.14 7.74 -18.10
N GLU F 304 36.84 7.45 -18.22
CA GLU F 304 36.37 6.15 -18.70
C GLU F 304 35.63 6.24 -20.03
N ARG F 305 35.37 7.44 -20.53
CA ARG F 305 34.86 7.58 -21.89
C ARG F 305 35.92 7.15 -22.90
N LEU F 306 35.48 6.42 -23.92
CA LEU F 306 36.38 6.11 -25.04
C LEU F 306 36.74 7.38 -25.79
N ASP F 307 38.00 7.46 -26.22
CA ASP F 307 38.60 8.73 -26.63
C ASP F 307 37.72 9.50 -27.60
N GLY F 308 37.24 8.83 -28.64
CA GLY F 308 36.42 9.47 -29.65
C GLY F 308 34.94 9.14 -29.57
N ALA F 309 34.46 8.73 -28.40
CA ALA F 309 33.11 8.21 -28.28
C ALA F 309 32.11 9.36 -28.42
N THR F 310 31.23 9.25 -29.40
CA THR F 310 30.15 10.20 -29.63
C THR F 310 28.86 9.71 -28.98
N GLY F 311 27.93 10.64 -28.80
CA GLY F 311 26.61 10.26 -28.35
C GLY F 311 26.45 10.07 -26.86
N SER F 312 27.17 10.85 -26.04
CA SER F 312 26.83 10.91 -24.63
C SER F 312 27.11 12.30 -24.07
N SER F 313 26.50 12.56 -22.93
CA SER F 313 26.56 13.87 -22.28
C SER F 313 26.24 13.66 -20.80
N ILE F 314 26.60 14.66 -19.99
CA ILE F 314 26.44 14.57 -18.54
C ILE F 314 25.39 15.57 -18.09
N VAL F 315 24.62 15.19 -17.07
CA VAL F 315 23.61 16.06 -16.46
C VAL F 315 23.74 15.93 -14.95
N VAL F 316 23.59 17.06 -14.25
CA VAL F 316 23.44 17.05 -12.79
C VAL F 316 21.97 16.84 -12.46
N THR F 317 21.59 15.59 -12.19
CA THR F 317 20.25 15.27 -11.71
C THR F 317 20.20 15.42 -10.20
N MET F 318 18.99 15.35 -9.65
CA MET F 318 18.79 15.38 -8.21
C MET F 318 18.12 14.08 -7.77
N GLU F 319 18.74 13.40 -6.81
CA GLU F 319 18.12 12.32 -6.05
C GLU F 319 17.57 12.92 -4.76
N GLY F 320 16.35 13.46 -4.83
CA GLY F 320 15.76 14.14 -3.70
C GLY F 320 16.47 15.42 -3.31
N THR F 321 17.36 15.33 -2.33
CA THR F 321 18.18 16.46 -1.93
C THR F 321 19.60 16.40 -2.49
N ARG F 322 20.08 15.22 -2.86
CA ARG F 322 21.48 15.03 -3.21
C ARG F 322 21.64 15.22 -4.71
N PRO F 323 22.43 16.19 -5.17
CA PRO F 323 22.77 16.24 -6.60
C PRO F 323 23.58 15.02 -7.00
N ILE F 324 23.15 14.35 -8.06
CA ILE F 324 23.74 13.10 -8.51
C ILE F 324 24.09 13.25 -9.98
N LEU F 325 25.34 12.96 -10.31
CA LEU F 325 25.79 13.02 -11.70
C LEU F 325 25.23 11.83 -12.47
N ALA F 326 24.82 12.06 -13.71
CA ALA F 326 24.35 10.99 -14.56
C ALA F 326 24.79 11.23 -15.99
N GLU F 327 25.07 10.14 -16.70
CA GLU F 327 25.39 10.15 -18.12
C GLU F 327 24.20 9.63 -18.91
N VAL F 328 23.81 10.36 -19.96
CA VAL F 328 22.81 9.91 -20.90
C VAL F 328 23.49 9.59 -22.22
N GLN F 329 23.10 8.49 -22.84
CA GLN F 329 23.71 7.99 -24.06
C GLN F 329 22.64 7.83 -25.13
N ALA F 330 23.03 8.05 -26.38
CA ALA F 330 22.08 8.02 -27.47
C ALA F 330 22.70 7.42 -28.72
N LEU F 331 21.93 6.57 -29.39
CA LEU F 331 22.34 5.91 -30.62
C LEU F 331 21.29 6.20 -31.70
N VAL F 332 21.69 6.92 -32.74
CA VAL F 332 20.80 7.33 -33.82
C VAL F 332 21.26 6.67 -35.11
N THR F 333 20.35 5.96 -35.77
CA THR F 333 20.68 5.15 -36.93
C THR F 333 19.45 5.06 -37.84
N PRO F 334 19.65 5.00 -39.16
CA PRO F 334 18.51 5.02 -40.08
C PRO F 334 17.55 3.85 -39.84
N THR F 335 16.26 4.12 -40.02
CA THR F 335 15.20 3.14 -39.73
C THR F 335 14.99 2.24 -40.95
N MET F 336 15.95 1.33 -41.13
CA MET F 336 16.03 0.55 -42.37
C MET F 336 14.84 -0.36 -42.56
N PHE F 337 14.18 -0.78 -41.48
CA PHE F 337 13.06 -1.71 -41.59
C PHE F 337 11.92 -1.25 -40.70
N GLY F 338 10.70 -1.41 -41.21
CA GLY F 338 9.52 -0.97 -40.47
C GLY F 338 9.44 0.54 -40.35
N ASN F 339 9.25 1.02 -39.12
CA ASN F 339 9.14 2.45 -38.86
C ASN F 339 9.87 2.78 -37.57
N ALA F 340 10.11 4.09 -37.38
CA ALA F 340 11.01 4.59 -36.37
C ALA F 340 10.70 4.06 -34.98
N LYS F 341 11.65 3.31 -34.42
CA LYS F 341 11.63 2.90 -33.02
C LYS F 341 12.09 4.07 -32.14
N ARG F 342 11.66 4.04 -30.88
CA ARG F 342 12.11 5.02 -29.90
C ARG F 342 12.48 4.32 -28.59
N THR F 343 13.11 3.15 -28.71
CA THR F 343 13.38 2.31 -27.55
C THR F 343 14.29 3.03 -26.57
N THR F 344 13.93 2.95 -25.28
CA THR F 344 14.48 3.82 -24.26
C THR F 344 14.60 3.02 -22.97
N THR F 345 15.58 3.39 -22.15
CA THR F 345 15.73 2.81 -20.82
C THR F 345 16.19 3.89 -19.86
N GLY F 346 15.65 3.88 -18.65
CA GLY F 346 15.91 4.88 -17.65
C GLY F 346 15.23 6.22 -17.90
N LEU F 347 15.21 6.69 -19.14
CA LEU F 347 14.43 7.86 -19.50
C LEU F 347 12.98 7.47 -19.76
N ASP F 348 12.22 8.41 -20.31
CA ASP F 348 10.85 8.19 -20.78
C ASP F 348 10.84 8.45 -22.27
N PHE F 349 10.33 7.49 -23.05
CA PHE F 349 10.34 7.64 -24.50
C PHE F 349 9.40 8.72 -25.01
N ASN F 350 8.38 9.11 -24.24
CA ASN F 350 7.59 10.27 -24.64
C ASN F 350 8.42 11.55 -24.56
N ARG F 351 9.10 11.76 -23.43
CA ARG F 351 10.06 12.85 -23.32
C ARG F 351 11.08 12.84 -24.44
N ALA F 352 11.66 11.67 -24.73
CA ALA F 352 12.67 11.56 -25.77
C ALA F 352 12.10 11.92 -27.14
N SER F 353 10.91 11.43 -27.47
CA SER F 353 10.34 11.73 -28.78
C SER F 353 9.89 13.19 -28.90
N LEU F 354 9.49 13.79 -27.77
CA LEU F 354 9.32 15.25 -27.76
C LEU F 354 10.63 15.97 -28.07
N ILE F 355 11.71 15.57 -27.42
CA ILE F 355 13.00 16.22 -27.65
C ILE F 355 13.45 16.08 -29.10
N MET F 356 13.25 14.89 -29.68
CA MET F 356 13.55 14.71 -31.10
C MET F 356 12.67 15.58 -31.99
N ALA F 357 11.39 15.75 -31.63
CA ALA F 357 10.54 16.65 -32.38
C ALA F 357 11.00 18.10 -32.29
N VAL F 358 11.44 18.53 -31.11
CA VAL F 358 11.99 19.88 -30.95
C VAL F 358 13.24 20.05 -31.80
N LEU F 359 14.16 19.10 -31.73
CA LEU F 359 15.37 19.17 -32.54
C LEU F 359 15.05 19.24 -34.03
N GLU F 360 14.08 18.44 -34.47
CA GLU F 360 13.74 18.39 -35.89
C GLU F 360 13.05 19.67 -36.35
N LYS F 361 12.24 20.30 -35.50
CA LYS F 361 11.61 21.55 -35.88
C LYS F 361 12.59 22.72 -35.82
N ARG F 362 13.29 22.89 -34.70
CA ARG F 362 14.04 24.10 -34.42
C ARG F 362 15.48 24.05 -34.94
N ALA F 363 16.18 22.93 -34.77
CA ALA F 363 17.55 22.83 -35.22
C ALA F 363 17.71 22.18 -36.58
N GLY F 364 16.68 21.51 -37.07
CA GLY F 364 16.69 21.01 -38.43
C GLY F 364 17.37 19.68 -38.63
N LEU F 365 17.71 18.99 -37.55
CA LEU F 365 18.27 17.64 -37.67
C LEU F 365 17.18 16.72 -38.23
N LEU F 366 17.47 16.06 -39.36
CA LEU F 366 16.46 15.25 -40.04
C LEU F 366 16.24 13.92 -39.31
N LEU F 367 15.73 14.03 -38.09
CA LEU F 367 15.66 12.91 -37.17
C LEU F 367 14.39 12.06 -37.34
N GLN F 368 13.47 12.46 -38.24
CA GLN F 368 12.24 11.70 -38.39
C GLN F 368 12.50 10.33 -39.02
N ASN F 369 13.36 10.28 -40.03
CA ASN F 369 13.71 9.05 -40.72
C ASN F 369 14.75 8.23 -39.96
N GLN F 370 15.05 8.58 -38.72
CA GLN F 370 16.08 7.92 -37.92
C GLN F 370 15.44 7.09 -36.83
N ASP F 371 15.96 5.90 -36.61
CA ASP F 371 15.80 5.23 -35.33
C ASP F 371 16.66 5.92 -34.28
N ALA F 372 16.16 6.01 -33.05
CA ALA F 372 16.95 6.49 -31.94
C ALA F 372 16.85 5.55 -30.74
N TYR F 373 17.99 5.33 -30.09
CA TYR F 373 18.11 4.42 -28.96
C TYR F 373 18.79 5.18 -27.83
N LEU F 374 18.15 5.22 -26.66
CA LEU F 374 18.65 6.04 -25.56
C LEU F 374 18.64 5.25 -24.27
N LYS F 375 19.67 5.44 -23.46
CA LYS F 375 19.71 4.88 -22.12
C LYS F 375 20.42 5.86 -21.18
N SER F 376 19.99 5.86 -19.92
CA SER F 376 20.87 6.26 -18.83
C SER F 376 21.96 5.22 -18.63
N ALA F 377 23.21 5.67 -18.61
CA ALA F 377 24.28 4.84 -18.07
C ALA F 377 24.04 4.57 -16.59
N GLY F 378 24.57 3.45 -16.12
CA GLY F 378 24.52 3.11 -14.71
C GLY F 378 23.16 2.69 -14.20
N GLY F 379 22.15 2.61 -15.06
CA GLY F 379 20.83 2.19 -14.65
C GLY F 379 20.09 3.14 -13.73
N VAL F 380 20.52 4.39 -13.65
CA VAL F 380 19.80 5.39 -12.85
C VAL F 380 18.56 5.84 -13.61
N LYS F 381 17.42 5.80 -12.94
CA LYS F 381 16.18 6.34 -13.49
C LYS F 381 16.20 7.86 -13.42
N LEU F 382 15.88 8.52 -14.52
CA LEU F 382 15.87 9.98 -14.59
C LEU F 382 14.45 10.44 -14.88
N ASP F 383 13.91 11.28 -14.01
CA ASP F 383 12.53 11.75 -14.09
C ASP F 383 12.43 13.23 -14.42
N GLU F 384 13.20 14.06 -13.73
CA GLU F 384 12.92 15.49 -13.66
C GLU F 384 13.13 16.15 -15.03
N PRO F 385 12.49 17.30 -15.26
CA PRO F 385 12.61 17.96 -16.57
C PRO F 385 14.00 18.51 -16.86
N ALA F 386 14.88 18.63 -15.87
CA ALA F 386 16.21 19.18 -16.09
C ALA F 386 17.06 18.35 -17.05
N ILE F 387 16.69 17.09 -17.30
CA ILE F 387 17.50 16.21 -18.15
C ILE F 387 17.35 16.48 -19.64
N ASP F 388 16.32 17.23 -20.04
CA ASP F 388 16.01 17.40 -21.46
C ASP F 388 17.20 17.94 -22.25
N LEU F 389 17.93 18.90 -21.70
CA LEU F 389 19.05 19.48 -22.46
C LEU F 389 20.15 18.48 -22.69
N ALA F 390 20.50 17.69 -21.66
CA ALA F 390 21.51 16.65 -21.83
C ALA F 390 21.07 15.59 -22.83
N VAL F 391 19.80 15.20 -22.78
CA VAL F 391 19.28 14.23 -23.75
C VAL F 391 19.33 14.79 -25.17
N ALA F 392 18.98 16.07 -25.33
CA ALA F 392 19.07 16.70 -26.64
C ALA F 392 20.50 16.75 -27.16
N VAL F 393 21.46 17.04 -26.28
CA VAL F 393 22.84 17.10 -26.75
C VAL F 393 23.41 15.72 -27.02
N ALA F 394 22.96 14.70 -26.29
CA ALA F 394 23.35 13.32 -26.62
C ALA F 394 22.83 12.90 -27.99
N ILE F 395 21.54 13.15 -28.24
CA ILE F 395 20.98 12.87 -29.56
C ILE F 395 21.74 13.63 -30.64
N ALA F 396 21.97 14.93 -30.42
CA ALA F 396 22.61 15.75 -31.45
C ALA F 396 24.04 15.31 -31.72
N SER F 397 24.80 14.93 -30.70
CA SER F 397 26.13 14.41 -30.92
C SER F 397 26.12 13.06 -31.61
N SER F 398 25.10 12.24 -31.34
CA SER F 398 25.01 10.95 -32.04
C SER F 398 24.69 11.15 -33.52
N TYR F 399 23.82 12.11 -33.83
CA TYR F 399 23.49 12.40 -35.22
C TYR F 399 24.64 13.08 -35.95
N LYS F 400 25.22 14.11 -35.36
CA LYS F 400 26.25 14.89 -36.04
C LYS F 400 27.59 14.18 -36.12
N ASP F 401 27.74 13.08 -35.38
CA ASP F 401 29.01 12.33 -35.34
C ASP F 401 30.16 13.21 -34.87
N LYS F 402 29.87 14.10 -33.92
CA LYS F 402 30.90 14.95 -33.32
C LYS F 402 30.87 14.76 -31.80
N PRO F 403 31.97 14.34 -31.18
CA PRO F 403 31.94 14.05 -29.75
C PRO F 403 31.74 15.30 -28.92
N THR F 404 30.97 15.16 -27.83
CA THR F 404 30.97 16.16 -26.77
C THR F 404 32.28 16.07 -25.99
N ASN F 405 32.70 17.19 -25.43
CA ASN F 405 33.83 17.15 -24.51
C ASN F 405 33.41 16.48 -23.21
N PRO F 406 34.20 15.53 -22.69
CA PRO F 406 33.75 14.75 -21.53
C PRO F 406 33.66 15.54 -20.24
N GLN F 407 34.30 16.71 -20.16
CA GLN F 407 34.30 17.50 -18.94
C GLN F 407 33.27 18.62 -18.95
N GLU F 408 32.39 18.64 -19.94
CA GLU F 408 31.31 19.61 -20.01
C GLU F 408 30.00 18.97 -19.54
N CYS F 409 29.24 19.72 -18.76
CA CYS F 409 28.00 19.22 -18.17
C CYS F 409 26.84 20.11 -18.60
N PHE F 410 25.64 19.53 -18.67
CA PHE F 410 24.46 20.23 -19.14
C PHE F 410 23.33 20.11 -18.13
N VAL F 411 22.65 21.23 -17.88
CA VAL F 411 21.45 21.27 -17.05
C VAL F 411 20.47 22.21 -17.72
N GLY F 412 19.22 21.80 -17.81
CA GLY F 412 18.16 22.67 -18.28
C GLY F 412 17.04 21.88 -18.93
N GLU F 413 15.82 22.39 -18.79
CA GLU F 413 14.66 21.79 -19.43
C GLU F 413 14.49 22.41 -20.81
N LEU F 414 14.03 21.60 -21.77
CA LEU F 414 13.84 22.04 -23.14
C LEU F 414 12.35 22.27 -23.42
N GLY F 415 12.03 23.48 -23.85
CA GLY F 415 10.68 23.79 -24.29
C GLY F 415 10.46 23.48 -25.76
N LEU F 416 9.22 23.15 -26.11
CA LEU F 416 8.92 22.79 -27.50
C LEU F 416 9.10 23.96 -28.46
N THR F 417 9.14 25.18 -27.97
CA THR F 417 9.56 26.32 -28.78
C THR F 417 11.06 26.41 -28.94
N GLY F 418 11.81 25.47 -28.40
CA GLY F 418 13.26 25.47 -28.45
C GLY F 418 13.92 26.35 -27.42
N GLU F 419 13.16 26.95 -26.51
CA GLU F 419 13.71 27.67 -25.38
C GLU F 419 14.24 26.69 -24.34
N ILE F 420 15.14 27.17 -23.51
CA ILE F 420 15.67 26.40 -22.38
C ILE F 420 15.19 27.06 -21.10
N ARG F 421 14.42 26.32 -20.31
CA ARG F 421 13.69 26.86 -19.18
C ARG F 421 14.45 26.66 -17.88
N ARG F 422 14.14 27.53 -16.91
CA ARG F 422 14.77 27.49 -15.60
C ARG F 422 14.54 26.15 -14.90
N VAL F 423 15.41 25.85 -13.95
CA VAL F 423 15.32 24.65 -13.13
C VAL F 423 15.58 25.01 -11.69
N ASN F 424 15.04 24.20 -10.78
CA ASN F 424 15.26 24.38 -9.35
C ASN F 424 16.65 23.90 -8.92
N ARG F 425 17.08 24.39 -7.76
CA ARG F 425 18.33 23.98 -7.11
C ARG F 425 19.56 24.24 -7.98
N ILE F 426 19.48 25.24 -8.85
CA ILE F 426 20.53 25.49 -9.83
C ILE F 426 21.89 25.69 -9.17
N GLU F 427 21.92 26.40 -8.03
CA GLU F 427 23.17 26.62 -7.33
C GLU F 427 23.77 25.33 -6.79
N GLN F 428 22.96 24.50 -6.15
CA GLN F 428 23.46 23.22 -5.66
C GLN F 428 23.99 22.35 -6.80
N ARG F 429 23.40 22.45 -7.98
CA ARG F 429 23.90 21.72 -9.14
C ARG F 429 25.25 22.24 -9.58
N ILE F 430 25.38 23.55 -9.76
CA ILE F 430 26.66 24.08 -10.23
C ILE F 430 27.76 23.82 -9.19
N ASN F 431 27.41 23.91 -7.91
CA ASN F 431 28.38 23.57 -6.86
C ASN F 431 28.81 22.11 -6.92
N GLU F 432 27.89 21.21 -7.25
CA GLU F 432 28.28 19.80 -7.36
C GLU F 432 29.14 19.55 -8.59
N ALA F 433 28.82 20.19 -9.71
CA ALA F 433 29.65 20.05 -10.90
C ALA F 433 31.05 20.61 -10.67
N ALA F 434 31.14 21.78 -10.06
CA ALA F 434 32.43 22.33 -9.65
C ALA F 434 33.21 21.36 -8.77
N LYS F 435 32.56 20.83 -7.72
CA LYS F 435 33.23 19.94 -6.78
C LYS F 435 33.71 18.66 -7.44
N LEU F 436 32.99 18.16 -8.45
CA LEU F 436 33.44 16.97 -9.17
C LEU F 436 34.41 17.29 -10.30
N GLY F 437 34.87 18.54 -10.39
CA GLY F 437 35.97 18.88 -11.28
C GLY F 437 35.60 18.97 -12.75
N PHE F 438 34.31 19.16 -13.05
CA PHE F 438 33.91 19.52 -14.40
C PHE F 438 34.46 20.88 -14.78
N THR F 439 35.02 20.98 -15.99
CA THR F 439 35.60 22.24 -16.42
C THR F 439 34.52 23.26 -16.81
N LYS F 440 33.34 22.80 -17.20
CA LYS F 440 32.30 23.69 -17.71
C LYS F 440 30.93 23.10 -17.39
N ILE F 441 29.95 23.98 -17.17
CA ILE F 441 28.56 23.57 -17.04
C ILE F 441 27.67 24.56 -17.78
N TYR F 442 26.73 24.04 -18.56
CA TYR F 442 25.70 24.85 -19.21
C TYR F 442 24.44 24.92 -18.37
N VAL F 443 23.88 26.12 -18.23
CA VAL F 443 22.68 26.32 -17.42
C VAL F 443 21.73 27.26 -18.14
N PRO F 444 20.44 27.16 -17.84
CA PRO F 444 19.48 28.14 -18.35
C PRO F 444 19.82 29.55 -17.87
N LYS F 445 19.94 30.47 -18.81
CA LYS F 445 20.50 31.79 -18.52
C LYS F 445 19.72 32.52 -17.43
N ASN F 446 18.39 32.47 -17.50
CA ASN F 446 17.57 33.23 -16.57
C ASN F 446 17.74 32.77 -15.13
N SER F 447 18.15 31.51 -14.92
CA SER F 447 18.46 31.01 -13.58
C SER F 447 19.71 31.63 -12.98
N LEU F 448 20.52 32.33 -13.77
CA LEU F 448 21.68 33.07 -13.25
C LEU F 448 21.32 34.32 -12.47
N THR F 449 20.05 34.74 -12.47
CA THR F 449 19.68 35.94 -11.74
C THR F 449 19.94 35.77 -10.24
N GLY F 450 20.83 36.59 -9.71
CA GLY F 450 21.21 36.52 -8.31
C GLY F 450 22.02 35.31 -7.92
N ILE F 451 22.64 34.65 -8.88
CA ILE F 451 23.42 33.44 -8.61
C ILE F 451 24.82 33.83 -8.14
N THR F 452 25.52 32.88 -7.51
CA THR F 452 26.84 33.10 -6.92
C THR F 452 27.84 32.07 -7.45
N LEU F 453 28.33 32.27 -8.68
CA LEU F 453 29.13 31.25 -9.35
C LEU F 453 30.40 30.93 -8.56
N PRO F 454 30.73 29.66 -8.37
CA PRO F 454 32.04 29.31 -7.84
C PRO F 454 33.15 29.68 -8.82
N LYS F 455 34.38 29.72 -8.31
CA LYS F 455 35.51 30.13 -9.12
C LYS F 455 35.96 29.01 -10.06
N GLU F 456 35.97 27.77 -9.56
CA GLU F 456 36.61 26.66 -10.24
C GLU F 456 35.77 26.10 -11.38
N ILE F 457 34.65 26.74 -11.70
CA ILE F 457 33.70 26.28 -12.70
C ILE F 457 33.38 27.45 -13.63
N GLN F 458 33.39 27.18 -14.94
CA GLN F 458 32.87 28.10 -15.93
C GLN F 458 31.38 27.84 -16.13
N VAL F 459 30.56 28.87 -15.95
CA VAL F 459 29.11 28.76 -16.03
C VAL F 459 28.63 29.56 -17.24
N ILE F 460 27.95 28.87 -18.17
CA ILE F 460 27.49 29.46 -19.41
C ILE F 460 25.96 29.49 -19.39
N GLY F 461 25.40 30.70 -19.48
CA GLY F 461 23.97 30.83 -19.69
C GLY F 461 23.62 30.65 -21.16
N VAL F 462 22.57 29.87 -21.43
CA VAL F 462 22.10 29.65 -22.78
C VAL F 462 20.60 29.92 -22.83
N THR F 463 20.15 30.46 -23.97
CA THR F 463 18.75 30.83 -24.17
C THR F 463 17.98 29.84 -25.05
N THR F 464 18.60 29.29 -26.08
CA THR F 464 17.91 28.40 -27.00
C THR F 464 18.81 27.24 -27.38
N ILE F 465 18.19 26.17 -27.89
CA ILE F 465 18.91 24.98 -28.30
C ILE F 465 19.87 25.25 -29.45
N GLN F 466 19.52 26.19 -30.34
CA GLN F 466 20.46 26.56 -31.40
C GLN F 466 21.75 27.16 -30.82
N GLU F 467 21.64 27.98 -29.77
CA GLU F 467 22.83 28.50 -29.11
C GLU F 467 23.69 27.37 -28.56
N VAL F 468 23.08 26.41 -27.87
CA VAL F 468 23.84 25.29 -27.31
C VAL F 468 24.55 24.52 -28.41
N LEU F 469 23.80 24.15 -29.45
CA LEU F 469 24.40 23.32 -30.51
C LEU F 469 25.50 24.06 -31.26
N LYS F 470 25.36 25.38 -31.44
CA LYS F 470 26.46 26.15 -32.01
C LYS F 470 27.67 26.20 -31.08
N LYS F 471 27.44 26.32 -29.77
CA LYS F 471 28.54 26.42 -28.82
C LYS F 471 29.23 25.09 -28.59
N VAL F 472 28.47 23.99 -28.52
CA VAL F 472 29.08 22.71 -28.21
C VAL F 472 29.76 22.09 -29.43
N PHE F 473 29.07 22.08 -30.56
CA PHE F 473 29.61 21.44 -31.76
C PHE F 473 30.23 22.45 -32.70
#